data_6PIA
#
_entry.id   6PIA
#
_cell.length_a   65.744
_cell.length_b   163.170
_cell.length_c   65.744
_cell.angle_alpha   90.00
_cell.angle_beta   94.44
_cell.angle_gamma   90.00
#
_symmetry.space_group_name_H-M   'P 1 21 1'
#
loop_
_entity.id
_entity.type
_entity.pdbx_description
1 polymer 'Acetylpolyamine amidohydrolase'
2 non-polymer 'ZINC ION'
3 non-polymer 'POTASSIUM ION'
4 non-polymer 'MAGNESIUM ION'
5 non-polymer 1,2-ETHANEDIOL
6 non-polymer 6-[(3-aminopropyl)amino]-N-hydroxyhexanamide
7 water water
#
_entity_poly.entity_id   1
_entity_poly.type   'polypeptide(L)'
_entity_poly.pdbx_seq_one_letter_code
;GPLGSMKTVFSPLHSRRHVKTELDGGLLIEPHEKPSRAETILARVKDQALGEILEPEEFGLGPVKRVHTADYVSFLETCW
DEWVAAGKRGEAIPTFWVGRGMRARLPKDIDGRLGYYSLGADTSISDGTWEAARASANVALTAQKLVAEGERAAFALCRP
PGHHAHADVFGGYCFFNNAAIAAQAFRDQGYGKVAVLDVDFHHGNGTQAIFYDRSDVLTISLHGDPDLVFPHFLGFEDET
GEGDGEAYNLNIVFPPDTPFSIWSQGLEKACERIRTFAPDALVVALGVDTFEEDPISFFKLTSGDYLKLGKRLEQLGLPT
VFTMEGGYDVDAIGVNAVNVMQGFEGKS
;
_entity_poly.pdbx_strand_id   A,B,C,D
#
# COMPACT_ATOMS: atom_id res chain seq x y z
N GLY A 4 23.62 37.13 -26.37
CA GLY A 4 22.64 36.77 -25.36
C GLY A 4 21.22 36.68 -25.89
N SER A 5 20.39 37.67 -25.50
CA SER A 5 18.98 37.80 -25.87
C SER A 5 18.06 36.79 -25.19
N MET A 6 18.50 36.10 -24.15
CA MET A 6 17.58 35.20 -23.44
C MET A 6 16.55 36.01 -22.66
N LYS A 7 15.28 35.68 -22.82
CA LYS A 7 14.22 36.39 -22.13
C LYS A 7 14.01 35.84 -20.72
N THR A 8 13.66 36.74 -19.81
CA THR A 8 13.37 36.41 -18.41
C THR A 8 11.91 36.75 -18.11
N VAL A 9 11.19 35.83 -17.46
CA VAL A 9 9.85 36.11 -16.98
C VAL A 9 9.94 36.36 -15.48
N PHE A 10 9.37 37.49 -15.04
CA PHE A 10 9.42 37.91 -13.65
C PHE A 10 8.08 38.51 -13.27
N SER A 11 7.59 38.13 -12.08
CA SER A 11 6.35 38.69 -11.56
C SER A 11 6.62 39.47 -10.28
N PRO A 12 6.21 40.74 -10.22
CA PRO A 12 6.26 41.49 -8.95
C PRO A 12 5.34 40.93 -7.88
N LEU A 13 4.40 40.06 -8.25
CA LEU A 13 3.54 39.44 -7.25
C LEU A 13 4.30 38.49 -6.33
N HIS A 14 5.56 38.16 -6.65
CA HIS A 14 6.32 37.30 -5.75
C HIS A 14 6.42 37.90 -4.36
N SER A 15 6.42 39.24 -4.26
CA SER A 15 6.59 39.87 -2.97
C SER A 15 5.38 39.73 -2.07
N ARG A 16 4.25 39.23 -2.60
CA ARG A 16 3.11 38.89 -1.76
C ARG A 16 3.45 37.79 -0.77
N ARG A 17 4.45 36.97 -1.08
CA ARG A 17 4.97 36.02 -0.11
C ARG A 17 6.12 36.70 0.60
N HIS A 18 5.89 37.12 1.85
CA HIS A 18 6.92 37.79 2.64
C HIS A 18 6.71 37.40 4.10
N VAL A 19 6.91 36.12 4.42
CA VAL A 19 6.66 35.66 5.78
C VAL A 19 7.78 36.14 6.70
N LYS A 20 7.47 36.19 8.00
CA LYS A 20 8.38 36.71 9.00
C LYS A 20 9.09 35.63 9.81
N THR A 21 8.66 34.37 9.72
CA THR A 21 9.21 33.35 10.59
C THR A 21 9.53 32.08 9.81
N GLU A 22 10.61 31.43 10.24
CA GLU A 22 11.01 30.11 9.74
C GLU A 22 11.54 29.32 10.92
N LEU A 23 10.95 28.14 11.17
CA LEU A 23 11.46 27.26 12.20
C LEU A 23 12.83 26.74 11.80
N ASP A 24 13.80 26.90 12.69
CA ASP A 24 15.20 26.56 12.37
C ASP A 24 15.92 26.27 13.67
N GLY A 25 16.45 25.07 13.81
CA GLY A 25 17.16 24.71 15.03
C GLY A 25 16.40 25.00 16.31
N GLY A 26 15.08 24.82 16.29
CA GLY A 26 14.28 25.02 17.49
C GLY A 26 13.92 26.46 17.78
N LEU A 27 14.23 27.39 16.88
CA LEU A 27 13.90 28.80 17.04
C LEU A 27 13.11 29.27 15.83
N LEU A 28 12.48 30.44 15.96
CA LEU A 28 11.84 31.09 14.83
C LEU A 28 12.77 32.21 14.36
N ILE A 29 13.31 32.07 13.14
CA ILE A 29 14.30 33.00 12.61
C ILE A 29 13.73 33.70 11.39
N GLU A 30 14.47 34.69 10.90
CA GLU A 30 14.09 35.35 9.66
C GLU A 30 14.26 34.37 8.49
N PRO A 31 13.29 34.26 7.59
CA PRO A 31 13.33 33.20 6.56
C PRO A 31 14.48 33.37 5.59
N HIS A 32 15.04 32.25 5.18
CA HIS A 32 16.07 32.25 4.15
C HIS A 32 15.51 32.61 2.78
N GLU A 33 14.28 32.18 2.48
CA GLU A 33 13.73 32.33 1.14
C GLU A 33 13.03 33.68 1.07
N LYS A 34 13.82 34.72 0.90
CA LYS A 34 13.32 36.07 1.12
C LYS A 34 13.19 36.83 -0.19
N PRO A 35 12.30 37.83 -0.25
CA PRO A 35 12.04 38.51 -1.54
C PRO A 35 13.25 39.14 -2.17
N SER A 36 14.23 39.57 -1.38
CA SER A 36 15.45 40.14 -1.95
C SER A 36 16.18 39.17 -2.87
N ARG A 37 15.97 37.86 -2.70
CA ARG A 37 16.53 36.91 -3.64
C ARG A 37 16.09 37.23 -5.07
N ALA A 38 14.78 37.32 -5.29
CA ALA A 38 14.29 37.56 -6.64
C ALA A 38 14.66 38.95 -7.14
N GLU A 39 14.66 39.94 -6.23
CA GLU A 39 14.95 41.31 -6.66
C GLU A 39 16.41 41.47 -7.07
N THR A 40 17.31 40.74 -6.40
CA THR A 40 18.74 40.82 -6.71
C THR A 40 19.04 40.15 -8.04
N ILE A 41 18.44 38.98 -8.29
CA ILE A 41 18.60 38.35 -9.59
C ILE A 41 18.08 39.26 -10.69
N LEU A 42 16.87 39.80 -10.51
CA LEU A 42 16.29 40.68 -11.50
C LEU A 42 17.19 41.88 -11.79
N ALA A 43 17.78 42.45 -10.74
CA ALA A 43 18.68 43.59 -10.95
C ALA A 43 19.89 43.19 -11.78
N ARG A 44 20.39 41.97 -11.58
CA ARG A 44 21.52 41.52 -12.39
C ARG A 44 21.09 41.27 -13.83
N VAL A 45 19.89 40.71 -14.03
CA VAL A 45 19.36 40.53 -15.38
C VAL A 45 19.32 41.88 -16.11
N LYS A 46 18.88 42.93 -15.43
CA LYS A 46 18.85 44.25 -16.04
C LYS A 46 20.25 44.80 -16.26
N ASP A 47 21.11 44.68 -15.24
CA ASP A 47 22.45 45.24 -15.31
C ASP A 47 23.25 44.62 -16.42
N GLN A 48 23.02 43.34 -16.70
CA GLN A 48 23.75 42.64 -17.76
C GLN A 48 23.04 42.70 -19.09
N ALA A 49 21.88 43.35 -19.18
CA ALA A 49 21.10 43.38 -20.41
C ALA A 49 21.01 41.98 -21.01
N LEU A 50 20.58 41.03 -20.18
CA LEU A 50 20.49 39.64 -20.64
C LEU A 50 19.52 39.51 -21.80
N GLY A 51 18.39 40.21 -21.73
CA GLY A 51 17.36 40.08 -22.73
C GLY A 51 16.09 40.75 -22.26
N GLU A 52 15.02 40.54 -23.02
CA GLU A 52 13.75 41.13 -22.64
C GLU A 52 13.28 40.53 -21.32
N ILE A 53 12.62 41.36 -20.51
CA ILE A 53 11.99 40.95 -19.27
C ILE A 53 10.49 41.18 -19.43
N LEU A 54 9.70 40.14 -19.14
CA LEU A 54 8.25 40.25 -19.25
C LEU A 54 7.58 39.68 -18.01
N GLU A 55 6.35 40.13 -17.81
CA GLU A 55 5.52 39.63 -16.75
C GLU A 55 4.74 38.42 -17.25
N PRO A 56 4.31 37.53 -16.36
CA PRO A 56 3.66 36.30 -16.81
C PRO A 56 2.24 36.52 -17.28
N GLU A 57 1.82 35.68 -18.22
CA GLU A 57 0.41 35.52 -18.58
C GLU A 57 -0.31 34.67 -17.54
N GLU A 58 -1.64 34.78 -17.53
CA GLU A 58 -2.48 33.99 -16.63
C GLU A 58 -2.94 32.73 -17.35
N PHE A 59 -2.47 31.58 -16.89
CA PHE A 59 -2.86 30.30 -17.47
C PHE A 59 -3.95 29.60 -16.68
N GLY A 60 -4.33 30.11 -15.50
CA GLY A 60 -5.37 29.52 -14.70
C GLY A 60 -4.87 28.25 -14.04
N LEU A 61 -5.79 27.58 -13.33
CA LEU A 61 -5.41 26.41 -12.55
C LEU A 61 -5.36 25.12 -13.38
N GLY A 62 -5.82 25.13 -14.63
CA GLY A 62 -5.77 23.96 -15.47
C GLY A 62 -4.39 23.32 -15.51
N PRO A 63 -3.40 24.06 -16.02
CA PRO A 63 -2.05 23.49 -16.10
C PRO A 63 -1.45 23.14 -14.76
N VAL A 64 -1.87 23.82 -13.68
CA VAL A 64 -1.40 23.44 -12.35
C VAL A 64 -1.95 22.07 -11.95
N LYS A 65 -3.24 21.86 -12.20
CA LYS A 65 -3.91 20.62 -11.80
C LYS A 65 -3.58 19.46 -12.72
N ARG A 66 -2.77 19.67 -13.76
CA ARG A 66 -2.21 18.54 -14.48
C ARG A 66 -1.14 17.83 -13.67
N VAL A 67 -0.64 18.48 -12.62
CA VAL A 67 0.42 17.96 -11.77
C VAL A 67 -0.03 17.81 -10.33
N HIS A 68 -0.83 18.75 -9.83
CA HIS A 68 -1.20 18.80 -8.42
C HIS A 68 -2.66 18.43 -8.25
N THR A 69 -2.98 17.81 -7.11
CA THR A 69 -4.36 17.36 -6.91
C THR A 69 -5.28 18.54 -6.59
N ALA A 70 -6.55 18.39 -6.96
CA ALA A 70 -7.53 19.45 -6.73
C ALA A 70 -7.70 19.75 -5.25
N ASP A 71 -7.61 18.72 -4.39
CA ASP A 71 -7.73 18.93 -2.95
C ASP A 71 -6.58 19.79 -2.44
N TYR A 72 -5.39 19.53 -2.93
CA TYR A 72 -4.23 20.29 -2.50
C TYR A 72 -4.31 21.74 -2.97
N VAL A 73 -4.70 21.94 -4.23
CA VAL A 73 -4.83 23.28 -4.78
C VAL A 73 -5.83 24.08 -3.98
N SER A 74 -6.96 23.45 -3.63
CA SER A 74 -7.97 24.09 -2.78
C SER A 74 -7.40 24.42 -1.41
N PHE A 75 -6.69 23.48 -0.81
CA PHE A 75 -6.12 23.72 0.51
C PHE A 75 -5.19 24.93 0.51
N LEU A 76 -4.33 25.06 -0.51
CA LEU A 76 -3.40 26.17 -0.52
C LEU A 76 -4.14 27.51 -0.63
N GLU A 77 -5.30 27.53 -1.30
CA GLU A 77 -6.03 28.79 -1.42
C GLU A 77 -6.66 29.20 -0.10
N THR A 78 -7.14 28.25 0.71
CA THR A 78 -7.90 28.59 1.91
C THR A 78 -7.10 28.47 3.19
N CYS A 79 -5.89 27.90 3.14
CA CYS A 79 -5.16 27.57 4.35
C CYS A 79 -5.06 28.74 5.31
N TRP A 80 -4.60 29.90 4.81
CA TRP A 80 -4.39 31.05 5.67
C TRP A 80 -5.69 31.52 6.32
N ASP A 81 -6.75 31.66 5.52
CA ASP A 81 -8.05 32.08 6.04
C ASP A 81 -8.53 31.13 7.13
N GLU A 82 -8.41 29.82 6.91
CA GLU A 82 -8.84 28.86 7.91
C GLU A 82 -7.99 28.95 9.19
N TRP A 83 -6.68 29.10 9.01
CA TRP A 83 -5.77 29.24 10.14
C TRP A 83 -6.17 30.42 11.02
N VAL A 84 -6.41 31.58 10.39
CA VAL A 84 -6.81 32.76 11.14
C VAL A 84 -8.19 32.56 11.75
N ALA A 85 -9.11 31.92 11.01
CA ALA A 85 -10.46 31.67 11.53
C ALA A 85 -10.42 30.78 12.77
N ALA A 86 -9.51 29.82 12.81
CA ALA A 86 -9.38 28.93 13.95
C ALA A 86 -8.71 29.60 15.14
N GLY A 87 -8.24 30.83 14.98
CA GLY A 87 -7.75 31.60 16.10
C GLY A 87 -6.26 31.51 16.37
N LYS A 88 -5.49 30.86 15.51
CA LYS A 88 -4.04 30.86 15.72
C LYS A 88 -3.47 32.25 15.51
N ARG A 89 -2.41 32.57 16.25
CA ARG A 89 -1.85 33.92 16.25
C ARG A 89 -0.54 34.07 15.50
N GLY A 90 0.16 32.98 15.21
CA GLY A 90 1.38 33.03 14.42
C GLY A 90 1.10 32.81 12.95
N GLU A 91 2.18 32.66 12.19
CA GLU A 91 2.01 32.23 10.82
C GLU A 91 1.61 30.76 10.79
N ALA A 92 1.13 30.30 9.64
CA ALA A 92 0.63 28.93 9.56
C ALA A 92 1.83 27.98 9.43
N ILE A 93 2.03 27.16 10.46
CA ILE A 93 3.12 26.18 10.53
C ILE A 93 2.50 24.87 10.99
N PRO A 94 2.82 23.74 10.36
CA PRO A 94 2.29 22.46 10.85
C PRO A 94 2.91 22.09 12.19
N THR A 95 2.07 21.52 13.06
CA THR A 95 2.50 21.05 14.37
C THR A 95 2.47 19.54 14.49
N PHE A 96 1.64 18.88 13.69
CA PHE A 96 1.46 17.43 13.75
C PHE A 96 1.41 16.90 12.33
N TRP A 97 1.76 15.62 12.15
CA TRP A 97 1.71 15.05 10.80
C TRP A 97 1.40 13.57 10.89
N VAL A 98 1.30 12.93 9.72
CA VAL A 98 1.05 11.49 9.67
C VAL A 98 2.35 10.80 10.04
N GLY A 99 2.47 10.43 11.31
CA GLY A 99 3.63 9.72 11.77
C GLY A 99 3.65 8.29 11.26
N ARG A 100 4.82 7.66 11.36
CA ARG A 100 4.91 6.27 10.92
C ARG A 100 3.96 5.43 11.75
N GLY A 101 3.17 4.59 11.09
CA GLY A 101 2.15 3.83 11.76
C GLY A 101 0.79 4.49 11.83
N MET A 102 0.67 5.74 11.38
CA MET A 102 -0.61 6.43 11.35
C MET A 102 -1.23 6.33 9.96
N ARG A 103 -2.50 6.73 9.87
CA ARG A 103 -3.24 6.67 8.62
C ARG A 103 -3.04 7.91 7.77
N ALA A 104 -2.81 7.72 6.47
CA ALA A 104 -2.81 8.80 5.49
C ALA A 104 -4.25 9.16 5.15
N ARG A 105 -4.90 9.82 6.11
CA ARG A 105 -6.32 10.14 6.05
C ARG A 105 -6.49 11.63 6.28
N LEU A 106 -7.19 12.28 5.35
CA LEU A 106 -7.36 13.73 5.40
C LEU A 106 -8.37 14.10 6.49
N PRO A 107 -7.97 14.82 7.53
CA PRO A 107 -8.93 15.17 8.58
C PRO A 107 -9.65 16.47 8.28
N LYS A 108 -10.55 16.91 9.17
CA LYS A 108 -11.27 18.15 8.93
C LYS A 108 -10.56 19.37 9.50
N ASP A 109 -9.89 19.24 10.64
CA ASP A 109 -9.34 20.42 11.30
C ASP A 109 -8.16 20.99 10.53
N ILE A 110 -7.95 22.31 10.64
CA ILE A 110 -6.90 22.95 9.84
C ILE A 110 -5.51 22.45 10.23
N ASP A 111 -5.26 22.22 11.51
CA ASP A 111 -3.97 21.69 11.92
C ASP A 111 -3.73 20.31 11.30
N GLY A 112 -4.74 19.46 11.30
CA GLY A 112 -4.62 18.16 10.65
C GLY A 112 -4.38 18.27 9.17
N ARG A 113 -5.08 19.18 8.50
CA ARG A 113 -4.86 19.32 7.07
CA ARG A 113 -4.88 19.37 7.07
C ARG A 113 -3.48 19.90 6.78
N LEU A 114 -3.02 20.86 7.59
CA LEU A 114 -1.66 21.37 7.43
C LEU A 114 -0.64 20.24 7.50
N GLY A 115 -0.78 19.35 8.48
CA GLY A 115 0.19 18.26 8.59
C GLY A 115 0.06 17.26 7.46
N TYR A 116 -1.18 16.97 7.04
CA TYR A 116 -1.40 16.02 5.96
C TYR A 116 -0.70 16.47 4.67
N TYR A 117 -0.70 17.77 4.41
CA TYR A 117 -0.21 18.31 3.15
C TYR A 117 1.24 18.79 3.22
N SER A 118 1.99 18.43 4.26
CA SER A 118 3.33 19.00 4.42
C SER A 118 4.37 17.92 4.68
N LEU A 119 5.63 18.29 4.45
CA LEU A 119 6.76 17.46 4.80
C LEU A 119 7.72 18.16 5.74
N GLY A 120 7.41 19.38 6.17
CA GLY A 120 8.29 20.05 7.11
C GLY A 120 7.63 21.30 7.63
N ALA A 121 8.29 21.90 8.61
CA ALA A 121 7.73 23.02 9.36
C ALA A 121 8.54 24.30 9.18
N ASP A 122 9.51 24.33 8.27
CA ASP A 122 10.27 25.54 8.00
C ASP A 122 9.61 26.42 6.94
N THR A 123 8.41 26.08 6.50
CA THR A 123 7.80 26.74 5.34
C THR A 123 6.47 27.37 5.77
N SER A 124 6.58 28.49 6.48
CA SER A 124 5.38 29.13 7.01
C SER A 124 4.51 29.65 5.89
N ILE A 125 3.19 29.63 6.10
CA ILE A 125 2.22 30.18 5.17
C ILE A 125 1.59 31.42 5.80
N SER A 126 1.39 32.47 5.00
CA SER A 126 0.64 33.63 5.50
C SER A 126 -0.12 34.23 4.34
N ASP A 127 -0.63 35.45 4.55
CA ASP A 127 -1.42 36.08 3.50
C ASP A 127 -0.52 36.34 2.29
N GLY A 128 -1.07 36.13 1.10
CA GLY A 128 -0.31 36.35 -0.12
C GLY A 128 0.53 35.18 -0.58
N THR A 129 0.66 34.12 0.22
CA THR A 129 1.40 32.94 -0.21
C THR A 129 0.73 32.28 -1.42
N TRP A 130 -0.58 32.09 -1.35
CA TRP A 130 -1.33 31.55 -2.48
C TRP A 130 -1.09 32.38 -3.73
N GLU A 131 -1.23 33.71 -3.63
CA GLU A 131 -1.09 34.56 -4.80
C GLU A 131 0.32 34.48 -5.39
N ALA A 132 1.35 34.47 -4.54
CA ALA A 132 2.71 34.38 -5.05
C ALA A 132 2.97 33.01 -5.69
N ALA A 133 2.41 31.94 -5.10
CA ALA A 133 2.59 30.61 -5.67
C ALA A 133 1.92 30.51 -7.03
N ARG A 134 0.68 31.01 -7.13
CA ARG A 134 0.00 31.07 -8.42
C ARG A 134 0.83 31.82 -9.46
N ALA A 135 1.39 32.97 -9.06
CA ALA A 135 2.15 33.79 -9.99
C ALA A 135 3.44 33.09 -10.42
N SER A 136 4.10 32.39 -9.50
CA SER A 136 5.33 31.69 -9.81
C SER A 136 5.08 30.55 -10.81
N ALA A 137 3.98 29.83 -10.66
CA ALA A 137 3.65 28.80 -11.66
C ALA A 137 3.38 29.42 -13.03
N ASN A 138 2.68 30.56 -13.05
CA ASN A 138 2.47 31.28 -14.31
C ASN A 138 3.77 31.82 -14.90
N VAL A 139 4.74 32.18 -14.05
CA VAL A 139 6.06 32.57 -14.55
C VAL A 139 6.70 31.40 -15.31
N ALA A 140 6.63 30.20 -14.74
CA ALA A 140 7.21 29.02 -15.40
C ALA A 140 6.46 28.68 -16.68
N LEU A 141 5.12 28.78 -16.65
CA LEU A 141 4.34 28.46 -17.83
C LEU A 141 4.53 29.51 -18.93
N THR A 142 4.74 30.77 -18.56
CA THR A 142 5.04 31.79 -19.56
C THR A 142 6.39 31.51 -20.21
N ALA A 143 7.39 31.09 -19.42
CA ALA A 143 8.68 30.72 -19.99
C ALA A 143 8.56 29.50 -20.91
N GLN A 144 7.75 28.51 -20.50
CA GLN A 144 7.56 27.34 -21.35
C GLN A 144 6.91 27.73 -22.68
N LYS A 145 5.96 28.65 -22.63
CA LYS A 145 5.31 29.11 -23.85
C LYS A 145 6.30 29.80 -24.80
N LEU A 146 7.18 30.64 -24.24
CA LEU A 146 8.18 31.33 -25.06
C LEU A 146 9.07 30.34 -25.78
N VAL A 147 9.48 29.27 -25.09
CA VAL A 147 10.35 28.27 -25.69
C VAL A 147 9.57 27.47 -26.73
N ALA A 148 8.34 27.07 -26.39
CA ALA A 148 7.53 26.31 -27.33
C ALA A 148 7.32 27.06 -28.63
N GLU A 149 7.18 28.38 -28.55
CA GLU A 149 6.89 29.21 -29.71
C GLU A 149 8.15 29.75 -30.39
N GLY A 150 9.32 29.25 -30.02
CA GLY A 150 10.49 29.53 -30.82
C GLY A 150 11.76 29.98 -30.12
N GLU A 151 11.68 30.38 -28.86
CA GLU A 151 12.89 30.75 -28.14
C GLU A 151 13.71 29.50 -27.85
N ARG A 152 15.04 29.61 -27.99
CA ARG A 152 15.89 28.47 -27.65
C ARG A 152 15.80 28.16 -26.18
N ALA A 153 15.78 29.20 -25.34
CA ALA A 153 15.69 29.04 -23.89
C ALA A 153 14.99 30.26 -23.29
N ALA A 154 14.51 30.08 -22.07
CA ALA A 154 13.96 31.21 -21.32
C ALA A 154 14.17 30.98 -19.83
N PHE A 155 14.23 32.08 -19.09
CA PHE A 155 14.51 32.07 -17.66
C PHE A 155 13.23 32.43 -16.92
N ALA A 156 12.66 31.45 -16.23
CA ALA A 156 11.51 31.65 -15.35
C ALA A 156 12.04 32.01 -13.98
N LEU A 157 12.03 33.31 -13.65
CA LEU A 157 12.57 33.78 -12.37
C LEU A 157 11.48 33.57 -11.33
N CYS A 158 11.33 32.31 -10.94
CA CYS A 158 10.28 31.86 -10.03
C CYS A 158 10.62 32.17 -8.57
N ARG A 159 9.64 32.70 -7.85
CA ARG A 159 9.66 32.76 -6.39
C ARG A 159 8.23 32.84 -5.90
N PRO A 160 7.77 31.90 -5.05
CA PRO A 160 8.54 30.81 -4.42
C PRO A 160 9.07 29.74 -5.38
N PRO A 161 10.10 29.02 -4.95
CA PRO A 161 10.61 27.89 -5.72
C PRO A 161 9.64 26.71 -5.72
N GLY A 162 9.98 25.63 -6.42
CA GLY A 162 9.00 24.57 -6.62
C GLY A 162 9.41 23.12 -6.44
N HIS A 163 10.70 22.79 -6.54
CA HIS A 163 11.06 21.41 -6.83
C HIS A 163 10.81 20.44 -5.67
N HIS A 164 10.55 20.93 -4.44
CA HIS A 164 10.22 20.01 -3.36
C HIS A 164 8.75 19.65 -3.30
N ALA A 165 7.89 20.32 -4.07
CA ALA A 165 6.47 20.11 -3.91
C ALA A 165 6.04 18.85 -4.67
N HIS A 166 5.36 17.94 -3.97
CA HIS A 166 4.74 16.77 -4.57
C HIS A 166 3.38 17.16 -5.16
N ALA A 167 2.66 16.18 -5.73
CA ALA A 167 1.32 16.45 -6.24
C ALA A 167 0.42 17.04 -5.17
N ASP A 168 0.59 16.63 -3.91
CA ASP A 168 -0.24 17.13 -2.81
C ASP A 168 0.56 17.27 -1.54
N VAL A 169 1.83 17.70 -1.63
CA VAL A 169 2.64 17.97 -0.45
C VAL A 169 3.46 19.23 -0.70
N PHE A 170 3.44 20.17 0.25
CA PHE A 170 4.28 21.36 0.18
C PHE A 170 5.41 21.26 1.20
N GLY A 171 6.50 21.96 0.93
CA GLY A 171 7.59 22.05 1.87
C GLY A 171 8.87 22.49 1.19
N GLY A 172 9.92 22.62 2.00
CA GLY A 172 11.20 23.09 1.49
C GLY A 172 11.07 24.40 0.75
N TYR A 173 10.16 25.26 1.23
CA TYR A 173 9.89 26.59 0.72
C TYR A 173 9.07 26.56 -0.57
N CYS A 174 8.54 25.39 -0.96
CA CYS A 174 7.88 25.20 -2.25
C CYS A 174 6.42 24.83 -2.06
N PHE A 175 5.59 25.29 -3.01
CA PHE A 175 4.15 25.04 -2.97
C PHE A 175 3.65 24.39 -4.26
N PHE A 176 3.92 25.01 -5.41
CA PHE A 176 3.65 24.43 -6.71
C PHE A 176 4.97 24.09 -7.39
N ASN A 177 5.03 22.91 -7.99
CA ASN A 177 6.27 22.45 -8.62
C ASN A 177 6.35 23.04 -10.03
N ASN A 178 6.95 24.22 -10.09
CA ASN A 178 7.01 24.97 -11.34
C ASN A 178 7.69 24.18 -12.45
N ALA A 179 8.80 23.52 -12.11
CA ALA A 179 9.51 22.73 -13.11
C ALA A 179 8.63 21.60 -13.64
N ALA A 180 7.92 20.90 -12.75
CA ALA A 180 7.04 19.81 -13.17
C ALA A 180 5.89 20.33 -14.00
N ILE A 181 5.35 21.49 -13.60
CA ILE A 181 4.25 22.10 -14.35
C ILE A 181 4.71 22.45 -15.76
N ALA A 182 5.91 23.03 -15.87
CA ALA A 182 6.46 23.35 -17.19
C ALA A 182 6.70 22.08 -18.02
N ALA A 183 7.24 21.03 -17.38
CA ALA A 183 7.48 19.78 -18.12
C ALA A 183 6.18 19.18 -18.62
N GLN A 184 5.15 19.12 -17.77
CA GLN A 184 3.87 18.59 -18.18
C GLN A 184 3.21 19.44 -19.26
N ALA A 185 3.43 20.75 -19.24
CA ALA A 185 2.94 21.60 -20.33
C ALA A 185 3.54 21.19 -21.66
N PHE A 186 4.86 20.95 -21.69
CA PHE A 186 5.50 20.43 -22.89
C PHE A 186 4.80 19.17 -23.38
N ARG A 187 4.58 18.22 -22.46
CA ARG A 187 3.93 16.96 -22.84
C ARG A 187 2.54 17.21 -23.40
N ASP A 188 1.72 18.02 -22.71
CA ASP A 188 0.36 18.30 -23.17
C ASP A 188 0.36 19.03 -24.50
N GLN A 189 1.46 19.67 -24.87
CA GLN A 189 1.56 20.34 -26.15
C GLN A 189 2.19 19.46 -27.24
N GLY A 190 2.34 18.16 -26.97
CA GLY A 190 2.77 17.23 -27.98
C GLY A 190 4.26 16.96 -28.04
N TYR A 191 5.04 17.48 -27.09
CA TYR A 191 6.42 17.03 -26.95
C TYR A 191 6.41 15.63 -26.36
N GLY A 192 6.93 14.65 -27.10
CA GLY A 192 6.78 13.26 -26.68
C GLY A 192 7.52 12.92 -25.39
N LYS A 193 8.74 13.44 -25.24
CA LYS A 193 9.60 13.16 -24.10
C LYS A 193 10.18 14.46 -23.55
N VAL A 194 10.19 14.59 -22.22
CA VAL A 194 10.77 15.75 -21.56
C VAL A 194 11.75 15.26 -20.51
N ALA A 195 12.88 15.95 -20.37
CA ALA A 195 13.79 15.71 -19.26
C ALA A 195 13.76 16.91 -18.32
N VAL A 196 13.77 16.63 -17.02
CA VAL A 196 13.92 17.66 -16.00
C VAL A 196 15.21 17.37 -15.26
N LEU A 197 16.16 18.29 -15.36
CA LEU A 197 17.46 18.14 -14.72
C LEU A 197 17.56 19.13 -13.57
N ASP A 198 17.85 18.62 -12.37
CA ASP A 198 17.76 19.39 -11.14
C ASP A 198 19.17 19.63 -10.60
N VAL A 199 19.68 20.86 -10.78
CA VAL A 199 21.05 21.18 -10.38
C VAL A 199 21.09 21.98 -9.06
N ASP A 200 19.93 22.31 -8.48
CA ASP A 200 19.87 22.84 -7.13
C ASP A 200 20.58 21.89 -6.15
N PHE A 201 21.15 22.45 -5.08
CA PHE A 201 21.90 21.65 -4.11
C PHE A 201 21.06 20.53 -3.49
N HIS A 202 19.75 20.76 -3.34
CA HIS A 202 18.88 19.79 -2.70
C HIS A 202 18.23 18.89 -3.73
N HIS A 203 17.81 17.70 -3.29
CA HIS A 203 17.12 16.75 -4.14
C HIS A 203 15.76 17.31 -4.56
N GLY A 204 15.44 17.19 -5.85
CA GLY A 204 14.09 17.53 -6.31
C GLY A 204 13.10 16.41 -6.04
N ASN A 205 12.74 16.21 -4.77
CA ASN A 205 11.88 15.08 -4.41
C ASN A 205 10.48 15.24 -4.97
N GLY A 206 9.98 16.47 -5.03
CA GLY A 206 8.67 16.69 -5.58
C GLY A 206 8.59 16.27 -7.04
N THR A 207 9.60 16.66 -7.82
CA THR A 207 9.64 16.30 -9.24
C THR A 207 9.78 14.80 -9.43
N GLN A 208 10.68 14.18 -8.66
CA GLN A 208 10.83 12.73 -8.72
C GLN A 208 9.50 12.04 -8.45
N ALA A 209 8.82 12.44 -7.39
CA ALA A 209 7.57 11.78 -7.02
C ALA A 209 6.52 11.95 -8.12
N ILE A 210 6.43 13.13 -8.71
CA ILE A 210 5.33 13.42 -9.62
C ILE A 210 5.40 12.53 -10.86
N PHE A 211 6.61 12.28 -11.37
CA PHE A 211 6.79 11.48 -12.59
C PHE A 211 7.35 10.09 -12.31
N TYR A 212 7.28 9.62 -11.05
CA TYR A 212 8.08 8.47 -10.64
C TYR A 212 7.70 7.20 -11.40
N ASP A 213 6.42 7.04 -11.75
CA ASP A 213 5.95 5.85 -12.44
C ASP A 213 5.83 6.06 -13.95
N ARG A 214 6.57 7.02 -14.50
CA ARG A 214 6.41 7.44 -15.88
C ARG A 214 7.75 7.41 -16.61
N SER A 215 7.72 6.95 -17.85
CA SER A 215 8.89 6.97 -18.70
C SER A 215 8.89 8.09 -19.73
N ASP A 216 7.81 8.88 -19.81
CA ASP A 216 7.78 9.98 -20.77
C ASP A 216 8.45 11.23 -20.24
N VAL A 217 8.68 11.30 -18.93
CA VAL A 217 9.38 12.41 -18.32
C VAL A 217 10.51 11.83 -17.50
N LEU A 218 11.75 12.09 -17.93
CA LEU A 218 12.94 11.61 -17.25
C LEU A 218 13.37 12.65 -16.22
N THR A 219 13.56 12.22 -14.98
CA THR A 219 13.92 13.14 -13.90
C THR A 219 15.29 12.78 -13.35
N ILE A 220 16.16 13.78 -13.23
CA ILE A 220 17.53 13.60 -12.74
C ILE A 220 17.82 14.73 -11.76
N SER A 221 18.44 14.38 -10.63
CA SER A 221 18.83 15.41 -9.67
C SER A 221 20.23 15.12 -9.16
N LEU A 222 21.05 16.16 -9.12
CA LEU A 222 22.31 16.18 -8.39
C LEU A 222 22.06 16.90 -7.09
N HIS A 223 22.58 16.38 -5.98
CA HIS A 223 22.26 17.00 -4.71
C HIS A 223 23.15 16.46 -3.60
N GLY A 224 23.19 17.19 -2.50
CA GLY A 224 23.83 16.69 -1.30
C GLY A 224 23.13 15.45 -0.76
N ASP A 225 23.92 14.57 -0.18
CA ASP A 225 23.47 13.29 0.35
C ASP A 225 22.29 13.45 1.32
N PRO A 226 21.12 12.90 1.02
CA PRO A 226 19.97 13.00 1.94
C PRO A 226 20.20 12.36 3.29
N ASP A 227 21.15 11.44 3.44
CA ASP A 227 21.51 10.99 4.78
C ASP A 227 21.89 12.16 5.65
N LEU A 228 22.42 13.23 5.04
CA LEU A 228 22.97 14.37 5.75
C LEU A 228 22.11 15.62 5.71
N VAL A 229 21.33 15.84 4.64
CA VAL A 229 20.62 17.11 4.47
C VAL A 229 19.21 16.86 3.95
N PHE A 230 18.39 17.89 4.10
CA PHE A 230 17.05 17.91 3.54
C PHE A 230 17.09 17.49 2.07
N PRO A 231 16.13 16.69 1.59
CA PRO A 231 14.89 16.27 2.27
C PRO A 231 14.97 14.96 3.08
N HIS A 232 16.15 14.34 3.17
CA HIS A 232 16.39 13.26 4.12
C HIS A 232 15.76 11.92 3.75
N PHE A 233 14.51 11.91 3.29
CA PHE A 233 13.76 10.66 3.14
C PHE A 233 13.49 10.29 1.70
N LEU A 234 14.10 11.02 0.76
CA LEU A 234 14.13 10.68 -0.65
C LEU A 234 15.40 11.27 -1.21
N GLY A 235 15.76 10.84 -2.42
CA GLY A 235 16.96 11.31 -3.08
C GLY A 235 18.09 10.31 -3.13
N PHE A 236 17.90 9.11 -2.61
CA PHE A 236 19.00 8.15 -2.60
C PHE A 236 19.18 7.52 -3.98
N GLU A 237 20.39 7.04 -4.22
CA GLU A 237 20.72 6.60 -5.57
C GLU A 237 20.02 5.31 -5.97
N ASP A 238 19.42 4.58 -5.02
CA ASP A 238 18.69 3.37 -5.38
C ASP A 238 17.28 3.66 -5.86
N GLU A 239 16.85 4.92 -5.90
CA GLU A 239 15.52 5.29 -6.35
C GLU A 239 15.59 5.55 -7.84
N THR A 240 15.22 4.55 -8.65
CA THR A 240 15.31 4.64 -10.10
C THR A 240 13.96 4.68 -10.79
N GLY A 241 12.86 4.74 -10.05
CA GLY A 241 11.53 4.76 -10.62
C GLY A 241 10.76 3.48 -10.35
N GLU A 242 9.51 3.47 -10.79
CA GLU A 242 8.66 2.31 -10.56
C GLU A 242 7.75 2.12 -11.76
N GLY A 243 7.32 0.88 -11.98
CA GLY A 243 6.42 0.62 -13.10
C GLY A 243 7.03 1.08 -14.42
N ASP A 244 6.20 1.73 -15.25
CA ASP A 244 6.69 2.28 -16.51
C ASP A 244 7.93 3.14 -16.31
N GLY A 245 8.03 3.81 -15.17
CA GLY A 245 9.13 4.71 -14.88
C GLY A 245 10.39 4.11 -14.31
N GLU A 246 10.48 2.78 -14.17
CA GLU A 246 11.73 2.18 -13.71
C GLU A 246 12.82 2.45 -14.74
N ALA A 247 13.93 3.03 -14.28
CA ALA A 247 15.10 3.52 -15.05
C ALA A 247 14.86 4.89 -15.66
N TYR A 248 13.81 5.60 -15.26
CA TYR A 248 13.55 6.95 -15.76
C TYR A 248 13.61 7.98 -14.63
N ASN A 249 14.25 7.63 -13.52
CA ASN A 249 14.67 8.58 -12.51
C ASN A 249 16.10 8.30 -12.14
N LEU A 250 16.89 9.36 -11.93
CA LEU A 250 18.30 9.20 -11.58
C LEU A 250 18.69 10.21 -10.53
N ASN A 251 19.17 9.73 -9.38
CA ASN A 251 19.69 10.57 -8.31
C ASN A 251 21.20 10.42 -8.29
N ILE A 252 21.90 11.55 -8.21
CA ILE A 252 23.36 11.56 -8.12
C ILE A 252 23.71 12.35 -6.88
N VAL A 253 24.31 11.67 -5.90
CA VAL A 253 24.51 12.19 -4.54
C VAL A 253 25.97 12.58 -4.34
N PHE A 254 26.21 13.66 -3.60
CA PHE A 254 27.56 14.08 -3.25
C PHE A 254 27.69 14.42 -1.78
N PRO A 255 28.90 14.30 -1.23
CA PRO A 255 29.12 14.56 0.21
C PRO A 255 29.50 16.01 0.46
N PRO A 256 29.73 16.40 1.72
CA PRO A 256 30.19 17.77 2.00
C PRO A 256 31.50 18.09 1.31
N ASP A 257 31.65 19.37 0.97
CA ASP A 257 32.84 20.01 0.40
C ASP A 257 33.07 19.67 -1.06
N THR A 258 32.08 19.07 -1.74
CA THR A 258 32.23 18.69 -3.13
C THR A 258 32.45 19.92 -3.99
N PRO A 259 33.53 19.98 -4.76
CA PRO A 259 33.77 21.11 -5.67
C PRO A 259 33.28 20.79 -7.08
N PHE A 260 33.31 21.81 -7.93
CA PHE A 260 32.87 21.65 -9.32
C PHE A 260 33.66 20.57 -10.06
N SER A 261 34.94 20.39 -9.74
CA SER A 261 35.72 19.35 -10.43
C SER A 261 35.11 17.97 -10.26
N ILE A 262 34.42 17.74 -9.16
CA ILE A 262 33.75 16.47 -8.87
C ILE A 262 32.27 16.53 -9.24
N TRP A 263 31.61 17.62 -8.84
CA TRP A 263 30.19 17.80 -9.16
C TRP A 263 29.95 17.74 -10.67
N SER A 264 30.88 18.29 -11.46
CA SER A 264 30.72 18.29 -12.92
C SER A 264 30.87 16.90 -13.53
N GLN A 265 31.53 15.97 -12.84
CA GLN A 265 31.51 14.57 -13.27
C GLN A 265 30.12 13.98 -13.17
N GLY A 266 29.38 14.30 -12.10
CA GLY A 266 27.99 13.91 -12.06
C GLY A 266 27.16 14.61 -13.12
N LEU A 267 27.45 15.90 -13.35
CA LEU A 267 26.78 16.61 -14.42
C LEU A 267 26.96 15.90 -15.75
N GLU A 268 28.17 15.39 -16.00
CA GLU A 268 28.41 14.70 -17.26
C GLU A 268 27.63 13.40 -17.34
N LYS A 269 27.54 12.66 -16.22
CA LYS A 269 26.72 11.45 -16.22
C LYS A 269 25.26 11.79 -16.50
N ALA A 270 24.74 12.83 -15.86
CA ALA A 270 23.37 13.26 -16.13
C ALA A 270 23.20 13.67 -17.59
N CYS A 271 24.20 14.35 -18.16
CA CYS A 271 24.09 14.78 -19.54
C CYS A 271 24.05 13.56 -20.48
N GLU A 272 24.87 12.56 -20.21
CA GLU A 272 24.83 11.36 -21.05
C GLU A 272 23.49 10.65 -20.94
N ARG A 273 22.91 10.62 -19.74
N ARG A 273 22.90 10.64 -19.73
CA ARG A 273 21.60 9.99 -19.59
CA ARG A 273 21.60 10.01 -19.55
C ARG A 273 20.54 10.73 -20.40
C ARG A 273 20.53 10.73 -20.35
N ILE A 274 20.59 12.06 -20.40
CA ILE A 274 19.65 12.83 -21.20
C ILE A 274 19.86 12.55 -22.67
N ARG A 275 21.12 12.53 -23.10
CA ARG A 275 21.43 12.30 -24.51
C ARG A 275 20.87 10.97 -25.01
N THR A 276 20.99 9.90 -24.23
CA THR A 276 20.43 8.63 -24.70
C THR A 276 18.91 8.60 -24.60
N PHE A 277 18.34 9.32 -23.64
CA PHE A 277 16.89 9.47 -23.58
C PHE A 277 16.35 10.22 -24.78
N ALA A 278 17.13 11.18 -25.32
CA ALA A 278 16.80 12.03 -26.46
C ALA A 278 15.45 12.72 -26.28
N PRO A 279 15.32 13.61 -25.30
CA PRO A 279 14.07 14.31 -25.10
C PRO A 279 13.81 15.36 -26.18
N ASP A 280 12.56 15.79 -26.25
CA ASP A 280 12.15 16.90 -27.11
C ASP A 280 12.18 18.25 -26.40
N ALA A 281 12.32 18.26 -25.08
CA ALA A 281 12.43 19.52 -24.35
C ALA A 281 13.13 19.25 -23.03
N LEU A 282 13.76 20.30 -22.49
CA LEU A 282 14.52 20.19 -21.25
C LEU A 282 14.08 21.27 -20.29
N VAL A 283 13.78 20.89 -19.05
CA VAL A 283 13.56 21.85 -17.97
C VAL A 283 14.71 21.70 -16.99
N VAL A 284 15.36 22.81 -16.67
CA VAL A 284 16.43 22.81 -15.68
C VAL A 284 15.90 23.47 -14.42
N ALA A 285 15.86 22.70 -13.32
CA ALA A 285 15.50 23.28 -12.02
C ALA A 285 16.79 23.80 -11.43
N LEU A 286 16.99 25.11 -11.55
CA LEU A 286 18.28 25.74 -11.28
C LEU A 286 18.27 26.35 -9.88
N GLY A 287 19.06 25.78 -8.98
CA GLY A 287 19.39 26.43 -7.72
C GLY A 287 20.87 26.75 -7.70
N VAL A 288 21.21 27.92 -7.14
CA VAL A 288 22.60 28.28 -6.96
C VAL A 288 23.01 28.14 -5.50
N ASP A 289 22.28 27.33 -4.72
CA ASP A 289 22.75 27.00 -3.38
C ASP A 289 23.87 25.97 -3.39
N THR A 290 24.34 25.56 -4.57
CA THR A 290 25.59 24.82 -4.67
C THR A 290 26.82 25.71 -4.45
N PHE A 291 26.62 27.01 -4.25
CA PHE A 291 27.68 28.01 -4.15
C PHE A 291 28.52 27.83 -2.90
N GLU A 292 29.81 28.14 -3.02
CA GLU A 292 30.75 27.95 -1.91
C GLU A 292 30.44 28.81 -0.70
N GLU A 293 29.59 29.83 -0.83
CA GLU A 293 29.20 30.65 0.32
C GLU A 293 27.76 30.43 0.76
N ASP A 294 27.05 29.46 0.19
CA ASP A 294 25.64 29.33 0.53
C ASP A 294 25.47 29.00 2.01
N PRO A 295 24.60 29.73 2.73
CA PRO A 295 24.51 29.54 4.20
C PRO A 295 23.89 28.22 4.66
N ILE A 296 23.22 27.45 3.80
CA ILE A 296 22.56 26.23 4.29
C ILE A 296 22.99 24.99 3.53
N SER A 297 24.06 25.08 2.74
CA SER A 297 24.44 23.98 1.86
C SER A 297 25.94 23.71 1.99
N PHE A 298 26.42 22.61 1.39
CA PHE A 298 27.83 22.30 1.63
C PHE A 298 28.62 21.95 0.36
N PHE A 299 28.23 22.48 -0.80
CA PHE A 299 29.09 22.35 -1.97
C PHE A 299 29.99 23.58 -2.09
N LYS A 300 30.92 23.53 -3.04
CA LYS A 300 31.96 24.54 -3.16
C LYS A 300 32.10 25.06 -4.60
N LEU A 301 30.98 25.28 -5.28
CA LEU A 301 31.06 25.92 -6.60
C LEU A 301 31.41 27.40 -6.46
N THR A 302 32.24 27.89 -7.36
CA THR A 302 32.52 29.32 -7.48
C THR A 302 31.55 29.99 -8.44
N SER A 303 31.51 31.32 -8.39
CA SER A 303 30.68 32.07 -9.33
C SER A 303 31.06 31.75 -10.78
N GLY A 304 32.35 31.60 -11.05
CA GLY A 304 32.78 31.27 -12.40
C GLY A 304 32.29 29.91 -12.86
N ASP A 305 32.14 28.96 -11.93
CA ASP A 305 31.64 27.64 -12.31
C ASP A 305 30.25 27.70 -12.94
N TYR A 306 29.44 28.70 -12.57
CA TYR A 306 28.10 28.79 -13.13
C TYR A 306 28.12 29.13 -14.62
N LEU A 307 29.13 29.89 -15.08
CA LEU A 307 29.32 30.07 -16.52
C LEU A 307 29.57 28.73 -17.18
N LYS A 308 30.42 27.90 -16.56
CA LYS A 308 30.73 26.60 -17.12
C LYS A 308 29.52 25.70 -17.15
N LEU A 309 28.72 25.73 -16.07
CA LEU A 309 27.48 24.96 -16.05
C LEU A 309 26.57 25.38 -17.21
N GLY A 310 26.36 26.69 -17.38
CA GLY A 310 25.47 27.15 -18.43
C GLY A 310 25.96 26.76 -19.80
N LYS A 311 27.27 26.80 -20.01
CA LYS A 311 27.85 26.38 -21.29
C LYS A 311 27.56 24.90 -21.54
N ARG A 312 27.76 24.07 -20.52
CA ARG A 312 27.55 22.62 -20.69
C ARG A 312 26.09 22.32 -20.98
N LEU A 313 25.17 23.03 -20.33
CA LEU A 313 23.76 22.81 -20.60
C LEU A 313 23.40 23.17 -22.03
N GLU A 314 23.96 24.28 -22.55
CA GLU A 314 23.63 24.63 -23.94
C GLU A 314 24.09 23.54 -24.90
N GLN A 315 25.22 22.89 -24.61
CA GLN A 315 25.73 21.85 -25.50
C GLN A 315 24.77 20.66 -25.63
N LEU A 316 23.82 20.50 -24.71
CA LEU A 316 22.79 19.48 -24.90
C LEU A 316 21.94 19.74 -26.14
N GLY A 317 21.93 20.97 -26.65
CA GLY A 317 21.21 21.29 -27.87
C GLY A 317 19.71 21.14 -27.77
N LEU A 318 19.12 21.45 -26.61
CA LEU A 318 17.70 21.23 -26.39
C LEU A 318 16.95 22.54 -26.16
N PRO A 319 15.67 22.61 -26.52
CA PRO A 319 14.83 23.72 -26.05
C PRO A 319 14.80 23.66 -24.52
N THR A 320 15.16 24.76 -23.87
CA THR A 320 15.48 24.73 -22.44
C THR A 320 14.75 25.81 -21.66
N VAL A 321 13.98 25.38 -20.65
CA VAL A 321 13.31 26.26 -19.71
C VAL A 321 14.06 26.14 -18.38
N PHE A 322 14.57 27.26 -17.87
CA PHE A 322 15.13 27.31 -16.52
C PHE A 322 14.08 27.77 -15.53
N THR A 323 13.88 27.02 -14.44
CA THR A 323 13.07 27.52 -13.33
C THR A 323 13.96 27.78 -12.13
N MET A 324 13.81 28.96 -11.53
CA MET A 324 14.61 29.30 -10.36
C MET A 324 14.14 28.51 -9.14
N GLU A 325 15.09 27.87 -8.47
CA GLU A 325 14.83 27.19 -7.20
C GLU A 325 15.55 27.91 -6.07
N GLY A 326 16.55 27.28 -5.45
CA GLY A 326 17.17 27.82 -4.26
C GLY A 326 18.42 28.66 -4.52
N GLY A 327 19.15 28.96 -3.44
CA GLY A 327 20.31 29.83 -3.42
C GLY A 327 20.13 30.99 -2.45
N TYR A 328 20.95 31.09 -1.40
CA TYR A 328 20.62 31.92 -0.25
C TYR A 328 21.74 32.87 0.19
N ASP A 329 22.86 32.94 -0.53
CA ASP A 329 23.81 34.03 -0.34
C ASP A 329 23.36 35.15 -1.27
N VAL A 330 22.63 36.13 -0.72
CA VAL A 330 21.98 37.12 -1.58
C VAL A 330 23.00 38.03 -2.24
N ASP A 331 24.17 38.26 -1.62
CA ASP A 331 25.21 39.07 -2.25
C ASP A 331 25.57 38.56 -3.65
N ALA A 332 25.65 37.25 -3.82
CA ALA A 332 26.10 36.66 -5.08
C ALA A 332 24.98 35.99 -5.88
N ILE A 333 23.76 35.92 -5.34
CA ILE A 333 22.72 35.11 -6.00
C ILE A 333 22.47 35.60 -7.43
N GLY A 334 22.50 36.93 -7.64
CA GLY A 334 22.25 37.46 -8.96
C GLY A 334 23.40 37.21 -9.93
N VAL A 335 24.64 37.43 -9.47
CA VAL A 335 25.81 37.06 -10.27
C VAL A 335 25.76 35.58 -10.60
N ASN A 336 25.42 34.74 -9.62
CA ASN A 336 25.45 33.30 -9.87
C ASN A 336 24.38 32.86 -10.85
N ALA A 337 23.13 33.26 -10.62
CA ALA A 337 22.04 32.81 -11.49
C ALA A 337 22.24 33.33 -12.91
N VAL A 338 22.52 34.63 -13.06
CA VAL A 338 22.68 35.17 -14.39
C VAL A 338 23.91 34.59 -15.09
N ASN A 339 24.94 34.20 -14.33
CA ASN A 339 26.09 33.54 -14.95
C ASN A 339 25.67 32.27 -15.70
N VAL A 340 24.75 31.50 -15.13
CA VAL A 340 24.26 30.31 -15.82
C VAL A 340 23.67 30.70 -17.19
N MET A 341 22.83 31.74 -17.19
CA MET A 341 22.22 32.18 -18.44
C MET A 341 23.26 32.70 -19.41
N GLN A 342 24.25 33.43 -18.91
CA GLN A 342 25.25 34.00 -19.81
C GLN A 342 26.16 32.92 -20.37
N GLY A 343 26.54 31.95 -19.54
CA GLY A 343 27.30 30.82 -20.03
C GLY A 343 26.54 30.00 -21.06
N PHE A 344 25.23 29.86 -20.86
CA PHE A 344 24.38 29.22 -21.87
C PHE A 344 24.44 29.98 -23.19
N GLU A 345 24.45 31.31 -23.12
CA GLU A 345 24.42 32.15 -24.31
C GLU A 345 25.80 32.37 -24.92
N GLY A 346 26.88 31.92 -24.29
CA GLY A 346 28.19 32.01 -24.92
C GLY A 346 29.32 32.65 -24.14
N LYS A 347 29.03 33.21 -22.97
CA LYS A 347 30.06 33.90 -22.20
C LYS A 347 30.96 32.92 -21.45
N SER A 348 32.27 33.18 -21.46
CA SER A 348 33.21 32.35 -20.74
C SER A 348 33.91 33.16 -19.66
N GLY B 4 -11.36 4.01 52.10
CA GLY B 4 -10.28 3.24 51.53
C GLY B 4 -9.00 4.04 51.28
N SER B 5 -7.89 3.34 51.07
CA SER B 5 -6.60 3.95 50.86
C SER B 5 -6.00 3.45 49.56
N MET B 6 -5.28 4.32 48.85
CA MET B 6 -4.55 3.93 47.65
C MET B 6 -3.16 4.54 47.67
N LYS B 7 -2.16 3.73 47.32
CA LYS B 7 -0.79 4.22 47.27
C LYS B 7 -0.50 4.92 45.94
N THR B 8 0.37 5.92 46.03
CA THR B 8 0.78 6.72 44.88
C THR B 8 2.29 6.61 44.71
N VAL B 9 2.73 6.31 43.48
CA VAL B 9 4.15 6.33 43.16
C VAL B 9 4.48 7.65 42.48
N PHE B 10 5.51 8.32 42.99
CA PHE B 10 5.86 9.64 42.51
C PHE B 10 7.37 9.73 42.43
N SER B 11 7.88 10.22 41.30
CA SER B 11 9.32 10.41 41.17
C SER B 11 9.62 11.89 41.21
N PRO B 12 10.43 12.38 42.14
CA PRO B 12 10.91 13.76 42.04
C PRO B 12 11.73 14.00 40.77
N LEU B 13 12.07 12.94 40.01
CA LEU B 13 12.84 13.11 38.77
C LEU B 13 12.01 13.62 37.60
N HIS B 14 10.69 13.71 37.76
CA HIS B 14 9.89 14.31 36.70
C HIS B 14 10.35 15.73 36.38
N SER B 15 10.87 16.47 37.38
CA SER B 15 11.28 17.85 37.15
C SER B 15 12.50 17.98 36.25
N ARG B 16 13.19 16.87 35.98
CA ARG B 16 14.31 16.91 35.05
C ARG B 16 13.84 17.29 33.66
N ARG B 17 12.59 16.99 33.32
CA ARG B 17 12.01 17.49 32.08
C ARG B 17 11.41 18.86 32.38
N HIS B 18 12.02 19.91 31.83
CA HIS B 18 11.62 21.27 32.12
C HIS B 18 11.93 22.13 30.89
N VAL B 19 11.23 21.86 29.78
CA VAL B 19 11.48 22.59 28.54
C VAL B 19 10.83 23.98 28.64
N LYS B 20 11.34 24.91 27.83
CA LYS B 20 10.82 26.27 27.85
C LYS B 20 10.01 26.63 26.62
N THR B 21 9.97 25.80 25.58
CA THR B 21 9.28 26.17 24.35
C THR B 21 8.36 25.05 23.90
N GLU B 22 7.20 25.44 23.36
CA GLU B 22 6.30 24.51 22.69
C GLU B 22 5.79 25.21 21.43
N LEU B 23 5.97 24.58 20.28
CA LEU B 23 5.37 25.11 19.05
C LEU B 23 3.85 25.01 19.13
N ASP B 24 3.16 26.14 18.94
CA ASP B 24 1.72 26.21 19.11
C ASP B 24 1.18 27.35 18.27
N GLY B 25 0.34 27.03 17.29
CA GLY B 25 -0.24 28.08 16.48
C GLY B 25 0.79 28.96 15.82
N GLY B 26 1.91 28.38 15.39
CA GLY B 26 2.94 29.16 14.73
C GLY B 26 3.85 29.95 15.64
N LEU B 27 3.70 29.81 16.95
CA LEU B 27 4.56 30.52 17.89
C LEU B 27 5.22 29.50 18.82
N LEU B 28 6.27 29.95 19.49
CA LEU B 28 6.93 29.17 20.54
C LEU B 28 6.47 29.73 21.87
N ILE B 29 5.63 28.97 22.57
CA ILE B 29 5.00 29.40 23.81
C ILE B 29 5.52 28.56 24.97
N GLU B 30 5.13 28.95 26.19
CA GLU B 30 5.43 28.14 27.37
CA GLU B 30 5.42 28.14 27.37
C GLU B 30 4.68 26.82 27.27
N PRO B 31 5.35 25.68 27.55
CA PRO B 31 4.71 24.38 27.36
C PRO B 31 3.51 24.15 28.28
N HIS B 32 2.50 23.45 27.74
CA HIS B 32 1.34 23.06 28.55
C HIS B 32 1.70 21.99 29.58
N GLU B 33 2.56 21.05 29.21
CA GLU B 33 2.87 19.90 30.06
C GLU B 33 4.01 20.29 30.99
N LYS B 34 3.66 21.02 32.05
CA LYS B 34 4.64 21.68 32.88
C LYS B 34 4.79 20.99 34.23
N PRO B 35 5.95 21.15 34.89
CA PRO B 35 6.20 20.46 36.17
C PRO B 35 5.14 20.71 37.23
N SER B 36 4.55 21.91 37.27
CA SER B 36 3.52 22.19 38.26
C SER B 36 2.35 21.23 38.18
N ARG B 37 2.15 20.57 37.03
CA ARG B 37 1.11 19.55 36.94
C ARG B 37 1.33 18.44 37.95
N ALA B 38 2.53 17.86 37.94
CA ALA B 38 2.83 16.76 38.85
C ALA B 38 2.89 17.26 40.29
N GLU B 39 3.44 18.45 40.53
CA GLU B 39 3.53 18.93 41.91
C GLU B 39 2.15 19.22 42.48
N THR B 40 1.21 19.70 41.66
CA THR B 40 -0.12 20.00 42.17
C THR B 40 -0.89 18.72 42.50
N ILE B 41 -0.79 17.69 41.65
CA ILE B 41 -1.43 16.43 41.97
C ILE B 41 -0.86 15.83 43.26
N LEU B 42 0.47 15.87 43.40
CA LEU B 42 1.10 15.32 44.61
C LEU B 42 0.63 16.06 45.85
N ALA B 43 0.49 17.37 45.76
CA ALA B 43 0.05 18.15 46.92
C ALA B 43 -1.39 17.82 47.29
N ARG B 44 -2.23 17.50 46.30
CA ARG B 44 -3.60 17.08 46.60
C ARG B 44 -3.62 15.66 47.17
N VAL B 45 -2.76 14.77 46.67
CA VAL B 45 -2.65 13.43 47.24
C VAL B 45 -2.28 13.51 48.72
N LYS B 46 -1.36 14.42 49.06
CA LYS B 46 -0.99 14.61 50.46
C LYS B 46 -2.14 15.20 51.26
N ASP B 47 -2.67 16.33 50.78
CA ASP B 47 -3.69 17.06 51.53
C ASP B 47 -4.95 16.21 51.74
N GLN B 48 -5.27 15.31 50.82
CA GLN B 48 -6.41 14.43 50.98
C GLN B 48 -6.06 13.14 51.72
N ALA B 49 -4.78 12.93 52.04
CA ALA B 49 -4.33 11.73 52.72
C ALA B 49 -4.83 10.48 52.01
N LEU B 50 -4.62 10.46 50.68
CA LEU B 50 -5.10 9.35 49.86
C LEU B 50 -4.49 8.02 50.30
N GLY B 51 -3.22 8.04 50.67
CA GLY B 51 -2.51 6.83 51.02
C GLY B 51 -1.02 7.11 51.02
N GLU B 52 -0.25 6.03 51.17
CA GLU B 52 1.20 6.13 51.19
C GLU B 52 1.71 6.67 49.85
N ILE B 53 2.71 7.54 49.92
CA ILE B 53 3.42 8.02 48.74
C ILE B 53 4.82 7.44 48.75
N LEU B 54 5.25 6.89 47.61
CA LEU B 54 6.59 6.34 47.53
C LEU B 54 7.23 6.66 46.19
N GLU B 55 8.55 6.61 46.18
CA GLU B 55 9.35 6.83 44.98
C GLU B 55 9.44 5.53 44.19
N PRO B 56 9.71 5.61 42.89
CA PRO B 56 9.82 4.39 42.08
C PRO B 56 11.11 3.64 42.36
N GLU B 57 11.06 2.33 42.13
CA GLU B 57 12.24 1.50 41.99
C GLU B 57 12.79 1.66 40.58
N GLU B 58 14.11 1.53 40.44
CA GLU B 58 14.76 1.57 39.15
C GLU B 58 14.79 0.16 38.56
N PHE B 59 14.07 -0.04 37.45
CA PHE B 59 14.04 -1.35 36.80
C PHE B 59 14.96 -1.44 35.60
N GLY B 60 15.61 -0.35 35.21
CA GLY B 60 16.42 -0.38 34.01
C GLY B 60 15.56 -0.41 32.76
N LEU B 61 16.23 -0.46 31.60
CA LEU B 61 15.53 -0.33 30.33
C LEU B 61 14.92 -1.64 29.84
N GLY B 62 15.25 -2.77 30.47
CA GLY B 62 14.68 -4.05 30.12
C GLY B 62 13.18 -4.02 29.89
N PRO B 63 12.41 -3.59 30.89
CA PRO B 63 10.94 -3.56 30.71
C PRO B 63 10.48 -2.53 29.70
N VAL B 64 11.19 -1.41 29.57
CA VAL B 64 10.86 -0.43 28.53
C VAL B 64 11.05 -1.06 27.15
N LYS B 65 12.10 -1.86 26.98
CA LYS B 65 12.41 -2.46 25.69
C LYS B 65 11.51 -3.64 25.36
N ARG B 66 10.68 -4.09 26.30
CA ARG B 66 9.61 -5.01 25.95
C ARG B 66 8.54 -4.34 25.10
N VAL B 67 8.53 -3.01 25.04
CA VAL B 67 7.53 -2.24 24.32
C VAL B 67 8.15 -1.37 23.22
N HIS B 68 9.28 -0.73 23.51
CA HIS B 68 9.90 0.21 22.59
C HIS B 68 11.14 -0.40 21.95
N THR B 69 11.44 0.03 20.71
CA THR B 69 12.57 -0.55 19.98
C THR B 69 13.91 -0.09 20.54
N ALA B 70 14.94 -0.92 20.35
CA ALA B 70 16.27 -0.57 20.83
C ALA B 70 16.78 0.70 20.17
N ASP B 71 16.49 0.88 18.88
CA ASP B 71 16.99 2.06 18.18
C ASP B 71 16.35 3.32 18.73
N TYR B 72 15.05 3.24 19.04
CA TYR B 72 14.33 4.41 19.53
C TYR B 72 14.79 4.78 20.93
N VAL B 73 15.01 3.77 21.78
CA VAL B 73 15.50 4.02 23.14
C VAL B 73 16.90 4.61 23.10
N SER B 74 17.74 4.13 22.17
CA SER B 74 19.06 4.74 22.00
C SER B 74 18.95 6.18 21.54
N PHE B 75 18.06 6.47 20.58
CA PHE B 75 17.90 7.83 20.08
C PHE B 75 17.49 8.78 21.19
N LEU B 76 16.54 8.39 22.06
CA LEU B 76 16.11 9.30 23.11
CA LEU B 76 16.11 9.30 23.11
C LEU B 76 17.26 9.61 24.08
N GLU B 77 18.15 8.64 24.32
CA GLU B 77 19.27 8.91 25.22
C GLU B 77 20.24 9.93 24.62
N THR B 78 20.50 9.87 23.32
CA THR B 78 21.54 10.70 22.71
C THR B 78 21.02 11.96 22.02
N CYS B 79 19.69 12.12 21.87
CA CYS B 79 19.15 13.15 20.98
C CYS B 79 19.63 14.54 21.37
N TRP B 80 19.48 14.90 22.64
CA TRP B 80 19.88 16.25 23.05
C TRP B 80 21.36 16.50 22.79
N ASP B 81 22.21 15.53 23.14
CA ASP B 81 23.66 15.70 22.95
C ASP B 81 24.01 15.88 21.47
N GLU B 82 23.38 15.07 20.60
CA GLU B 82 23.63 15.21 19.17
C GLU B 82 23.14 16.54 18.63
N TRP B 83 21.98 16.99 19.12
CA TRP B 83 21.43 18.27 18.70
C TRP B 83 22.38 19.40 19.04
N VAL B 84 22.86 19.42 20.29
CA VAL B 84 23.81 20.44 20.73
C VAL B 84 25.11 20.35 19.94
N ALA B 85 25.61 19.14 19.72
CA ALA B 85 26.86 18.98 18.97
C ALA B 85 26.73 19.43 17.52
N ALA B 86 25.50 19.38 16.97
CA ALA B 86 25.27 19.86 15.61
C ALA B 86 25.16 21.38 15.53
N GLY B 87 25.20 22.08 16.66
CA GLY B 87 25.23 23.53 16.67
C GLY B 87 23.88 24.23 16.79
N LYS B 88 22.80 23.47 16.92
CA LYS B 88 21.49 24.10 17.04
C LYS B 88 21.37 24.83 18.36
N ARG B 89 20.69 25.98 18.35
CA ARG B 89 20.65 26.87 19.52
C ARG B 89 19.37 26.79 20.33
N GLY B 90 18.26 26.30 19.76
CA GLY B 90 17.02 26.13 20.51
C GLY B 90 16.91 24.75 21.13
N GLU B 91 15.75 24.48 21.70
CA GLU B 91 15.49 23.10 22.14
C GLU B 91 15.31 22.20 20.92
N ALA B 92 15.33 20.88 21.14
CA ALA B 92 15.33 19.95 20.01
C ALA B 92 13.90 19.78 19.52
N ILE B 93 13.61 20.34 18.33
CA ILE B 93 12.29 20.31 17.73
C ILE B 93 12.43 19.80 16.30
N PRO B 94 11.62 18.83 15.86
CA PRO B 94 11.69 18.39 14.46
C PRO B 94 11.29 19.50 13.51
N THR B 95 12.00 19.58 12.38
CA THR B 95 11.68 20.50 11.29
C THR B 95 11.20 19.80 10.03
N PHE B 96 11.61 18.54 9.83
CA PHE B 96 11.29 17.77 8.64
C PHE B 96 10.89 16.38 9.07
N TRP B 97 10.05 15.72 8.26
CA TRP B 97 9.59 14.39 8.62
C TRP B 97 9.30 13.61 7.35
N VAL B 98 8.87 12.36 7.55
CA VAL B 98 8.57 11.48 6.44
C VAL B 98 7.19 11.86 5.92
N GLY B 99 7.17 12.74 4.91
CA GLY B 99 5.91 13.13 4.30
C GLY B 99 5.35 12.01 3.46
N ARG B 100 4.06 12.11 3.16
CA ARG B 100 3.42 11.11 2.31
C ARG B 100 4.16 11.02 0.99
N GLY B 101 4.45 9.79 0.56
CA GLY B 101 5.23 9.60 -0.65
C GLY B 101 6.73 9.51 -0.43
N MET B 102 7.21 9.75 0.79
CA MET B 102 8.63 9.63 1.09
C MET B 102 8.89 8.26 1.72
N ARG B 103 10.18 7.97 1.94
CA ARG B 103 10.57 6.65 2.43
C ARG B 103 10.71 6.63 3.95
N ALA B 104 10.14 5.60 4.59
CA ALA B 104 10.34 5.40 6.02
C ALA B 104 11.73 4.81 6.24
N ARG B 105 12.75 5.65 6.04
CA ARG B 105 14.15 5.25 6.06
C ARG B 105 14.90 6.13 7.05
N LEU B 106 15.54 5.49 8.03
CA LEU B 106 16.32 6.22 9.05
C LEU B 106 17.57 6.86 8.46
N PRO B 107 17.70 8.21 8.48
CA PRO B 107 18.91 8.85 7.98
C PRO B 107 19.95 9.04 9.07
N LYS B 108 21.11 9.61 8.73
CA LYS B 108 22.18 9.82 9.69
C LYS B 108 22.04 11.13 10.47
N ASP B 109 21.65 12.22 9.80
CA ASP B 109 21.66 13.53 10.43
C ASP B 109 20.62 13.61 11.55
N ILE B 110 20.94 14.35 12.61
CA ILE B 110 20.04 14.44 13.76
C ILE B 110 18.69 15.06 13.37
N ASP B 111 18.65 16.01 12.43
CA ASP B 111 17.34 16.51 12.02
C ASP B 111 16.51 15.40 11.38
N GLY B 112 17.15 14.56 10.56
CA GLY B 112 16.42 13.45 9.96
C GLY B 112 15.97 12.43 11.01
N ARG B 113 16.85 12.15 11.98
CA ARG B 113 16.48 11.20 13.03
C ARG B 113 15.31 11.74 13.84
N LEU B 114 15.38 13.02 14.23
CA LEU B 114 14.30 13.64 14.98
C LEU B 114 12.96 13.48 14.28
N GLY B 115 12.93 13.77 12.98
CA GLY B 115 11.70 13.65 12.23
C GLY B 115 11.25 12.21 12.09
N TYR B 116 12.21 11.31 11.80
CA TYR B 116 11.86 9.90 11.66
C TYR B 116 11.17 9.37 12.92
N TYR B 117 11.59 9.84 14.09
CA TYR B 117 11.11 9.28 15.35
C TYR B 117 9.95 10.07 15.96
N SER B 118 9.36 11.02 15.26
CA SER B 118 8.32 11.84 15.87
C SER B 118 7.05 11.85 15.04
N LEU B 119 5.96 12.26 15.70
CA LEU B 119 4.70 12.52 15.01
C LEU B 119 4.26 13.96 15.19
N GLY B 120 5.03 14.78 15.89
CA GLY B 120 4.62 16.15 16.12
C GLY B 120 5.80 17.00 16.54
N ALA B 121 5.60 18.31 16.46
CA ALA B 121 6.63 19.30 16.72
C ALA B 121 6.37 20.09 17.99
N ASP B 122 5.39 19.70 18.80
CA ASP B 122 5.06 20.43 20.02
C ASP B 122 5.72 19.85 21.26
N THR B 123 6.62 18.90 21.08
CA THR B 123 7.16 18.08 22.16
C THR B 123 8.68 18.25 22.18
N SER B 124 9.12 19.43 22.60
CA SER B 124 10.53 19.75 22.60
C SER B 124 11.31 18.79 23.50
N ILE B 125 12.55 18.50 23.09
CA ILE B 125 13.48 17.68 23.87
C ILE B 125 14.62 18.57 24.33
N SER B 126 15.02 18.44 25.60
CA SER B 126 16.19 19.17 26.08
C SER B 126 16.87 18.31 27.15
N ASP B 127 17.86 18.89 27.83
CA ASP B 127 18.56 18.13 28.86
CA ASP B 127 18.57 18.18 28.88
C ASP B 127 17.59 17.70 29.95
N GLY B 128 17.73 16.44 30.36
CA GLY B 128 16.89 15.87 31.39
C GLY B 128 15.67 15.12 30.89
N THR B 129 15.29 15.30 29.62
CA THR B 129 14.12 14.61 29.09
C THR B 129 14.30 13.09 29.16
N TRP B 130 15.48 12.60 28.79
CA TRP B 130 15.78 11.18 28.88
C TRP B 130 15.60 10.67 30.31
N GLU B 131 16.17 11.37 31.28
CA GLU B 131 16.09 10.91 32.66
C GLU B 131 14.66 10.99 33.18
N ALA B 132 13.91 12.01 32.77
CA ALA B 132 12.53 12.13 33.24
C ALA B 132 11.66 11.03 32.65
N ALA B 133 11.87 10.74 31.36
CA ALA B 133 11.14 9.65 30.71
C ALA B 133 11.42 8.32 31.39
N ARG B 134 12.68 8.03 31.68
CA ARG B 134 13.02 6.79 32.38
C ARG B 134 12.31 6.72 33.73
N ALA B 135 12.37 7.80 34.51
CA ALA B 135 11.75 7.79 35.83
C ALA B 135 10.25 7.56 35.74
N SER B 136 9.61 8.18 34.75
CA SER B 136 8.17 8.05 34.60
C SER B 136 7.78 6.62 34.27
N ALA B 137 8.54 5.96 33.40
CA ALA B 137 8.31 4.54 33.15
C ALA B 137 8.49 3.72 34.43
N ASN B 138 9.49 4.06 35.24
CA ASN B 138 9.67 3.34 36.49
C ASN B 138 8.51 3.59 37.44
N VAL B 139 7.95 4.79 37.41
CA VAL B 139 6.78 5.07 38.24
C VAL B 139 5.65 4.12 37.89
N ALA B 140 5.41 3.93 36.59
CA ALA B 140 4.34 3.01 36.19
C ALA B 140 4.68 1.58 36.55
N LEU B 141 5.94 1.19 36.41
CA LEU B 141 6.35 -0.19 36.72
C LEU B 141 6.29 -0.47 38.22
N THR B 142 6.57 0.54 39.04
CA THR B 142 6.44 0.37 40.49
C THR B 142 4.99 0.19 40.88
N ALA B 143 4.09 1.01 40.31
CA ALA B 143 2.68 0.82 40.58
C ALA B 143 2.23 -0.58 40.18
N GLN B 144 2.67 -1.05 39.00
CA GLN B 144 2.32 -2.39 38.56
C GLN B 144 2.82 -3.42 39.55
N LYS B 145 4.02 -3.21 40.08
CA LYS B 145 4.55 -4.15 41.07
C LYS B 145 3.69 -4.15 42.33
N LEU B 146 3.30 -2.96 42.81
CA LEU B 146 2.49 -2.88 44.03
C LEU B 146 1.19 -3.66 43.87
N VAL B 147 0.55 -3.55 42.71
CA VAL B 147 -0.69 -4.29 42.45
C VAL B 147 -0.39 -5.78 42.36
N ALA B 148 0.64 -6.14 41.59
CA ALA B 148 1.02 -7.53 41.42
C ALA B 148 1.31 -8.21 42.76
N GLU B 149 1.77 -7.44 43.75
CA GLU B 149 2.12 -8.01 45.04
C GLU B 149 0.99 -7.94 46.05
N GLY B 150 -0.19 -7.47 45.67
CA GLY B 150 -1.32 -7.52 46.59
C GLY B 150 -2.27 -6.34 46.60
N GLU B 151 -1.80 -5.16 46.17
CA GLU B 151 -2.68 -4.00 46.17
C GLU B 151 -3.78 -4.18 45.14
N ARG B 152 -4.99 -3.72 45.50
CA ARG B 152 -6.08 -3.72 44.53
C ARG B 152 -5.83 -2.71 43.42
N ALA B 153 -5.22 -1.58 43.76
CA ALA B 153 -4.96 -0.52 42.78
C ALA B 153 -3.80 0.33 43.27
N ALA B 154 -3.17 1.03 42.32
CA ALA B 154 -2.06 1.94 42.61
C ALA B 154 -2.09 3.08 41.60
N PHE B 155 -1.67 4.26 42.04
CA PHE B 155 -1.66 5.48 41.23
C PHE B 155 -0.23 5.80 40.81
N ALA B 156 0.07 5.60 39.53
CA ALA B 156 1.37 5.97 38.99
C ALA B 156 1.30 7.42 38.53
N LEU B 157 1.87 8.33 39.32
CA LEU B 157 1.82 9.75 39.04
C LEU B 157 2.92 10.09 38.03
N CYS B 158 2.70 9.62 36.80
CA CYS B 158 3.69 9.75 35.73
C CYS B 158 3.76 11.17 35.19
N ARG B 159 4.98 11.64 34.95
CA ARG B 159 5.20 12.83 34.16
C ARG B 159 6.63 12.74 33.66
N PRO B 160 6.87 12.70 32.33
CA PRO B 160 5.90 12.93 31.25
C PRO B 160 4.87 11.82 31.03
N PRO B 161 3.74 12.15 30.38
CA PRO B 161 2.75 11.12 30.06
C PRO B 161 3.27 10.18 28.99
N GLY B 162 2.47 9.18 28.61
CA GLY B 162 2.97 8.16 27.71
C GLY B 162 2.11 7.72 26.54
N HIS B 163 0.78 7.95 26.57
CA HIS B 163 -0.08 7.12 25.73
C HIS B 163 0.01 7.44 24.24
N HIS B 164 0.66 8.53 23.85
CA HIS B 164 0.84 8.81 22.42
C HIS B 164 2.07 8.13 21.83
N ALA B 165 2.96 7.58 22.66
CA ALA B 165 4.22 7.06 22.16
C ALA B 165 4.03 5.68 21.56
N HIS B 166 4.44 5.53 20.30
CA HIS B 166 4.48 4.24 19.64
C HIS B 166 5.74 3.47 20.08
N ALA B 167 5.92 2.27 19.54
CA ALA B 167 7.15 1.53 19.85
C ALA B 167 8.40 2.33 19.48
N ASP B 168 8.33 3.15 18.41
CA ASP B 168 9.48 3.95 18.02
C ASP B 168 9.06 5.33 17.52
N VAL B 169 8.03 5.93 18.11
CA VAL B 169 7.60 7.28 17.76
C VAL B 169 7.22 8.03 19.03
N PHE B 170 7.76 9.25 19.20
CA PHE B 170 7.38 10.14 20.29
C PHE B 170 6.56 11.30 19.77
N GLY B 171 5.82 11.90 20.69
CA GLY B 171 4.99 13.05 20.37
C GLY B 171 3.85 13.17 21.36
N GLY B 172 3.07 14.24 21.18
CA GLY B 172 1.98 14.49 22.11
C GLY B 172 2.42 14.55 23.56
N TYR B 173 3.61 15.10 23.80
CA TYR B 173 4.23 15.26 25.12
C TYR B 173 4.70 13.93 25.72
N CYS B 174 4.69 12.85 24.95
CA CYS B 174 4.99 11.51 25.42
C CYS B 174 6.27 10.97 24.81
N PHE B 175 6.97 10.13 25.58
CA PHE B 175 8.20 9.51 25.08
C PHE B 175 8.22 8.00 25.26
N PHE B 176 7.91 7.53 26.47
CA PHE B 176 7.76 6.10 26.76
C PHE B 176 6.31 5.85 27.11
N ASN B 177 5.72 4.79 26.55
CA ASN B 177 4.29 4.52 26.77
C ASN B 177 4.15 3.78 28.10
N ASN B 178 4.03 4.56 29.17
CA ASN B 178 4.00 4.02 30.52
C ASN B 178 2.86 3.00 30.68
N ALA B 179 1.68 3.31 30.14
CA ALA B 179 0.57 2.39 30.23
C ALA B 179 0.89 1.07 29.53
N ALA B 180 1.46 1.15 28.32
CA ALA B 180 1.81 -0.07 27.59
C ALA B 180 2.91 -0.85 28.31
N ILE B 181 3.87 -0.14 28.92
CA ILE B 181 4.94 -0.80 29.67
C ILE B 181 4.36 -1.54 30.87
N ALA B 182 3.38 -0.93 31.55
CA ALA B 182 2.74 -1.61 32.68
C ALA B 182 1.91 -2.80 32.21
N ALA B 183 1.20 -2.64 31.09
CA ALA B 183 0.41 -3.74 30.55
C ALA B 183 1.30 -4.93 30.20
N GLN B 184 2.42 -4.66 29.52
CA GLN B 184 3.32 -5.75 29.11
C GLN B 184 3.98 -6.40 30.31
N ALA B 185 4.19 -5.63 31.38
CA ALA B 185 4.75 -6.18 32.61
C ALA B 185 3.80 -7.17 33.25
N PHE B 186 2.51 -6.83 33.31
CA PHE B 186 1.50 -7.80 33.76
C PHE B 186 1.59 -9.08 32.94
N ARG B 187 1.60 -8.94 31.61
CA ARG B 187 1.69 -10.12 30.74
C ARG B 187 2.97 -10.90 30.98
N ASP B 188 4.09 -10.21 31.15
CA ASP B 188 5.35 -10.91 31.36
C ASP B 188 5.36 -11.64 32.70
N GLN B 189 4.58 -11.17 33.66
CA GLN B 189 4.49 -11.79 34.98
C GLN B 189 3.38 -12.83 35.06
N GLY B 190 2.78 -13.21 33.95
CA GLY B 190 1.87 -14.33 33.92
C GLY B 190 0.40 -14.01 33.97
N TYR B 191 0.04 -12.73 33.91
CA TYR B 191 -1.36 -12.35 33.74
C TYR B 191 -1.76 -12.63 32.30
N GLY B 192 -2.77 -13.50 32.12
CA GLY B 192 -3.08 -13.98 30.78
C GLY B 192 -3.56 -12.88 29.86
N LYS B 193 -4.45 -12.03 30.35
CA LYS B 193 -5.10 -11.00 29.55
C LYS B 193 -5.13 -9.69 30.32
N VAL B 194 -4.85 -8.60 29.62
CA VAL B 194 -4.80 -7.27 30.21
C VAL B 194 -5.64 -6.35 29.34
N ALA B 195 -6.42 -5.47 29.97
CA ALA B 195 -7.12 -4.40 29.28
C ALA B 195 -6.49 -3.07 29.64
N VAL B 196 -6.33 -2.21 28.63
CA VAL B 196 -5.89 -0.82 28.83
C VAL B 196 -7.02 0.09 28.39
N LEU B 197 -7.53 0.89 29.31
CA LEU B 197 -8.68 1.75 29.10
C LEU B 197 -8.21 3.19 29.19
N ASP B 198 -8.38 3.93 28.09
CA ASP B 198 -7.80 5.26 27.96
C ASP B 198 -8.91 6.27 28.08
N VAL B 199 -8.98 6.95 29.23
CA VAL B 199 -10.02 7.96 29.47
C VAL B 199 -9.48 9.37 29.33
N ASP B 200 -8.19 9.55 29.03
CA ASP B 200 -7.67 10.85 28.62
C ASP B 200 -8.48 11.38 27.44
N PHE B 201 -8.54 12.70 27.31
CA PHE B 201 -9.36 13.32 26.27
C PHE B 201 -8.88 12.93 24.88
N HIS B 202 -7.59 12.65 24.73
CA HIS B 202 -7.00 12.34 23.43
C HIS B 202 -6.93 10.84 23.22
N HIS B 203 -6.92 10.44 21.94
CA HIS B 203 -6.74 9.04 21.60
C HIS B 203 -5.37 8.51 22.05
N GLY B 204 -5.37 7.37 22.71
CA GLY B 204 -4.11 6.68 22.98
C GLY B 204 -3.58 5.95 21.76
N ASN B 205 -3.17 6.70 20.73
CA ASN B 205 -2.70 6.06 19.48
C ASN B 205 -1.48 5.18 19.74
N GLY B 206 -0.60 5.59 20.66
CA GLY B 206 0.58 4.78 20.93
C GLY B 206 0.23 3.41 21.47
N THR B 207 -0.66 3.37 22.46
CA THR B 207 -1.08 2.09 23.03
C THR B 207 -1.82 1.25 22.00
N GLN B 208 -2.69 1.88 21.20
CA GLN B 208 -3.37 1.16 20.14
C GLN B 208 -2.36 0.52 19.19
N ALA B 209 -1.40 1.32 18.71
CA ALA B 209 -0.43 0.80 17.74
C ALA B 209 0.40 -0.35 18.31
N ILE B 210 0.82 -0.22 19.58
CA ILE B 210 1.71 -1.21 20.18
C ILE B 210 1.06 -2.59 20.24
N PHE B 211 -0.23 -2.66 20.55
CA PHE B 211 -0.91 -3.95 20.73
C PHE B 211 -1.86 -4.28 19.57
N TYR B 212 -1.72 -3.59 18.44
CA TYR B 212 -2.79 -3.58 17.44
C TYR B 212 -3.04 -4.96 16.84
N ASP B 213 -2.03 -5.82 16.75
CA ASP B 213 -2.22 -7.14 16.15
C ASP B 213 -2.27 -8.24 17.20
N ARG B 214 -2.61 -7.89 18.44
CA ARG B 214 -2.60 -8.82 19.55
C ARG B 214 -3.97 -8.91 20.19
N SER B 215 -4.35 -10.13 20.55
CA SER B 215 -5.61 -10.39 21.24
C SER B 215 -5.44 -10.58 22.74
N ASP B 216 -4.19 -10.65 23.24
CA ASP B 216 -4.00 -10.81 24.68
C ASP B 216 -4.08 -9.49 25.44
N VAL B 217 -4.11 -8.36 24.74
CA VAL B 217 -4.13 -7.04 25.37
C VAL B 217 -5.19 -6.22 24.64
N LEU B 218 -6.31 -6.00 25.30
CA LEU B 218 -7.42 -5.23 24.77
C LEU B 218 -7.18 -3.75 25.03
N THR B 219 -7.25 -2.93 23.98
CA THR B 219 -7.03 -1.50 24.09
C THR B 219 -8.32 -0.77 23.75
N ILE B 220 -8.76 0.11 24.64
CA ILE B 220 -9.97 0.89 24.44
C ILE B 220 -9.66 2.34 24.76
N SER B 221 -10.17 3.26 23.94
CA SER B 221 -9.97 4.69 24.19
C SER B 221 -11.25 5.46 23.92
N LEU B 222 -11.60 6.33 24.85
CA LEU B 222 -12.61 7.37 24.65
C LEU B 222 -11.85 8.65 24.38
N HIS B 223 -12.28 9.42 23.38
CA HIS B 223 -11.52 10.61 23.06
C HIS B 223 -12.32 11.53 22.15
N GLY B 224 -11.86 12.77 22.06
CA GLY B 224 -12.41 13.69 21.08
C GLY B 224 -12.12 13.22 19.67
N ASP B 225 -13.10 13.45 18.79
CA ASP B 225 -13.03 13.09 17.37
C ASP B 225 -11.70 13.52 16.74
N PRO B 226 -10.89 12.57 16.27
CA PRO B 226 -9.61 12.95 15.64
C PRO B 226 -9.76 13.70 14.34
N ASP B 227 -10.96 13.68 13.73
CA ASP B 227 -11.20 14.60 12.63
C ASP B 227 -10.97 16.05 13.06
N LEU B 228 -11.18 16.34 14.34
CA LEU B 228 -11.15 17.68 14.90
C LEU B 228 -9.92 17.97 15.75
N VAL B 229 -9.37 16.98 16.44
CA VAL B 229 -8.26 17.22 17.37
C VAL B 229 -7.19 16.15 17.24
N PHE B 230 -6.02 16.50 17.76
CA PHE B 230 -4.89 15.58 17.90
C PHE B 230 -5.35 14.24 18.49
N PRO B 231 -4.86 13.10 17.99
CA PRO B 231 -3.74 12.93 17.05
C PRO B 231 -4.08 12.92 15.55
N HIS B 232 -5.33 13.17 15.19
CA HIS B 232 -5.78 13.44 13.81
C HIS B 232 -5.77 12.22 12.88
N PHE B 233 -4.74 11.37 12.96
CA PHE B 233 -4.53 10.35 11.94
C PHE B 233 -4.66 8.94 12.49
N LEU B 234 -5.12 8.82 13.73
CA LEU B 234 -5.57 7.57 14.30
C LEU B 234 -6.66 7.93 15.29
N GLY B 235 -7.38 6.92 15.76
CA GLY B 235 -8.44 7.09 16.72
C GLY B 235 -9.84 6.94 16.17
N PHE B 236 -10.01 6.60 14.90
CA PHE B 236 -11.35 6.53 14.33
C PHE B 236 -11.99 5.19 14.68
N GLU B 237 -13.33 5.20 14.72
CA GLU B 237 -14.04 4.04 15.23
C GLU B 237 -13.95 2.82 14.33
N ASP B 238 -13.48 2.98 13.09
CA ASP B 238 -13.30 1.80 12.24
C ASP B 238 -11.96 1.10 12.48
N GLU B 239 -11.13 1.59 13.38
CA GLU B 239 -9.86 0.92 13.70
C GLU B 239 -10.15 -0.11 14.80
N THR B 240 -10.37 -1.36 14.40
CA THR B 240 -10.76 -2.40 15.33
C THR B 240 -9.68 -3.45 15.56
N GLY B 241 -8.51 -3.26 14.98
CA GLY B 241 -7.42 -4.22 15.13
C GLY B 241 -7.05 -4.84 13.79
N GLU B 242 -6.02 -5.68 13.83
CA GLU B 242 -5.58 -6.38 12.63
C GLU B 242 -5.09 -7.78 13.02
N GLY B 243 -5.20 -8.70 12.07
CA GLY B 243 -4.75 -10.06 12.33
C GLY B 243 -5.49 -10.68 13.51
N ASP B 244 -4.71 -11.34 14.38
CA ASP B 244 -5.27 -11.87 15.62
C ASP B 244 -5.87 -10.77 16.47
N GLY B 245 -5.40 -9.53 16.31
CA GLY B 245 -5.88 -8.41 17.08
C GLY B 245 -7.22 -7.86 16.66
N GLU B 246 -7.85 -8.41 15.63
CA GLU B 246 -9.12 -7.86 15.21
C GLU B 246 -10.19 -8.09 16.26
N ALA B 247 -10.96 -7.04 16.55
CA ALA B 247 -11.97 -6.90 17.58
C ALA B 247 -11.36 -6.68 18.96
N TYR B 248 -10.04 -6.49 19.07
CA TYR B 248 -9.40 -6.26 20.36
C TYR B 248 -8.86 -4.85 20.50
N ASN B 249 -9.35 -3.93 19.65
CA ASN B 249 -9.16 -2.50 19.82
C ASN B 249 -10.50 -1.80 19.61
N LEU B 250 -10.79 -0.82 20.46
CA LEU B 250 -12.08 -0.13 20.39
C LEU B 250 -11.88 1.36 20.62
N ASN B 251 -12.25 2.17 19.63
CA ASN B 251 -12.23 3.62 19.72
C ASN B 251 -13.65 4.13 19.83
N ILE B 252 -13.88 5.01 20.80
CA ILE B 252 -15.19 5.63 21.04
C ILE B 252 -14.99 7.14 20.99
N VAL B 253 -15.65 7.79 20.04
CA VAL B 253 -15.38 9.17 19.67
C VAL B 253 -16.53 10.08 20.08
N PHE B 254 -16.22 11.30 20.51
CA PHE B 254 -17.22 12.29 20.88
C PHE B 254 -16.90 13.65 20.27
N PRO B 255 -17.93 14.47 20.01
CA PRO B 255 -17.71 15.80 19.41
C PRO B 255 -17.53 16.85 20.49
N PRO B 256 -17.28 18.12 20.11
CA PRO B 256 -17.12 19.17 21.13
C PRO B 256 -18.32 19.32 22.03
N ASP B 257 -18.03 19.77 23.25
CA ASP B 257 -18.98 20.13 24.31
C ASP B 257 -19.58 18.92 24.98
N THR B 258 -19.04 17.73 24.73
CA THR B 258 -19.64 16.51 25.22
C THR B 258 -19.58 16.49 26.74
N PRO B 259 -20.71 16.37 27.44
CA PRO B 259 -20.70 16.34 28.90
C PRO B 259 -20.62 14.91 29.44
N PHE B 260 -20.44 14.81 30.75
CA PHE B 260 -20.33 13.50 31.40
C PHE B 260 -21.57 12.65 31.14
N SER B 261 -22.74 13.27 31.06
CA SER B 261 -23.96 12.49 30.85
C SER B 261 -23.94 11.72 29.53
N ILE B 262 -23.18 12.21 28.55
CA ILE B 262 -23.02 11.49 27.29
C ILE B 262 -21.77 10.64 27.30
N TRP B 263 -20.67 11.20 27.79
CA TRP B 263 -19.38 10.50 27.86
C TRP B 263 -19.49 9.21 28.67
N SER B 264 -20.28 9.22 29.76
CA SER B 264 -20.41 8.02 30.56
CA SER B 264 -20.46 8.03 30.58
C SER B 264 -21.14 6.90 29.82
N GLN B 265 -21.91 7.22 28.79
CA GLN B 265 -22.50 6.17 27.98
C GLN B 265 -21.44 5.41 27.20
N GLY B 266 -20.43 6.13 26.69
CA GLY B 266 -19.32 5.45 26.05
C GLY B 266 -18.48 4.68 27.05
N LEU B 267 -18.31 5.24 28.25
CA LEU B 267 -17.62 4.53 29.31
C LEU B 267 -18.30 3.21 29.64
N GLU B 268 -19.64 3.21 29.68
CA GLU B 268 -20.38 1.97 29.93
C GLU B 268 -20.15 0.98 28.80
N LYS B 269 -20.12 1.47 27.55
CA LYS B 269 -19.82 0.58 26.44
C LYS B 269 -18.43 -0.02 26.57
N ALA B 270 -17.47 0.76 27.05
CA ALA B 270 -16.13 0.22 27.24
C ALA B 270 -16.11 -0.81 28.38
N CYS B 271 -16.81 -0.51 29.48
CA CYS B 271 -16.86 -1.45 30.59
C CYS B 271 -17.53 -2.76 30.16
N GLU B 272 -18.59 -2.66 29.35
CA GLU B 272 -19.22 -3.87 28.83
C GLU B 272 -18.23 -4.70 28.01
N ARG B 273 -17.44 -4.04 27.14
CA ARG B 273 -16.44 -4.75 26.35
C ARG B 273 -15.37 -5.36 27.24
N ILE B 274 -14.98 -4.66 28.31
CA ILE B 274 -14.02 -5.23 29.26
C ILE B 274 -14.60 -6.48 29.92
N ARG B 275 -15.86 -6.42 30.35
CA ARG B 275 -16.46 -7.54 31.07
C ARG B 275 -16.44 -8.82 30.25
N THR B 276 -16.77 -8.73 28.97
CA THR B 276 -16.77 -9.93 28.13
C THR B 276 -15.35 -10.39 27.84
N PHE B 277 -14.40 -9.46 27.68
CA PHE B 277 -13.00 -9.82 27.53
C PHE B 277 -12.50 -10.56 28.77
N ALA B 278 -12.99 -10.15 29.95
CA ALA B 278 -12.63 -10.73 31.23
C ALA B 278 -11.12 -10.76 31.45
N PRO B 279 -10.49 -9.60 31.59
CA PRO B 279 -9.03 -9.56 31.72
C PRO B 279 -8.60 -9.92 33.14
N ASP B 280 -7.30 -10.13 33.28
CA ASP B 280 -6.71 -10.42 34.58
C ASP B 280 -6.14 -9.19 35.28
N ALA B 281 -6.02 -8.09 34.55
CA ALA B 281 -5.52 -6.84 35.11
C ALA B 281 -6.03 -5.72 34.22
N LEU B 282 -6.09 -4.53 34.79
CA LEU B 282 -6.57 -3.34 34.08
C LEU B 282 -5.54 -2.24 34.25
N VAL B 283 -5.19 -1.58 33.15
CA VAL B 283 -4.40 -0.36 33.21
C VAL B 283 -5.29 0.77 32.71
N VAL B 284 -5.43 1.81 33.51
CA VAL B 284 -6.26 2.95 33.13
C VAL B 284 -5.31 4.09 32.83
N ALA B 285 -5.25 4.51 31.57
CA ALA B 285 -4.49 5.69 31.20
C ALA B 285 -5.38 6.89 31.47
N LEU B 286 -5.07 7.63 32.54
CA LEU B 286 -5.96 8.65 33.07
C LEU B 286 -5.47 10.04 32.71
N GLY B 287 -6.24 10.75 31.91
CA GLY B 287 -6.08 12.18 31.75
C GLY B 287 -7.31 12.86 32.31
N VAL B 288 -7.10 14.04 32.88
CA VAL B 288 -8.25 14.86 33.28
C VAL B 288 -8.32 16.06 32.35
N ASP B 289 -7.82 15.90 31.12
CA ASP B 289 -8.07 16.95 30.13
C ASP B 289 -9.48 16.89 29.55
N THR B 290 -10.30 15.94 29.99
CA THR B 290 -11.75 15.92 29.73
C THR B 290 -12.50 16.98 30.53
N PHE B 291 -11.80 17.71 31.38
CA PHE B 291 -12.36 18.72 32.28
C PHE B 291 -12.90 19.93 31.53
N GLU B 292 -14.00 20.50 32.06
CA GLU B 292 -14.71 21.57 31.36
C GLU B 292 -13.88 22.83 31.17
N GLU B 293 -12.77 22.97 31.90
CA GLU B 293 -11.89 24.13 31.75
C GLU B 293 -10.53 23.78 31.19
N ASP B 294 -10.34 22.58 30.66
CA ASP B 294 -9.05 22.26 30.08
C ASP B 294 -8.76 23.17 28.90
N PRO B 295 -7.57 23.79 28.84
CA PRO B 295 -7.31 24.81 27.81
C PRO B 295 -7.12 24.28 26.40
N ILE B 296 -6.87 22.97 26.22
CA ILE B 296 -6.61 22.48 24.87
C ILE B 296 -7.58 21.40 24.43
N SER B 297 -8.68 21.21 25.16
CA SER B 297 -9.61 20.11 24.94
C SER B 297 -11.04 20.64 24.94
N PHE B 298 -12.00 19.82 24.49
CA PHE B 298 -13.34 20.36 24.36
C PHE B 298 -14.44 19.47 24.96
N PHE B 299 -14.15 18.74 26.05
CA PHE B 299 -15.19 18.05 26.79
C PHE B 299 -15.64 18.88 27.99
N LYS B 300 -16.71 18.44 28.65
CA LYS B 300 -17.31 19.29 29.68
C LYS B 300 -17.53 18.54 30.98
N LEU B 301 -16.56 17.74 31.41
CA LEU B 301 -16.69 17.11 32.71
C LEU B 301 -16.44 18.11 33.83
N THR B 302 -17.15 17.94 34.93
CA THR B 302 -16.92 18.73 36.13
C THR B 302 -16.01 17.95 37.08
N SER B 303 -15.47 18.66 38.06
CA SER B 303 -14.62 17.99 39.04
C SER B 303 -15.35 16.85 39.73
N GLY B 304 -16.65 17.03 39.99
CA GLY B 304 -17.41 15.97 40.64
C GLY B 304 -17.57 14.74 39.78
N ASP B 305 -17.59 14.90 38.47
CA ASP B 305 -17.71 13.75 37.58
C ASP B 305 -16.54 12.78 37.75
N TYR B 306 -15.38 13.26 38.20
CA TYR B 306 -14.25 12.34 38.36
C TYR B 306 -14.48 11.37 39.52
N LEU B 307 -15.21 11.78 40.55
CA LEU B 307 -15.59 10.82 41.59
C LEU B 307 -16.44 9.70 41.01
N LYS B 308 -17.41 10.04 40.17
CA LYS B 308 -18.23 9.03 39.52
C LYS B 308 -17.39 8.13 38.63
N LEU B 309 -16.44 8.71 37.88
CA LEU B 309 -15.52 7.89 37.08
C LEU B 309 -14.77 6.89 37.97
N GLY B 310 -14.16 7.37 39.05
CA GLY B 310 -13.41 6.47 39.92
C GLY B 310 -14.28 5.34 40.46
N LYS B 311 -15.52 5.66 40.83
CA LYS B 311 -16.43 4.65 41.35
C LYS B 311 -16.76 3.61 40.28
N ARG B 312 -17.09 4.07 39.07
CA ARG B 312 -17.44 3.12 38.02
C ARG B 312 -16.29 2.19 37.67
N LEU B 313 -15.05 2.69 37.72
CA LEU B 313 -13.90 1.85 37.41
C LEU B 313 -13.68 0.79 38.49
N GLU B 314 -13.87 1.16 39.76
CA GLU B 314 -13.80 0.16 40.83
C GLU B 314 -14.78 -0.98 40.59
N GLN B 315 -15.98 -0.66 40.09
CA GLN B 315 -17.00 -1.68 39.92
C GLN B 315 -16.64 -2.73 38.87
N LEU B 316 -15.61 -2.49 38.05
CA LEU B 316 -15.12 -3.55 37.17
C LEU B 316 -14.50 -4.69 37.97
N GLY B 317 -14.07 -4.44 39.20
CA GLY B 317 -13.56 -5.49 40.07
C GLY B 317 -12.20 -6.06 39.71
N LEU B 318 -11.34 -5.26 39.05
CA LEU B 318 -10.07 -5.76 38.54
C LEU B 318 -8.88 -5.17 39.30
N PRO B 319 -7.75 -5.87 39.33
CA PRO B 319 -6.51 -5.21 39.73
C PRO B 319 -6.19 -4.10 38.74
N THR B 320 -5.97 -2.89 39.24
CA THR B 320 -6.01 -1.69 38.41
C THR B 320 -4.79 -0.82 38.66
N VAL B 321 -4.03 -0.52 37.60
CA VAL B 321 -3.00 0.50 37.65
C VAL B 321 -3.50 1.73 36.90
N PHE B 322 -3.39 2.90 37.54
CA PHE B 322 -3.65 4.19 36.89
C PHE B 322 -2.33 4.83 36.51
N THR B 323 -2.14 5.16 35.23
CA THR B 323 -1.00 5.97 34.80
C THR B 323 -1.50 7.36 34.44
N MET B 324 -0.83 8.37 34.99
CA MET B 324 -1.22 9.74 34.72
C MET B 324 -0.84 10.13 33.29
N GLU B 325 -1.82 10.66 32.55
CA GLU B 325 -1.59 11.18 31.22
C GLU B 325 -1.76 12.70 31.21
N GLY B 326 -2.74 13.22 30.49
CA GLY B 326 -2.89 14.65 30.32
C GLY B 326 -3.83 15.30 31.32
N GLY B 327 -4.13 16.59 31.06
CA GLY B 327 -4.90 17.49 31.93
C GLY B 327 -4.12 18.77 32.22
N TYR B 328 -4.58 19.94 31.73
CA TYR B 328 -3.71 21.12 31.69
C TYR B 328 -4.28 22.35 32.39
N ASP B 329 -5.41 22.24 33.08
CA ASP B 329 -5.83 23.29 34.00
C ASP B 329 -5.22 22.98 35.36
N VAL B 330 -4.08 23.61 35.66
CA VAL B 330 -3.34 23.27 36.87
CA VAL B 330 -3.34 23.29 36.88
C VAL B 330 -4.15 23.63 38.12
N ASP B 331 -5.02 24.64 38.05
CA ASP B 331 -5.84 24.98 39.21
C ASP B 331 -6.61 23.75 39.72
N ALA B 332 -7.14 22.94 38.82
CA ALA B 332 -8.00 21.83 39.20
C ALA B 332 -7.36 20.45 38.99
N ILE B 333 -6.18 20.37 38.38
CA ILE B 333 -5.63 19.07 38.00
C ILE B 333 -5.48 18.16 39.22
N GLY B 334 -5.13 18.73 40.37
CA GLY B 334 -5.02 17.92 41.57
C GLY B 334 -6.38 17.41 42.05
N VAL B 335 -7.36 18.31 42.15
CA VAL B 335 -8.69 17.89 42.60
C VAL B 335 -9.26 16.85 41.65
N ASN B 336 -9.07 17.07 40.35
CA ASN B 336 -9.67 16.18 39.35
C ASN B 336 -9.06 14.78 39.41
N ALA B 337 -7.72 14.69 39.41
CA ALA B 337 -7.09 13.37 39.35
C ALA B 337 -7.26 12.63 40.67
N VAL B 338 -7.12 13.32 41.80
CA VAL B 338 -7.28 12.62 43.08
C VAL B 338 -8.74 12.23 43.29
N ASN B 339 -9.68 13.00 42.71
CA ASN B 339 -11.09 12.61 42.78
C ASN B 339 -11.32 11.24 42.17
N VAL B 340 -10.62 10.93 41.09
CA VAL B 340 -10.72 9.59 40.50
C VAL B 340 -10.29 8.54 41.51
N MET B 341 -9.14 8.78 42.15
CA MET B 341 -8.64 7.81 43.13
C MET B 341 -9.58 7.70 44.32
N GLN B 342 -10.12 8.83 44.77
CA GLN B 342 -11.01 8.83 45.94
C GLN B 342 -12.35 8.20 45.60
N GLY B 343 -12.89 8.48 44.41
CA GLY B 343 -14.09 7.78 44.00
C GLY B 343 -13.87 6.29 43.87
N PHE B 344 -12.67 5.89 43.45
CA PHE B 344 -12.33 4.47 43.37
C PHE B 344 -12.36 3.82 44.75
N GLU B 345 -11.97 4.56 45.78
CA GLU B 345 -11.92 4.05 47.14
C GLU B 345 -13.23 4.29 47.91
N GLY B 346 -14.32 4.62 47.21
CA GLY B 346 -15.62 4.68 47.82
C GLY B 346 -16.13 6.05 48.22
N LYS B 347 -15.47 7.12 47.82
CA LYS B 347 -15.91 8.47 48.17
C LYS B 347 -16.86 9.02 47.11
N SER B 348 -17.97 9.59 47.57
CA SER B 348 -18.96 10.17 46.67
C SER B 348 -19.08 11.68 46.90
N GLY C 4 -1.97 -34.18 8.44
CA GLY C 4 -0.56 -34.37 8.72
C GLY C 4 0.24 -33.09 8.89
N SER C 5 -0.48 -32.02 9.22
CA SER C 5 0.07 -30.71 9.56
C SER C 5 0.53 -29.94 8.33
N MET C 6 1.65 -30.31 7.68
CA MET C 6 2.24 -29.42 6.68
C MET C 6 1.36 -29.27 5.45
N LYS C 7 0.96 -28.04 5.18
CA LYS C 7 0.10 -27.71 4.07
C LYS C 7 0.93 -27.51 2.81
N THR C 8 0.34 -27.84 1.67
CA THR C 8 0.97 -27.65 0.37
C THR C 8 0.08 -26.76 -0.49
N VAL C 9 0.70 -25.80 -1.18
CA VAL C 9 0.00 -24.97 -2.16
C VAL C 9 0.35 -25.49 -3.54
N PHE C 10 -0.65 -25.71 -4.36
CA PHE C 10 -0.47 -26.25 -5.70
C PHE C 10 -1.47 -25.57 -6.62
N SER C 11 -1.03 -25.20 -7.82
CA SER C 11 -1.93 -24.60 -8.79
C SER C 11 -2.02 -25.46 -10.04
N PRO C 12 -3.21 -25.89 -10.46
CA PRO C 12 -3.34 -26.62 -11.73
C PRO C 12 -2.97 -25.79 -12.94
N LEU C 13 -2.79 -24.48 -12.78
CA LEU C 13 -2.38 -23.61 -13.88
C LEU C 13 -0.95 -23.87 -14.29
N HIS C 14 -0.18 -24.63 -13.50
CA HIS C 14 1.20 -24.93 -13.90
C HIS C 14 1.23 -25.62 -15.25
N SER C 15 0.20 -26.41 -15.59
N SER C 15 0.19 -26.39 -15.59
CA SER C 15 0.19 -27.12 -16.85
CA SER C 15 0.15 -27.12 -16.85
C SER C 15 0.06 -26.18 -18.05
C SER C 15 0.09 -26.18 -18.05
N ARG C 16 -0.26 -24.91 -17.84
CA ARG C 16 -0.25 -23.96 -18.94
C ARG C 16 1.16 -23.77 -19.48
N ARG C 17 2.18 -24.07 -18.68
CA ARG C 17 3.56 -24.11 -19.19
C ARG C 17 3.80 -25.53 -19.68
N HIS C 18 3.78 -25.73 -21.00
CA HIS C 18 3.94 -27.06 -21.57
C HIS C 18 4.66 -26.91 -22.91
N VAL C 19 5.93 -26.49 -22.87
CA VAL C 19 6.69 -26.32 -24.09
C VAL C 19 7.14 -27.68 -24.59
N LYS C 20 7.35 -27.78 -25.90
CA LYS C 20 7.72 -29.04 -26.50
C LYS C 20 9.18 -29.13 -26.91
N THR C 21 9.95 -28.03 -26.82
CA THR C 21 11.32 -28.05 -27.29
C THR C 21 12.26 -27.47 -26.23
N GLU C 22 13.43 -28.09 -26.12
CA GLU C 22 14.52 -27.58 -25.29
C GLU C 22 15.83 -27.79 -26.05
N LEU C 23 16.54 -26.70 -26.32
CA LEU C 23 17.86 -26.81 -26.93
C LEU C 23 18.82 -27.57 -26.01
N ASP C 24 19.33 -28.69 -26.50
CA ASP C 24 20.18 -29.56 -25.67
C ASP C 24 21.22 -30.21 -26.55
N GLY C 25 22.50 -29.93 -26.29
CA GLY C 25 23.57 -30.52 -27.10
C GLY C 25 23.38 -30.35 -28.59
N GLY C 26 22.92 -29.18 -29.03
CA GLY C 26 22.73 -28.91 -30.45
C GLY C 26 21.48 -29.49 -31.06
N LEU C 27 20.57 -30.04 -30.25
CA LEU C 27 19.32 -30.62 -30.72
C LEU C 27 18.16 -29.98 -29.97
N LEU C 28 16.97 -30.00 -30.58
CA LEU C 28 15.75 -29.66 -29.86
C LEU C 28 15.14 -30.94 -29.32
N ILE C 29 15.11 -31.09 -28.01
CA ILE C 29 14.61 -32.31 -27.38
C ILE C 29 13.38 -31.96 -26.54
N GLU C 30 12.71 -33.00 -26.04
CA GLU C 30 11.62 -32.81 -25.10
C GLU C 30 12.16 -32.19 -23.80
N PRO C 31 11.49 -31.19 -23.24
CA PRO C 31 12.03 -30.47 -22.08
C PRO C 31 12.13 -31.35 -20.84
N HIS C 32 13.18 -31.10 -20.05
CA HIS C 32 13.32 -31.82 -18.78
C HIS C 32 12.28 -31.34 -17.77
N GLU C 33 12.01 -30.03 -17.74
CA GLU C 33 11.12 -29.44 -16.76
C GLU C 33 9.67 -29.59 -17.25
N LYS C 34 9.12 -30.82 -17.07
CA LYS C 34 7.86 -31.23 -17.66
C LYS C 34 6.73 -31.25 -16.64
N PRO C 35 5.48 -31.10 -17.11
CA PRO C 35 4.36 -30.99 -16.17
C PRO C 35 4.24 -32.17 -15.22
N SER C 36 4.65 -33.37 -15.65
CA SER C 36 4.53 -34.54 -14.78
C SER C 36 5.39 -34.43 -13.53
N ARG C 37 6.40 -33.56 -13.51
CA ARG C 37 7.13 -33.33 -12.27
C ARG C 37 6.17 -32.86 -11.17
N ALA C 38 5.35 -31.85 -11.47
CA ALA C 38 4.50 -31.30 -10.43
C ALA C 38 3.37 -32.25 -10.07
N GLU C 39 2.86 -32.98 -11.08
CA GLU C 39 1.76 -33.89 -10.82
C GLU C 39 2.23 -35.09 -9.99
N THR C 40 3.47 -35.52 -10.20
CA THR C 40 3.99 -36.65 -9.43
C THR C 40 4.21 -36.27 -7.98
N ILE C 41 4.77 -35.08 -7.73
CA ILE C 41 4.91 -34.61 -6.35
C ILE C 41 3.53 -34.50 -5.70
N LEU C 42 2.59 -33.89 -6.40
CA LEU C 42 1.25 -33.71 -5.82
C LEU C 42 0.64 -35.05 -5.46
N ALA C 43 0.76 -36.04 -6.34
CA ALA C 43 0.18 -37.34 -6.05
C ALA C 43 0.83 -37.98 -4.84
N ARG C 44 2.14 -37.78 -4.67
CA ARG C 44 2.80 -38.31 -3.48
C ARG C 44 2.35 -37.58 -2.23
N VAL C 45 2.06 -36.27 -2.34
CA VAL C 45 1.53 -35.51 -1.19
C VAL C 45 0.20 -36.09 -0.75
N LYS C 46 -0.68 -36.40 -1.70
CA LYS C 46 -1.97 -37.01 -1.39
C LYS C 46 -1.79 -38.42 -0.83
N ASP C 47 -0.93 -39.22 -1.48
CA ASP C 47 -0.74 -40.61 -1.06
C ASP C 47 -0.27 -40.69 0.38
N GLN C 48 0.62 -39.80 0.80
CA GLN C 48 1.14 -39.80 2.15
C GLN C 48 0.34 -38.95 3.12
N ALA C 49 -0.78 -38.39 2.68
CA ALA C 49 -1.63 -37.52 3.50
C ALA C 49 -0.78 -36.52 4.29
N LEU C 50 0.08 -35.81 3.55
CA LEU C 50 1.02 -34.88 4.18
C LEU C 50 0.30 -33.79 4.96
N GLY C 51 -0.82 -33.32 4.44
CA GLY C 51 -1.49 -32.17 5.02
C GLY C 51 -2.46 -31.60 4.00
N GLU C 52 -3.10 -30.51 4.40
CA GLU C 52 -4.05 -29.87 3.51
C GLU C 52 -3.34 -29.45 2.22
N ILE C 53 -4.07 -29.52 1.11
CA ILE C 53 -3.61 -29.01 -0.18
C ILE C 53 -4.55 -27.89 -0.62
N LEU C 54 -4.01 -26.73 -0.93
CA LEU C 54 -4.84 -25.60 -1.34
C LEU C 54 -4.29 -24.95 -2.60
N GLU C 55 -5.17 -24.23 -3.31
CA GLU C 55 -4.78 -23.49 -4.49
C GLU C 55 -4.39 -22.07 -4.10
N PRO C 56 -3.58 -21.39 -4.92
CA PRO C 56 -3.06 -20.10 -4.50
C PRO C 56 -4.08 -18.99 -4.58
N GLU C 57 -3.88 -17.99 -3.73
CA GLU C 57 -4.54 -16.70 -3.86
C GLU C 57 -3.86 -15.86 -4.94
N GLU C 58 -4.55 -14.81 -5.39
CA GLU C 58 -4.01 -13.87 -6.37
C GLU C 58 -3.48 -12.65 -5.63
N PHE C 59 -2.16 -12.47 -5.69
CA PHE C 59 -1.50 -11.35 -5.03
C PHE C 59 -1.15 -10.22 -5.98
N GLY C 60 -1.33 -10.43 -7.28
CA GLY C 60 -1.01 -9.40 -8.24
C GLY C 60 0.48 -9.28 -8.44
N LEU C 61 0.84 -8.31 -9.28
CA LEU C 61 2.23 -8.12 -9.68
C LEU C 61 3.03 -7.26 -8.71
N GLY C 62 2.38 -6.66 -7.71
CA GLY C 62 3.08 -5.85 -6.74
C GLY C 62 4.22 -6.58 -6.06
N PRO C 63 3.89 -7.68 -5.36
CA PRO C 63 4.96 -8.46 -4.71
C PRO C 63 5.99 -9.02 -5.69
N VAL C 64 5.61 -9.26 -6.94
CA VAL C 64 6.58 -9.72 -7.93
C VAL C 64 7.58 -8.61 -8.23
N LYS C 65 7.08 -7.39 -8.39
CA LYS C 65 7.92 -6.25 -8.73
C LYS C 65 8.71 -5.73 -7.55
N ARG C 66 8.47 -6.28 -6.35
CA ARG C 66 9.38 -6.01 -5.25
C ARG C 66 10.76 -6.62 -5.51
N VAL C 67 10.83 -7.57 -6.45
CA VAL C 67 12.05 -8.29 -6.75
C VAL C 67 12.46 -8.12 -8.22
N HIS C 68 11.49 -8.12 -9.13
CA HIS C 68 11.76 -8.08 -10.56
C HIS C 68 11.47 -6.70 -11.13
N THR C 69 12.19 -6.34 -12.18
CA THR C 69 12.01 -5.01 -12.78
C THR C 69 10.72 -4.98 -13.59
N ALA C 70 10.13 -3.80 -13.67
CA ALA C 70 8.85 -3.67 -14.38
C ALA C 70 8.99 -3.98 -15.87
N ASP C 71 10.14 -3.64 -16.47
CA ASP C 71 10.29 -3.92 -17.90
C ASP C 71 10.37 -5.42 -18.14
N TYR C 72 11.03 -6.14 -17.26
CA TYR C 72 11.10 -7.59 -17.38
C TYR C 72 9.72 -8.23 -17.23
N VAL C 73 8.99 -7.83 -16.18
CA VAL C 73 7.65 -8.36 -15.97
C VAL C 73 6.79 -8.11 -17.20
N SER C 74 6.91 -6.92 -17.80
CA SER C 74 6.12 -6.62 -18.99
C SER C 74 6.54 -7.50 -20.15
N PHE C 75 7.86 -7.72 -20.30
CA PHE C 75 8.37 -8.54 -21.38
C PHE C 75 7.82 -9.97 -21.31
N LEU C 76 7.82 -10.58 -20.12
CA LEU C 76 7.32 -11.95 -20.04
C LEU C 76 5.84 -12.01 -20.40
N GLU C 77 5.09 -10.93 -20.17
CA GLU C 77 3.66 -10.95 -20.53
C GLU C 77 3.46 -10.92 -22.04
N THR C 78 4.26 -10.13 -22.76
CA THR C 78 4.03 -9.93 -24.18
C THR C 78 4.93 -10.77 -25.07
N CYS C 79 5.94 -11.45 -24.50
CA CYS C 79 6.98 -12.06 -25.32
C CYS C 79 6.40 -12.97 -26.39
N TRP C 80 5.52 -13.88 -25.99
CA TRP C 80 4.99 -14.86 -26.94
C TRP C 80 4.18 -14.16 -28.04
N ASP C 81 3.32 -13.21 -27.67
CA ASP C 81 2.58 -12.48 -28.69
C ASP C 81 3.51 -11.77 -29.66
N GLU C 82 4.56 -11.11 -29.14
CA GLU C 82 5.49 -10.39 -30.01
C GLU C 82 6.20 -11.34 -30.96
N TRP C 83 6.55 -12.53 -30.47
CA TRP C 83 7.30 -13.50 -31.26
C TRP C 83 6.46 -14.04 -32.40
N VAL C 84 5.23 -14.46 -32.11
CA VAL C 84 4.32 -14.90 -33.16
C VAL C 84 4.09 -13.79 -34.17
N ALA C 85 3.90 -12.55 -33.68
CA ALA C 85 3.57 -11.44 -34.57
C ALA C 85 4.73 -11.09 -35.49
N ALA C 86 5.96 -11.31 -35.03
CA ALA C 86 7.11 -11.11 -35.90
C ALA C 86 7.29 -12.25 -36.90
N GLY C 87 6.44 -13.26 -36.87
CA GLY C 87 6.46 -14.31 -37.88
C GLY C 87 7.30 -15.52 -37.57
N LYS C 88 7.83 -15.65 -36.35
CA LYS C 88 8.65 -16.82 -36.02
C LYS C 88 7.76 -18.04 -35.89
N ARG C 89 8.28 -19.20 -36.30
CA ARG C 89 7.46 -20.39 -36.43
C ARG C 89 7.68 -21.40 -35.32
N GLY C 90 8.74 -21.27 -34.54
CA GLY C 90 9.02 -22.18 -33.45
C GLY C 90 8.64 -21.59 -32.11
N GLU C 91 9.05 -22.28 -31.05
CA GLU C 91 8.85 -21.67 -29.74
C GLU C 91 9.82 -20.50 -29.60
N ALA C 92 9.57 -19.64 -28.62
CA ALA C 92 10.41 -18.46 -28.45
C ALA C 92 11.68 -18.87 -27.71
N ILE C 93 12.81 -18.81 -28.44
CA ILE C 93 14.15 -19.19 -27.96
C ILE C 93 15.11 -18.08 -28.35
N PRO C 94 15.96 -17.60 -27.44
CA PRO C 94 16.92 -16.55 -27.83
C PRO C 94 17.94 -17.08 -28.82
N THR C 95 18.32 -16.23 -29.79
CA THR C 95 19.35 -16.56 -30.80
C THR C 95 20.61 -15.72 -30.64
N PHE C 96 20.50 -14.53 -30.07
CA PHE C 96 21.57 -13.56 -29.91
C PHE C 96 21.47 -12.95 -28.52
N TRP C 97 22.61 -12.51 -27.99
CA TRP C 97 22.59 -11.90 -26.66
C TRP C 97 23.69 -10.84 -26.57
N VAL C 98 23.81 -10.24 -25.40
CA VAL C 98 24.84 -9.23 -25.19
C VAL C 98 26.17 -9.92 -24.95
N GLY C 99 26.93 -10.10 -26.03
CA GLY C 99 28.24 -10.72 -25.91
C GLY C 99 29.22 -9.83 -25.18
N ARG C 100 30.31 -10.44 -24.73
CA ARG C 100 31.38 -9.67 -24.14
C ARG C 100 31.87 -8.62 -25.14
N GLY C 101 31.93 -7.37 -24.69
CA GLY C 101 32.28 -6.25 -25.55
C GLY C 101 31.10 -5.47 -26.08
N MET C 102 29.88 -5.97 -25.90
CA MET C 102 28.68 -5.32 -26.41
C MET C 102 28.01 -4.52 -25.32
N ARG C 103 27.04 -3.69 -25.72
CA ARG C 103 26.36 -2.81 -24.80
C ARG C 103 25.14 -3.51 -24.19
N ALA C 104 25.01 -3.42 -22.86
CA ALA C 104 23.80 -3.87 -22.18
C ALA C 104 22.69 -2.84 -22.40
N ARG C 105 22.17 -2.83 -23.62
CA ARG C 105 21.18 -1.84 -24.06
C ARG C 105 19.96 -2.55 -24.60
N LEU C 106 18.77 -2.16 -24.12
CA LEU C 106 17.53 -2.83 -24.54
C LEU C 106 17.14 -2.40 -25.94
N PRO C 107 17.07 -3.32 -26.91
CA PRO C 107 16.65 -2.91 -28.27
C PRO C 107 15.16 -3.04 -28.46
N LYS C 108 14.68 -2.71 -29.67
CA LYS C 108 13.25 -2.73 -29.96
C LYS C 108 12.77 -4.10 -30.45
N ASP C 109 13.55 -4.77 -31.29
CA ASP C 109 13.13 -6.02 -31.91
C ASP C 109 13.01 -7.14 -30.89
N ILE C 110 12.08 -8.09 -31.16
CA ILE C 110 11.77 -9.14 -30.18
C ILE C 110 12.98 -10.06 -29.98
N ASP C 111 13.73 -10.37 -31.05
CA ASP C 111 14.93 -11.17 -30.88
C ASP C 111 15.92 -10.51 -29.93
N GLY C 112 16.11 -9.19 -30.09
CA GLY C 112 17.03 -8.49 -29.21
C GLY C 112 16.55 -8.42 -27.78
N ARG C 113 15.24 -8.22 -27.59
CA ARG C 113 14.66 -8.25 -26.24
C ARG C 113 14.84 -9.63 -25.61
N LEU C 114 14.50 -10.68 -26.35
CA LEU C 114 14.69 -12.05 -25.85
C LEU C 114 16.10 -12.26 -25.34
N GLY C 115 17.11 -11.87 -26.12
CA GLY C 115 18.48 -12.09 -25.68
C GLY C 115 18.88 -11.19 -24.53
N TYR C 116 18.42 -9.94 -24.54
CA TYR C 116 18.74 -9.03 -23.44
C TYR C 116 18.24 -9.58 -22.12
N TYR C 117 17.08 -10.21 -22.13
CA TYR C 117 16.47 -10.70 -20.90
C TYR C 117 16.84 -12.15 -20.56
N SER C 118 17.85 -12.73 -21.20
CA SER C 118 18.08 -14.16 -21.06
C SER C 118 19.52 -14.45 -20.68
N LEU C 119 19.73 -15.64 -20.11
CA LEU C 119 21.07 -16.15 -19.89
C LEU C 119 21.27 -17.51 -20.54
N GLY C 120 20.30 -18.00 -21.29
CA GLY C 120 20.41 -19.32 -21.90
C GLY C 120 19.29 -19.55 -22.89
N ALA C 121 19.49 -20.57 -23.72
CA ALA C 121 18.58 -20.92 -24.81
C ALA C 121 17.82 -22.21 -24.56
N ASP C 122 17.92 -22.78 -23.38
CA ASP C 122 17.24 -24.04 -23.11
C ASP C 122 15.87 -23.84 -22.49
N THR C 123 15.39 -22.61 -22.42
CA THR C 123 14.16 -22.28 -21.68
C THR C 123 13.17 -21.65 -22.64
N SER C 124 12.58 -22.48 -23.51
CA SER C 124 11.64 -21.96 -24.50
C SER C 124 10.46 -21.30 -23.81
N ILE C 125 9.88 -20.30 -24.47
CA ILE C 125 8.66 -19.62 -24.03
C ILE C 125 7.58 -19.90 -25.07
N SER C 126 6.37 -20.21 -24.60
CA SER C 126 5.24 -20.33 -25.53
C SER C 126 3.99 -19.83 -24.82
N ASP C 127 2.83 -20.09 -25.41
CA ASP C 127 1.60 -19.62 -24.80
C ASP C 127 1.36 -20.31 -23.47
N GLY C 128 0.92 -19.55 -22.47
CA GLY C 128 0.69 -20.08 -21.14
C GLY C 128 1.88 -20.01 -20.22
N THR C 129 3.07 -19.71 -20.76
CA THR C 129 4.23 -19.59 -19.88
C THR C 129 4.05 -18.45 -18.90
N TRP C 130 3.54 -17.32 -19.38
CA TRP C 130 3.25 -16.18 -18.52
C TRP C 130 2.26 -16.56 -17.42
N GLU C 131 1.15 -17.20 -17.80
CA GLU C 131 0.12 -17.58 -16.84
C GLU C 131 0.68 -18.52 -15.77
N ALA C 132 1.45 -19.52 -16.19
CA ALA C 132 2.03 -20.47 -15.25
C ALA C 132 3.04 -19.81 -14.32
N ALA C 133 3.89 -18.94 -14.87
CA ALA C 133 4.85 -18.24 -14.04
C ALA C 133 4.17 -17.35 -13.02
N ARG C 134 3.07 -16.68 -13.42
CA ARG C 134 2.29 -15.90 -12.46
C ARG C 134 1.69 -16.78 -11.38
N ALA C 135 1.12 -17.93 -11.76
CA ALA C 135 0.54 -18.83 -10.76
C ALA C 135 1.60 -19.36 -9.82
N SER C 136 2.80 -19.64 -10.34
CA SER C 136 3.84 -20.23 -9.51
C SER C 136 4.30 -19.24 -8.45
N ALA C 137 4.43 -17.96 -8.81
CA ALA C 137 4.73 -16.94 -7.83
C ALA C 137 3.63 -16.83 -6.80
N ASN C 138 2.37 -16.85 -7.25
CA ASN C 138 1.24 -16.83 -6.30
C ASN C 138 1.24 -18.06 -5.39
N VAL C 139 1.70 -19.21 -5.88
CA VAL C 139 1.86 -20.37 -5.01
C VAL C 139 2.85 -20.06 -3.89
N ALA C 140 4.00 -19.48 -4.24
CA ALA C 140 5.00 -19.17 -3.23
C ALA C 140 4.49 -18.12 -2.25
N LEU C 141 3.73 -17.14 -2.76
CA LEU C 141 3.21 -16.10 -1.87
C LEU C 141 2.12 -16.63 -0.96
N THR C 142 1.32 -17.57 -1.44
CA THR C 142 0.29 -18.18 -0.58
C THR C 142 0.94 -18.99 0.53
N ALA C 143 2.02 -19.71 0.21
CA ALA C 143 2.74 -20.44 1.23
C ALA C 143 3.33 -19.50 2.26
N GLN C 144 3.86 -18.35 1.81
CA GLN C 144 4.42 -17.37 2.74
C GLN C 144 3.34 -16.84 3.67
N LYS C 145 2.16 -16.55 3.11
CA LYS C 145 1.05 -16.06 3.93
C LYS C 145 0.63 -17.09 4.98
N LEU C 146 0.54 -18.37 4.59
CA LEU C 146 0.22 -19.43 5.55
C LEU C 146 1.18 -19.42 6.73
N VAL C 147 2.48 -19.30 6.44
CA VAL C 147 3.46 -19.26 7.51
C VAL C 147 3.33 -17.99 8.32
N ALA C 148 3.17 -16.85 7.65
CA ALA C 148 3.08 -15.58 8.35
C ALA C 148 1.87 -15.53 9.28
N GLU C 149 0.79 -16.20 8.90
CA GLU C 149 -0.41 -16.25 9.72
C GLU C 149 -0.42 -17.44 10.70
N GLY C 150 0.70 -18.14 10.88
CA GLY C 150 0.76 -19.07 11.99
C GLY C 150 1.30 -20.46 11.73
N GLU C 151 1.32 -20.91 10.48
CA GLU C 151 1.88 -22.23 10.19
C GLU C 151 3.38 -22.24 10.45
N ARG C 152 3.89 -23.36 10.96
CA ARG C 152 5.34 -23.48 11.15
C ARG C 152 6.04 -23.49 9.80
N ALA C 153 5.45 -24.15 8.81
CA ALA C 153 6.06 -24.29 7.50
C ALA C 153 4.96 -24.53 6.49
N ALA C 154 5.33 -24.41 5.21
CA ALA C 154 4.41 -24.68 4.13
C ALA C 154 5.23 -24.99 2.89
N PHE C 155 4.68 -25.86 2.05
CA PHE C 155 5.34 -26.35 0.86
C PHE C 155 4.70 -25.70 -0.36
N ALA C 156 5.44 -24.80 -1.02
CA ALA C 156 4.99 -24.16 -2.24
C ALA C 156 5.43 -25.06 -3.40
N LEU C 157 4.49 -25.79 -3.97
CA LEU C 157 4.78 -26.73 -5.04
C LEU C 157 4.80 -25.95 -6.36
N CYS C 158 5.87 -25.19 -6.51
CA CYS C 158 6.02 -24.26 -7.63
C CYS C 158 6.43 -24.98 -8.90
N ARG C 159 5.80 -24.60 -10.01
CA ARG C 159 6.22 -24.97 -11.35
C ARG C 159 5.68 -23.93 -12.32
N PRO C 160 6.52 -23.21 -13.07
CA PRO C 160 7.99 -23.35 -13.18
C PRO C 160 8.77 -23.00 -11.91
N PRO C 161 10.03 -23.50 -11.81
CA PRO C 161 10.91 -23.13 -10.70
C PRO C 161 11.39 -21.69 -10.82
N GLY C 162 12.20 -21.23 -9.87
CA GLY C 162 12.48 -19.80 -9.83
C GLY C 162 13.91 -19.34 -9.59
N HIS C 163 14.78 -20.17 -9.02
CA HIS C 163 15.97 -19.65 -8.36
C HIS C 163 17.05 -19.14 -9.31
N HIS C 164 16.96 -19.42 -10.62
CA HIS C 164 17.91 -18.84 -11.57
C HIS C 164 17.52 -17.47 -12.08
N ALA C 165 16.31 -17.01 -11.81
CA ALA C 165 15.84 -15.75 -12.39
C ALA C 165 16.42 -14.56 -11.62
N HIS C 166 17.13 -13.67 -12.32
CA HIS C 166 17.58 -12.41 -11.75
C HIS C 166 16.41 -11.45 -11.71
N ALA C 167 16.66 -10.20 -11.26
CA ALA C 167 15.60 -9.20 -11.31
C ALA C 167 15.06 -9.02 -12.72
N ASP C 168 15.93 -9.14 -13.73
CA ASP C 168 15.51 -8.95 -15.10
C ASP C 168 16.18 -9.92 -16.07
N VAL C 169 16.43 -11.16 -15.65
CA VAL C 169 16.98 -12.19 -16.53
C VAL C 169 16.26 -13.51 -16.24
N PHE C 170 15.79 -14.20 -17.28
CA PHE C 170 15.21 -15.54 -17.17
C PHE C 170 16.16 -16.59 -17.73
N GLY C 171 15.95 -17.84 -17.35
CA GLY C 171 16.77 -18.95 -17.81
C GLY C 171 16.79 -20.08 -16.80
N GLY C 172 17.49 -21.14 -17.17
CA GLY C 172 17.52 -22.32 -16.31
C GLY C 172 16.14 -22.78 -15.91
N TYR C 173 15.16 -22.64 -16.81
CA TYR C 173 13.77 -23.06 -16.65
C TYR C 173 12.99 -22.15 -15.72
N CYS C 174 13.54 -20.98 -15.36
CA CYS C 174 12.98 -20.08 -14.35
C CYS C 174 12.61 -18.74 -14.96
N PHE C 175 11.54 -18.15 -14.44
CA PHE C 175 11.05 -16.86 -14.93
C PHE C 175 10.90 -15.86 -13.78
N PHE C 176 10.13 -16.21 -12.76
CA PHE C 176 10.00 -15.40 -11.56
C PHE C 176 10.70 -16.12 -10.42
N ASN C 177 11.44 -15.38 -9.60
CA ASN C 177 12.22 -16.02 -8.55
C ASN C 177 11.34 -16.19 -7.32
N ASN C 178 10.64 -17.33 -7.29
CA ASN C 178 9.64 -17.58 -6.26
C ASN C 178 10.21 -17.46 -4.85
N ALA C 179 11.39 -18.05 -4.62
CA ALA C 179 12.03 -17.95 -3.32
C ALA C 179 12.30 -16.51 -2.93
N ALA C 180 12.87 -15.72 -3.85
CA ALA C 180 13.17 -14.32 -3.55
C ALA C 180 11.89 -13.53 -3.28
N ILE C 181 10.83 -13.81 -4.05
CA ILE C 181 9.56 -13.12 -3.87
C ILE C 181 9.00 -13.43 -2.48
N ALA C 182 9.11 -14.69 -2.05
CA ALA C 182 8.65 -15.06 -0.71
C ALA C 182 9.51 -14.41 0.36
N ALA C 183 10.83 -14.40 0.18
CA ALA C 183 11.72 -13.75 1.14
C ALA C 183 11.39 -12.26 1.27
N GLN C 184 11.25 -11.57 0.12
CA GLN C 184 10.92 -10.14 0.13
C GLN C 184 9.54 -9.88 0.74
N ALA C 185 8.60 -10.82 0.59
CA ALA C 185 7.30 -10.66 1.23
C ALA C 185 7.43 -10.71 2.75
N PHE C 186 8.28 -11.61 3.27
CA PHE C 186 8.55 -11.61 4.70
C PHE C 186 9.08 -10.26 5.15
N ARG C 187 10.03 -9.70 4.40
CA ARG C 187 10.62 -8.42 4.79
C ARG C 187 9.58 -7.31 4.77
N ASP C 188 8.71 -7.31 3.77
CA ASP C 188 7.70 -6.26 3.65
C ASP C 188 6.61 -6.39 4.71
N GLN C 189 6.52 -7.54 5.38
CA GLN C 189 5.60 -7.74 6.49
C GLN C 189 6.28 -7.63 7.84
N GLY C 190 7.40 -6.92 7.92
CA GLY C 190 8.04 -6.64 9.18
C GLY C 190 8.95 -7.72 9.74
N TYR C 191 9.19 -8.80 9.00
CA TYR C 191 10.23 -9.74 9.38
C TYR C 191 11.59 -9.08 9.12
N GLY C 192 12.39 -8.91 10.18
CA GLY C 192 13.57 -8.07 10.06
C GLY C 192 14.66 -8.66 9.18
N LYS C 193 14.91 -9.96 9.33
CA LYS C 193 15.95 -10.68 8.61
C LYS C 193 15.36 -11.95 8.03
N VAL C 194 15.80 -12.33 6.83
CA VAL C 194 15.37 -13.56 6.18
C VAL C 194 16.60 -14.25 5.64
N ALA C 195 16.61 -15.58 5.70
CA ALA C 195 17.65 -16.38 5.07
C ALA C 195 17.03 -17.20 3.95
N VAL C 196 17.70 -17.27 2.80
CA VAL C 196 17.28 -18.14 1.71
C VAL C 196 18.38 -19.17 1.51
N LEU C 197 18.05 -20.43 1.77
CA LEU C 197 18.98 -21.56 1.67
C LEU C 197 18.61 -22.39 0.46
N ASP C 198 19.55 -22.53 -0.48
CA ASP C 198 19.29 -23.12 -1.78
C ASP C 198 19.96 -24.50 -1.83
N VAL C 199 19.17 -25.57 -1.74
CA VAL C 199 19.73 -26.93 -1.74
C VAL C 199 19.53 -27.65 -3.06
N ASP C 200 18.92 -26.99 -4.06
CA ASP C 200 18.93 -27.50 -5.41
C ASP C 200 20.38 -27.72 -5.86
N PHE C 201 20.57 -28.71 -6.75
CA PHE C 201 21.91 -29.06 -7.23
C PHE C 201 22.62 -27.87 -7.89
N HIS C 202 21.87 -26.96 -8.48
CA HIS C 202 22.42 -25.82 -9.20
C HIS C 202 22.49 -24.59 -8.31
N HIS C 203 23.45 -23.72 -8.62
CA HIS C 203 23.57 -22.43 -7.93
C HIS C 203 22.31 -21.61 -8.12
N GLY C 204 21.78 -21.06 -7.03
CA GLY C 204 20.72 -20.08 -7.13
C GLY C 204 21.24 -18.70 -7.49
N ASN C 205 21.73 -18.54 -8.71
CA ASN C 205 22.35 -17.27 -9.10
C ASN C 205 21.36 -16.12 -9.08
N GLY C 206 20.10 -16.40 -9.42
CA GLY C 206 19.09 -15.33 -9.40
C GLY C 206 18.90 -14.77 -8.00
N THR C 207 18.76 -15.66 -7.01
CA THR C 207 18.59 -15.22 -5.63
C THR C 207 19.82 -14.47 -5.15
N GLN C 208 21.01 -15.01 -5.45
CA GLN C 208 22.25 -14.34 -5.07
C GLN C 208 22.30 -12.92 -5.62
N ALA C 209 21.98 -12.73 -6.91
CA ALA C 209 22.07 -11.41 -7.51
C ALA C 209 21.05 -10.45 -6.94
N ILE C 210 19.82 -10.92 -6.72
CA ILE C 210 18.74 -10.04 -6.29
C ILE C 210 19.08 -9.39 -4.95
N PHE C 211 19.70 -10.15 -4.04
CA PHE C 211 20.03 -9.64 -2.71
C PHE C 211 21.50 -9.35 -2.51
N TYR C 212 22.30 -9.29 -3.59
CA TYR C 212 23.75 -9.37 -3.44
C TYR C 212 24.33 -8.20 -2.64
N ASP C 213 23.70 -7.02 -2.68
CA ASP C 213 24.22 -5.88 -1.94
C ASP C 213 23.42 -5.59 -0.66
N ARG C 214 22.79 -6.61 -0.09
CA ARG C 214 21.93 -6.42 1.07
C ARG C 214 22.37 -7.32 2.21
N SER C 215 22.29 -6.77 3.43
CA SER C 215 22.58 -7.50 4.65
C SER C 215 21.33 -8.01 5.38
N ASP C 216 20.13 -7.61 4.93
CA ASP C 216 18.91 -8.08 5.57
C ASP C 216 18.40 -9.40 5.03
N VAL C 217 18.94 -9.88 3.90
CA VAL C 217 18.59 -11.18 3.35
C VAL C 217 19.90 -11.93 3.13
N LEU C 218 20.12 -12.98 3.92
CA LEU C 218 21.28 -13.84 3.77
C LEU C 218 20.96 -14.93 2.75
N THR C 219 21.80 -15.05 1.72
CA THR C 219 21.60 -16.06 0.70
C THR C 219 22.73 -17.09 0.74
N ILE C 220 22.34 -18.37 0.76
CA ILE C 220 23.30 -19.47 0.78
C ILE C 220 22.88 -20.52 -0.23
N SER C 221 23.85 -21.03 -1.00
CA SER C 221 23.58 -22.08 -1.97
C SER C 221 24.66 -23.15 -1.90
N LEU C 222 24.23 -24.40 -1.88
CA LEU C 222 25.08 -25.57 -2.13
C LEU C 222 24.83 -26.03 -3.56
N HIS C 223 25.91 -26.36 -4.28
CA HIS C 223 25.67 -26.70 -5.69
C HIS C 223 26.90 -27.34 -6.32
N GLY C 224 26.66 -27.95 -7.49
CA GLY C 224 27.78 -28.43 -8.29
C GLY C 224 28.65 -27.28 -8.78
N ASP C 225 29.94 -27.55 -8.85
CA ASP C 225 30.97 -26.63 -9.35
C ASP C 225 30.55 -25.96 -10.67
N PRO C 226 30.33 -24.64 -10.66
CA PRO C 226 29.96 -23.97 -11.92
C PRO C 226 31.07 -23.98 -12.95
N ASP C 227 32.32 -24.28 -12.57
CA ASP C 227 33.32 -24.55 -13.61
C ASP C 227 32.87 -25.69 -14.51
N LEU C 228 32.04 -26.60 -13.96
CA LEU C 228 31.63 -27.82 -14.66
C LEU C 228 30.18 -27.81 -15.13
N VAL C 229 29.28 -27.10 -14.45
CA VAL C 229 27.86 -27.17 -14.76
C VAL C 229 27.24 -25.78 -14.73
N PHE C 230 26.04 -25.72 -15.31
CA PHE C 230 25.20 -24.53 -15.25
C PHE C 230 25.07 -24.05 -13.81
N PRO C 231 25.10 -22.73 -13.55
CA PRO C 231 25.08 -21.64 -14.53
C PRO C 231 26.45 -21.14 -15.01
N HIS C 232 27.54 -21.78 -14.58
CA HIS C 232 28.87 -21.56 -15.15
C HIS C 232 29.53 -20.22 -14.79
N PHE C 233 28.77 -19.12 -14.77
CA PHE C 233 29.37 -17.80 -14.67
C PHE C 233 29.02 -17.08 -13.38
N LEU C 234 28.32 -17.75 -12.48
CA LEU C 234 28.17 -17.31 -11.10
C LEU C 234 28.16 -18.57 -10.25
N GLY C 235 28.29 -18.39 -8.93
CA GLY C 235 28.24 -19.51 -8.02
C GLY C 235 29.57 -19.93 -7.41
N PHE C 236 30.65 -19.20 -7.67
CA PHE C 236 31.94 -19.57 -7.11
C PHE C 236 32.07 -19.07 -5.67
N GLU C 237 32.98 -19.70 -4.94
CA GLU C 237 33.04 -19.47 -3.50
C GLU C 237 33.59 -18.09 -3.16
N ASP C 238 34.30 -17.43 -4.07
CA ASP C 238 34.77 -16.08 -3.80
C ASP C 238 33.68 -15.02 -3.93
N GLU C 239 32.44 -15.39 -4.24
CA GLU C 239 31.35 -14.43 -4.37
C GLU C 239 30.64 -14.33 -3.02
N THR C 240 31.04 -13.34 -2.21
CA THR C 240 30.57 -13.22 -0.84
C THR C 240 29.66 -12.01 -0.61
N GLY C 241 29.31 -11.28 -1.67
CA GLY C 241 28.49 -10.08 -1.55
C GLY C 241 29.24 -8.82 -1.92
N GLU C 242 28.51 -7.71 -1.93
CA GLU C 242 29.07 -6.41 -2.27
C GLU C 242 28.39 -5.33 -1.43
N GLY C 243 29.15 -4.26 -1.15
CA GLY C 243 28.62 -3.18 -0.33
C GLY C 243 28.21 -3.68 1.04
N ASP C 244 27.03 -3.22 1.49
CA ASP C 244 26.49 -3.68 2.77
C ASP C 244 26.26 -5.18 2.80
N GLY C 245 26.09 -5.81 1.63
CA GLY C 245 25.88 -7.24 1.53
C GLY C 245 27.14 -8.07 1.57
N GLU C 246 28.30 -7.43 1.69
CA GLU C 246 29.54 -8.16 1.91
C GLU C 246 29.39 -9.08 3.11
N ALA C 247 29.70 -10.36 2.90
CA ALA C 247 29.60 -11.49 3.85
C ALA C 247 28.17 -11.96 4.09
N TYR C 248 27.19 -11.54 3.29
CA TYR C 248 25.83 -12.03 3.42
C TYR C 248 25.39 -12.86 2.21
N ASN C 249 26.36 -13.40 1.46
CA ASN C 249 26.17 -14.43 0.45
C ASN C 249 27.23 -15.49 0.63
N LEU C 250 26.84 -16.76 0.50
CA LEU C 250 27.77 -17.85 0.70
C LEU C 250 27.48 -18.94 -0.30
N ASN C 251 28.47 -19.25 -1.15
CA ASN C 251 28.41 -20.37 -2.08
C ASN C 251 29.29 -21.50 -1.58
N ILE C 252 28.73 -22.71 -1.61
CA ILE C 252 29.42 -23.93 -1.18
C ILE C 252 29.37 -24.90 -2.35
N VAL C 253 30.52 -25.11 -2.98
CA VAL C 253 30.65 -25.84 -4.24
C VAL C 253 31.08 -27.28 -3.98
N PHE C 254 30.57 -28.21 -4.79
CA PHE C 254 30.98 -29.61 -4.68
C PHE C 254 31.28 -30.20 -6.06
N PRO C 255 32.21 -31.15 -6.12
CA PRO C 255 32.60 -31.76 -7.40
C PRO C 255 31.69 -32.93 -7.75
N PRO C 256 31.90 -33.57 -8.90
CA PRO C 256 31.05 -34.72 -9.27
C PRO C 256 31.17 -35.88 -8.29
N ASP C 257 30.08 -36.65 -8.21
CA ASP C 257 29.92 -37.84 -7.38
C ASP C 257 29.90 -37.55 -5.89
N THR C 258 29.63 -36.30 -5.51
CA THR C 258 29.58 -35.98 -4.09
C THR C 258 28.40 -36.69 -3.45
N PRO C 259 28.60 -37.44 -2.36
CA PRO C 259 27.49 -38.09 -1.67
C PRO C 259 27.00 -37.30 -0.49
N PHE C 260 25.93 -37.78 0.15
CA PHE C 260 25.37 -37.07 1.29
C PHE C 260 26.39 -36.94 2.42
N SER C 261 27.25 -37.95 2.60
CA SER C 261 28.25 -37.90 3.68
C SER C 261 29.13 -36.67 3.56
N ILE C 262 29.36 -36.19 2.34
CA ILE C 262 30.15 -34.98 2.11
C ILE C 262 29.26 -33.75 1.97
N TRP C 263 28.20 -33.88 1.17
CA TRP C 263 27.26 -32.78 0.97
C TRP C 263 26.71 -32.26 2.29
N SER C 264 26.39 -33.17 3.23
CA SER C 264 25.83 -32.77 4.51
C SER C 264 26.80 -31.95 5.35
N GLN C 265 28.11 -32.10 5.12
CA GLN C 265 29.06 -31.21 5.79
C GLN C 265 28.88 -29.77 5.32
N GLY C 266 28.58 -29.57 4.04
CA GLY C 266 28.25 -28.24 3.57
C GLY C 266 26.92 -27.76 4.13
N LEU C 267 25.93 -28.64 4.20
CA LEU C 267 24.68 -28.32 4.86
C LEU C 267 24.93 -27.84 6.28
N GLU C 268 25.82 -28.53 7.01
CA GLU C 268 26.09 -28.13 8.38
C GLU C 268 26.68 -26.71 8.44
N LYS C 269 27.65 -26.39 7.57
CA LYS C 269 28.20 -25.05 7.54
C LYS C 269 27.15 -24.00 7.20
N ALA C 270 26.27 -24.30 6.25
CA ALA C 270 25.19 -23.37 5.93
C ALA C 270 24.26 -23.15 7.13
N CYS C 271 23.91 -24.23 7.83
CA CYS C 271 23.02 -24.11 8.98
C CYS C 271 23.66 -23.31 10.11
N GLU C 272 24.96 -23.49 10.33
CA GLU C 272 25.65 -22.67 11.32
C GLU C 272 25.62 -21.20 10.93
N ARG C 273 25.83 -20.92 9.64
N ARG C 273 25.83 -20.92 9.64
CA ARG C 273 25.80 -19.54 9.16
CA ARG C 273 25.80 -19.55 9.14
C ARG C 273 24.42 -18.92 9.37
C ARG C 273 24.43 -18.91 9.32
N ILE C 274 23.37 -19.68 9.09
CA ILE C 274 22.02 -19.16 9.30
C ILE C 274 21.75 -18.95 10.78
N ARG C 275 22.17 -19.91 11.60
CA ARG C 275 22.01 -19.80 13.05
C ARG C 275 22.59 -18.48 13.57
N THR C 276 23.80 -18.15 13.14
N THR C 276 23.79 -18.13 13.12
CA THR C 276 24.44 -16.90 13.57
CA THR C 276 24.43 -16.90 13.59
C THR C 276 23.71 -15.67 13.04
C THR C 276 23.74 -15.67 13.03
N PHE C 277 23.25 -15.73 11.79
CA PHE C 277 22.50 -14.62 11.22
C PHE C 277 21.22 -14.35 12.02
N ALA C 278 20.67 -15.40 12.63
CA ALA C 278 19.46 -15.36 13.45
C ALA C 278 18.30 -14.73 12.70
N PRO C 279 17.88 -15.32 11.58
CA PRO C 279 16.79 -14.72 10.81
C PRO C 279 15.45 -14.88 11.50
N ASP C 280 14.48 -14.09 11.03
CA ASP C 280 13.10 -14.21 11.49
C ASP C 280 12.28 -15.16 10.63
N ALA C 281 12.73 -15.45 9.42
CA ALA C 281 12.09 -16.45 8.56
C ALA C 281 13.14 -17.12 7.69
N LEU C 282 12.83 -18.34 7.25
CA LEU C 282 13.67 -19.10 6.33
C LEU C 282 12.88 -19.44 5.07
N VAL C 283 13.51 -19.28 3.91
CA VAL C 283 12.98 -19.82 2.65
C VAL C 283 13.98 -20.86 2.17
N VAL C 284 13.49 -22.05 1.84
CA VAL C 284 14.33 -23.12 1.31
C VAL C 284 13.97 -23.30 -0.14
N ALA C 285 14.91 -22.99 -1.03
CA ALA C 285 14.78 -23.29 -2.45
C ALA C 285 15.14 -24.76 -2.64
N LEU C 286 14.13 -25.62 -2.77
CA LEU C 286 14.29 -27.07 -2.70
C LEU C 286 14.30 -27.67 -4.12
N GLY C 287 15.46 -28.16 -4.54
CA GLY C 287 15.56 -29.04 -5.70
C GLY C 287 15.97 -30.43 -5.23
N VAL C 288 15.43 -31.45 -5.90
CA VAL C 288 15.86 -32.82 -5.62
C VAL C 288 16.65 -33.34 -6.81
N ASP C 289 17.26 -32.44 -7.57
CA ASP C 289 18.20 -32.90 -8.58
C ASP C 289 19.56 -33.26 -7.99
N THR C 290 19.69 -33.21 -6.66
CA THR C 290 20.85 -33.76 -5.97
C THR C 290 20.81 -35.28 -5.90
N PHE C 291 19.77 -35.89 -6.45
CA PHE C 291 19.48 -37.31 -6.34
C PHE C 291 20.39 -38.15 -7.23
N GLU C 292 20.74 -39.34 -6.75
CA GLU C 292 21.72 -40.19 -7.43
C GLU C 292 21.28 -40.60 -8.82
N GLU C 293 19.98 -40.51 -9.15
CA GLU C 293 19.51 -40.88 -10.49
C GLU C 293 19.13 -39.67 -11.33
N ASP C 294 19.43 -38.46 -10.91
CA ASP C 294 18.99 -37.31 -11.67
C ASP C 294 19.69 -37.26 -13.03
N PRO C 295 18.95 -37.03 -14.12
CA PRO C 295 19.55 -37.17 -15.47
C PRO C 295 20.45 -36.02 -15.91
N ILE C 296 20.46 -34.89 -15.20
CA ILE C 296 21.27 -33.76 -15.65
C ILE C 296 22.22 -33.26 -14.57
N SER C 297 22.45 -34.06 -13.51
CA SER C 297 23.20 -33.61 -12.35
C SER C 297 24.15 -34.72 -11.87
N PHE C 298 25.07 -34.38 -10.96
CA PHE C 298 26.06 -35.38 -10.61
C PHE C 298 26.31 -35.54 -9.11
N PHE C 299 25.29 -35.34 -8.27
CA PHE C 299 25.41 -35.74 -6.88
C PHE C 299 24.78 -37.11 -6.68
N LYS C 300 25.00 -37.69 -5.48
CA LYS C 300 24.64 -39.07 -5.19
C LYS C 300 23.77 -39.21 -3.93
N LEU C 301 22.94 -38.22 -3.63
CA LEU C 301 21.99 -38.36 -2.53
C LEU C 301 21.00 -39.49 -2.82
N THR C 302 20.65 -40.25 -1.78
CA THR C 302 19.61 -41.26 -1.86
C THR C 302 18.25 -40.68 -1.46
N SER C 303 17.18 -41.43 -1.73
CA SER C 303 15.86 -41.00 -1.32
C SER C 303 15.78 -40.86 0.19
N GLY C 304 16.41 -41.78 0.93
CA GLY C 304 16.45 -41.65 2.38
C GLY C 304 17.14 -40.39 2.87
N ASP C 305 18.14 -39.91 2.13
CA ASP C 305 18.85 -38.70 2.56
C ASP C 305 17.95 -37.48 2.60
N TYR C 306 16.86 -37.47 1.82
CA TYR C 306 15.96 -36.34 1.86
C TYR C 306 15.21 -36.29 3.19
N LEU C 307 14.94 -37.45 3.79
CA LEU C 307 14.38 -37.46 5.14
C LEU C 307 15.35 -36.80 6.10
N LYS C 308 16.63 -37.14 6.00
CA LYS C 308 17.63 -36.51 6.87
C LYS C 308 17.73 -35.01 6.61
N LEU C 309 17.64 -34.61 5.35
CA LEU C 309 17.65 -33.18 5.03
C LEU C 309 16.54 -32.44 5.75
N GLY C 310 15.30 -32.90 5.58
CA GLY C 310 14.18 -32.24 6.24
C GLY C 310 14.37 -32.14 7.75
N LYS C 311 14.85 -33.21 8.38
CA LYS C 311 15.06 -33.21 9.81
C LYS C 311 16.04 -32.10 10.21
N ARG C 312 17.18 -32.01 9.52
CA ARG C 312 18.18 -31.00 9.83
C ARG C 312 17.63 -29.60 9.62
N LEU C 313 16.82 -29.42 8.56
CA LEU C 313 16.21 -28.10 8.32
C LEU C 313 15.27 -27.70 9.45
N GLU C 314 14.48 -28.64 9.96
CA GLU C 314 13.56 -28.32 11.05
C GLU C 314 14.32 -27.85 12.29
N GLN C 315 15.50 -28.43 12.55
CA GLN C 315 16.27 -28.09 13.75
C GLN C 315 16.73 -26.65 13.77
N LEU C 316 16.65 -25.92 12.65
CA LEU C 316 16.92 -24.48 12.70
C LEU C 316 15.87 -23.73 13.51
N GLY C 317 14.69 -24.32 13.70
CA GLY C 317 13.65 -23.70 14.49
C GLY C 317 13.05 -22.44 13.93
N LEU C 318 12.95 -22.33 12.60
CA LEU C 318 12.50 -21.11 11.97
C LEU C 318 11.16 -21.31 11.27
N PRO C 319 10.35 -20.26 11.15
CA PRO C 319 9.24 -20.31 10.19
C PRO C 319 9.83 -20.51 8.80
N THR C 320 9.37 -21.55 8.10
CA THR C 320 10.06 -22.00 6.89
C THR C 320 9.09 -22.14 5.74
N VAL C 321 9.42 -21.54 4.59
CA VAL C 321 8.68 -21.79 3.34
C VAL C 321 9.61 -22.57 2.42
N PHE C 322 9.11 -23.68 1.86
CA PHE C 322 9.83 -24.44 0.85
C PHE C 322 9.29 -24.07 -0.52
N THR C 323 10.16 -23.62 -1.44
CA THR C 323 9.77 -23.43 -2.84
C THR C 323 10.37 -24.55 -3.69
N MET C 324 9.52 -25.19 -4.47
CA MET C 324 9.99 -26.28 -5.32
C MET C 324 10.80 -25.75 -6.51
N GLU C 325 11.99 -26.30 -6.71
CA GLU C 325 12.85 -25.93 -7.82
C GLU C 325 13.02 -27.12 -8.77
N GLY C 326 14.25 -27.63 -8.90
CA GLY C 326 14.55 -28.69 -9.86
C GLY C 326 14.39 -30.09 -9.31
N GLY C 327 14.87 -31.06 -10.10
CA GLY C 327 14.73 -32.49 -9.85
C GLY C 327 14.04 -33.17 -11.01
N TYR C 328 14.71 -34.07 -11.75
CA TYR C 328 14.22 -34.48 -13.06
C TYR C 328 14.15 -35.98 -13.27
N ASP C 329 14.36 -36.77 -12.23
CA ASP C 329 14.01 -38.19 -12.28
C ASP C 329 12.58 -38.29 -11.77
N VAL C 330 11.63 -38.41 -12.70
CA VAL C 330 10.24 -38.24 -12.32
C VAL C 330 9.71 -39.45 -11.56
N ASP C 331 10.32 -40.63 -11.73
CA ASP C 331 9.91 -41.79 -10.94
C ASP C 331 9.99 -41.50 -9.46
N ALA C 332 11.09 -40.87 -9.03
CA ALA C 332 11.37 -40.65 -7.62
C ALA C 332 11.13 -39.22 -7.16
N ILE C 333 10.75 -38.30 -8.04
CA ILE C 333 10.68 -36.89 -7.65
C ILE C 333 9.66 -36.69 -6.53
N GLY C 334 8.55 -37.43 -6.57
CA GLY C 334 7.55 -37.30 -5.52
C GLY C 334 8.02 -37.87 -4.19
N VAL C 335 8.57 -39.10 -4.24
CA VAL C 335 9.18 -39.69 -3.04
C VAL C 335 10.24 -38.76 -2.47
N ASN C 336 11.10 -38.22 -3.33
CA ASN C 336 12.20 -37.41 -2.84
C ASN C 336 11.71 -36.10 -2.23
N ALA C 337 10.82 -35.39 -2.92
CA ALA C 337 10.39 -34.08 -2.42
C ALA C 337 9.56 -34.23 -1.16
N VAL C 338 8.64 -35.18 -1.16
CA VAL C 338 7.77 -35.33 0.01
C VAL C 338 8.56 -35.88 1.19
N ASN C 339 9.60 -36.68 0.94
CA ASN C 339 10.50 -37.10 2.01
C ASN C 339 11.07 -35.90 2.76
N VAL C 340 11.40 -34.82 2.05
CA VAL C 340 11.91 -33.63 2.74
C VAL C 340 10.85 -33.08 3.69
N MET C 341 9.61 -32.95 3.21
CA MET C 341 8.54 -32.45 4.07
C MET C 341 8.29 -33.38 5.23
N GLN C 342 8.35 -34.69 4.99
CA GLN C 342 8.08 -35.65 6.06
C GLN C 342 9.21 -35.68 7.09
N GLY C 343 10.46 -35.62 6.63
CA GLY C 343 11.58 -35.53 7.57
C GLY C 343 11.53 -34.27 8.41
N PHE C 344 11.08 -33.16 7.80
CA PHE C 344 10.85 -31.94 8.55
C PHE C 344 9.79 -32.15 9.63
N GLU C 345 8.78 -32.98 9.34
CA GLU C 345 7.68 -33.18 10.26
C GLU C 345 7.93 -34.29 11.28
N GLY C 346 9.09 -34.95 11.24
CA GLY C 346 9.45 -35.94 12.23
C GLY C 346 9.64 -37.35 11.72
N LYS C 347 9.37 -37.64 10.44
CA LYS C 347 9.54 -38.99 9.91
C LYS C 347 11.02 -39.31 9.69
N SER C 348 11.39 -40.55 9.94
CA SER C 348 12.79 -40.98 9.77
C SER C 348 12.87 -42.29 8.99
N GLY D 4 -19.74 -3.58 -37.96
CA GLY D 4 -18.86 -3.88 -36.83
C GLY D 4 -18.91 -5.35 -36.40
N SER D 5 -17.95 -5.76 -35.58
CA SER D 5 -17.80 -7.14 -35.15
CA SER D 5 -17.85 -7.15 -35.14
C SER D 5 -17.52 -7.19 -33.66
N MET D 6 -18.08 -8.19 -32.97
CA MET D 6 -17.84 -8.37 -31.55
C MET D 6 -17.69 -9.86 -31.25
N LYS D 7 -16.71 -10.19 -30.43
CA LYS D 7 -16.49 -11.58 -30.04
C LYS D 7 -17.40 -11.94 -28.87
N THR D 8 -17.84 -13.20 -28.83
CA THR D 8 -18.66 -13.72 -27.75
C THR D 8 -17.95 -14.90 -27.09
N VAL D 9 -17.89 -14.89 -25.76
CA VAL D 9 -17.34 -16.00 -24.96
C VAL D 9 -18.50 -16.84 -24.47
N PHE D 10 -18.41 -18.15 -24.65
CA PHE D 10 -19.50 -19.06 -24.30
C PHE D 10 -18.89 -20.36 -23.81
N SER D 11 -19.46 -20.92 -22.74
CA SER D 11 -19.02 -22.19 -22.21
C SER D 11 -20.11 -23.24 -22.32
N PRO D 12 -19.83 -24.39 -22.90
CA PRO D 12 -20.80 -25.49 -22.87
C PRO D 12 -21.00 -26.08 -21.49
N LEU D 13 -20.15 -25.75 -20.51
CA LEU D 13 -20.34 -26.24 -19.16
C LEU D 13 -21.52 -25.61 -18.44
N HIS D 14 -22.10 -24.53 -18.98
CA HIS D 14 -23.34 -23.99 -18.42
C HIS D 14 -24.39 -25.08 -18.28
N SER D 15 -24.39 -26.05 -19.21
CA SER D 15 -25.40 -27.10 -19.14
C SER D 15 -25.20 -28.01 -17.94
N ARG D 16 -24.05 -27.95 -17.26
CA ARG D 16 -23.91 -28.70 -16.02
C ARG D 16 -24.88 -28.20 -14.94
N ARG D 17 -25.40 -26.97 -15.06
CA ARG D 17 -26.49 -26.51 -14.20
C ARG D 17 -27.79 -26.71 -14.97
N HIS D 18 -28.53 -27.75 -14.61
CA HIS D 18 -29.81 -28.08 -15.21
C HIS D 18 -30.76 -28.54 -14.11
N VAL D 19 -31.11 -27.63 -13.21
CA VAL D 19 -31.93 -28.04 -12.07
C VAL D 19 -33.36 -28.25 -12.52
N LYS D 20 -34.08 -29.08 -11.78
CA LYS D 20 -35.42 -29.50 -12.17
C LYS D 20 -36.52 -28.78 -11.41
N THR D 21 -36.21 -28.10 -10.30
CA THR D 21 -37.25 -27.47 -9.49
C THR D 21 -36.92 -26.03 -9.18
N GLU D 22 -37.96 -25.20 -9.14
CA GLU D 22 -37.88 -23.83 -8.66
C GLU D 22 -39.12 -23.54 -7.82
N LEU D 23 -38.92 -23.07 -6.60
CA LEU D 23 -40.05 -22.70 -5.75
C LEU D 23 -40.66 -21.42 -6.31
N ASP D 24 -41.95 -21.49 -6.65
CA ASP D 24 -42.63 -20.33 -7.24
C ASP D 24 -44.09 -20.38 -6.84
N GLY D 25 -44.58 -19.32 -6.20
CA GLY D 25 -45.98 -19.29 -5.81
C GLY D 25 -46.41 -20.49 -4.99
N GLY D 26 -45.51 -21.03 -4.17
CA GLY D 26 -45.86 -22.16 -3.31
C GLY D 26 -45.81 -23.51 -3.98
N LEU D 27 -45.27 -23.59 -5.19
CA LEU D 27 -45.17 -24.81 -5.96
C LEU D 27 -43.73 -24.99 -6.42
N LEU D 28 -43.33 -26.23 -6.66
CA LEU D 28 -42.06 -26.50 -7.32
C LEU D 28 -42.32 -26.64 -8.81
N ILE D 29 -41.86 -25.66 -9.60
CA ILE D 29 -42.15 -25.61 -11.02
C ILE D 29 -40.85 -25.81 -11.81
N GLU D 30 -41.00 -25.94 -13.12
CA GLU D 30 -39.85 -25.95 -14.02
C GLU D 30 -39.13 -24.60 -13.95
N PRO D 31 -37.80 -24.58 -13.76
CA PRO D 31 -37.09 -23.31 -13.55
C PRO D 31 -37.14 -22.38 -14.75
N HIS D 32 -37.23 -21.08 -14.46
CA HIS D 32 -37.17 -20.07 -15.50
C HIS D 32 -35.78 -19.95 -16.11
N GLU D 33 -34.73 -20.09 -15.29
CA GLU D 33 -33.37 -19.86 -15.75
C GLU D 33 -32.83 -21.18 -16.29
N LYS D 34 -33.25 -21.50 -17.51
CA LYS D 34 -33.06 -22.82 -18.08
C LYS D 34 -31.98 -22.81 -19.17
N PRO D 35 -31.34 -23.96 -19.44
CA PRO D 35 -30.20 -23.97 -20.39
C PRO D 35 -30.54 -23.46 -21.78
N SER D 36 -31.78 -23.64 -22.25
CA SER D 36 -32.14 -23.16 -23.59
C SER D 36 -32.02 -21.64 -23.73
N ARG D 37 -32.04 -20.90 -22.61
CA ARG D 37 -31.72 -19.48 -22.67
C ARG D 37 -30.37 -19.25 -23.33
N ALA D 38 -29.34 -19.92 -22.83
CA ALA D 38 -28.00 -19.66 -23.31
C ALA D 38 -27.80 -20.23 -24.72
N GLU D 39 -28.43 -21.37 -25.00
CA GLU D 39 -28.30 -21.97 -26.32
C GLU D 39 -29.01 -21.12 -27.38
N THR D 40 -30.16 -20.52 -27.02
CA THR D 40 -30.87 -19.70 -27.99
C THR D 40 -30.10 -18.44 -28.33
N ILE D 41 -29.46 -17.82 -27.34
CA ILE D 41 -28.65 -16.64 -27.62
C ILE D 41 -27.47 -17.02 -28.50
N LEU D 42 -26.80 -18.12 -28.16
CA LEU D 42 -25.63 -18.56 -28.92
C LEU D 42 -25.99 -18.84 -30.38
N ALA D 43 -27.15 -19.47 -30.59
CA ALA D 43 -27.62 -19.72 -31.95
C ALA D 43 -27.83 -18.42 -32.72
N ARG D 44 -28.36 -17.38 -32.07
CA ARG D 44 -28.56 -16.12 -32.78
C ARG D 44 -27.23 -15.41 -33.05
N VAL D 45 -26.28 -15.52 -32.11
CA VAL D 45 -24.93 -14.99 -32.34
C VAL D 45 -24.34 -15.60 -33.59
N LYS D 46 -24.50 -16.92 -33.73
CA LYS D 46 -23.96 -17.63 -34.88
C LYS D 46 -24.68 -17.22 -36.16
N ASP D 47 -26.01 -17.26 -36.13
CA ASP D 47 -26.81 -16.99 -37.32
C ASP D 47 -26.63 -15.57 -37.83
N GLN D 48 -26.40 -14.62 -36.93
CA GLN D 48 -26.16 -13.23 -37.34
C GLN D 48 -24.69 -12.94 -37.60
N ALA D 49 -23.81 -13.93 -37.42
CA ALA D 49 -22.38 -13.77 -37.64
C ALA D 49 -21.85 -12.53 -36.92
N LEU D 50 -22.23 -12.38 -35.66
CA LEU D 50 -21.81 -11.21 -34.89
C LEU D 50 -20.29 -11.11 -34.83
N GLY D 51 -19.62 -12.26 -34.72
CA GLY D 51 -18.18 -12.28 -34.56
C GLY D 51 -17.72 -13.67 -34.17
N GLU D 52 -16.44 -13.75 -33.78
CA GLU D 52 -15.89 -15.00 -33.31
C GLU D 52 -16.61 -15.45 -32.05
N ILE D 53 -16.84 -16.76 -31.93
CA ILE D 53 -17.28 -17.39 -30.69
C ILE D 53 -16.12 -18.20 -30.14
N LEU D 54 -15.84 -18.05 -28.85
CA LEU D 54 -14.76 -18.79 -28.21
C LEU D 54 -15.18 -19.26 -26.83
N GLU D 55 -14.54 -20.34 -26.38
CA GLU D 55 -14.74 -20.86 -25.03
C GLU D 55 -13.86 -20.08 -24.05
N PRO D 56 -14.24 -20.07 -22.77
CA PRO D 56 -13.48 -19.30 -21.80
C PRO D 56 -12.16 -19.97 -21.47
N GLU D 57 -11.20 -19.15 -21.05
CA GLU D 57 -10.00 -19.64 -20.41
C GLU D 57 -10.29 -19.88 -18.93
N GLU D 58 -9.58 -20.85 -18.33
CA GLU D 58 -9.70 -21.12 -16.90
C GLU D 58 -8.76 -20.20 -16.13
N PHE D 59 -9.32 -19.33 -15.28
CA PHE D 59 -8.49 -18.46 -14.46
C PHE D 59 -8.34 -18.94 -13.02
N GLY D 60 -9.02 -20.01 -12.65
CA GLY D 60 -9.03 -20.44 -11.25
C GLY D 60 -9.82 -19.49 -10.37
N LEU D 61 -9.84 -19.82 -9.07
CA LEU D 61 -10.70 -19.08 -8.14
C LEU D 61 -10.08 -17.79 -7.65
N GLY D 62 -8.82 -17.49 -8.00
CA GLY D 62 -8.17 -16.27 -7.59
C GLY D 62 -8.97 -15.00 -7.84
N PRO D 63 -9.37 -14.77 -9.09
CA PRO D 63 -10.12 -13.54 -9.41
C PRO D 63 -11.53 -13.56 -8.88
N VAL D 64 -12.09 -14.74 -8.64
CA VAL D 64 -13.40 -14.85 -8.01
C VAL D 64 -13.31 -14.42 -6.54
N LYS D 65 -12.25 -14.84 -5.84
CA LYS D 65 -12.07 -14.48 -4.45
C LYS D 65 -11.60 -13.04 -4.26
N ARG D 66 -11.36 -12.29 -5.34
CA ARG D 66 -11.23 -10.84 -5.21
C ARG D 66 -12.55 -10.17 -4.89
N VAL D 67 -13.66 -10.89 -5.05
CA VAL D 67 -15.00 -10.35 -4.83
C VAL D 67 -15.76 -11.14 -3.77
N HIS D 68 -15.66 -12.46 -3.80
CA HIS D 68 -16.43 -13.34 -2.95
C HIS D 68 -15.55 -13.90 -1.83
N THR D 69 -16.18 -14.18 -0.68
CA THR D 69 -15.41 -14.64 0.46
C THR D 69 -14.96 -16.08 0.26
N ALA D 70 -13.86 -16.41 0.93
CA ALA D 70 -13.33 -17.77 0.86
C ALA D 70 -14.33 -18.77 1.42
N ASP D 71 -15.00 -18.43 2.53
CA ASP D 71 -15.97 -19.34 3.12
C ASP D 71 -17.13 -19.62 2.16
N TYR D 72 -17.60 -18.58 1.46
CA TYR D 72 -18.70 -18.73 0.53
C TYR D 72 -18.30 -19.58 -0.67
N VAL D 73 -17.12 -19.33 -1.22
CA VAL D 73 -16.62 -20.12 -2.34
C VAL D 73 -16.53 -21.59 -1.94
N SER D 74 -16.02 -21.85 -0.74
CA SER D 74 -15.94 -23.23 -0.24
C SER D 74 -17.33 -23.85 -0.09
N PHE D 75 -18.28 -23.08 0.44
CA PHE D 75 -19.63 -23.59 0.63
C PHE D 75 -20.28 -23.99 -0.70
N LEU D 76 -20.11 -23.17 -1.75
CA LEU D 76 -20.74 -23.54 -3.02
C LEU D 76 -20.11 -24.82 -3.57
N GLU D 77 -18.83 -25.08 -3.29
CA GLU D 77 -18.21 -26.28 -3.81
C GLU D 77 -18.74 -27.54 -3.12
N THR D 78 -19.03 -27.47 -1.82
CA THR D 78 -19.40 -28.67 -1.05
C THR D 78 -20.89 -28.78 -0.77
N CYS D 79 -21.70 -27.75 -1.09
CA CYS D 79 -23.08 -27.73 -0.64
C CYS D 79 -23.85 -28.96 -1.08
N TRP D 80 -23.76 -29.30 -2.36
CA TRP D 80 -24.55 -30.43 -2.86
C TRP D 80 -24.12 -31.74 -2.21
N ASP D 81 -22.81 -31.98 -2.12
CA ASP D 81 -22.34 -33.19 -1.44
C ASP D 81 -22.85 -33.24 0.00
N GLU D 82 -22.78 -32.13 0.72
CA GLU D 82 -23.22 -32.12 2.11
C GLU D 82 -24.72 -32.35 2.21
N TRP D 83 -25.48 -31.74 1.30
CA TRP D 83 -26.92 -31.94 1.24
C TRP D 83 -27.27 -33.42 1.08
N VAL D 84 -26.66 -34.07 0.10
CA VAL D 84 -26.93 -35.49 -0.12
C VAL D 84 -26.48 -36.30 1.09
N ALA D 85 -25.32 -35.97 1.65
CA ALA D 85 -24.80 -36.73 2.78
C ALA D 85 -25.72 -36.63 4.00
N ALA D 86 -26.40 -35.50 4.16
CA ALA D 86 -27.36 -35.33 5.25
C ALA D 86 -28.67 -36.05 4.99
N GLY D 87 -28.85 -36.68 3.82
CA GLY D 87 -30.04 -37.46 3.57
C GLY D 87 -31.20 -36.75 2.88
N LYS D 88 -31.05 -35.49 2.52
CA LYS D 88 -32.14 -34.79 1.84
C LYS D 88 -32.37 -35.41 0.46
N ARG D 89 -33.64 -35.46 0.04
CA ARG D 89 -34.01 -36.17 -1.18
C ARG D 89 -34.32 -35.25 -2.36
N GLY D 90 -34.58 -33.97 -2.13
CA GLY D 90 -34.81 -33.03 -3.20
C GLY D 90 -33.53 -32.34 -3.60
N GLU D 91 -33.67 -31.34 -4.49
CA GLU D 91 -32.54 -30.46 -4.76
C GLU D 91 -32.31 -29.57 -3.54
N ALA D 92 -31.16 -28.90 -3.48
CA ALA D 92 -30.80 -28.16 -2.29
C ALA D 92 -31.49 -26.81 -2.34
N ILE D 93 -32.41 -26.57 -1.40
CA ILE D 93 -33.21 -25.37 -1.29
C ILE D 93 -33.19 -24.92 0.17
N PRO D 94 -32.91 -23.65 0.47
CA PRO D 94 -32.96 -23.22 1.88
C PRO D 94 -34.38 -23.31 2.42
N THR D 95 -34.49 -23.76 3.68
CA THR D 95 -35.75 -23.83 4.40
C THR D 95 -35.84 -22.79 5.53
N PHE D 96 -34.71 -22.40 6.09
CA PHE D 96 -34.63 -21.46 7.21
C PHE D 96 -33.55 -20.43 6.94
N TRP D 97 -33.71 -19.23 7.50
CA TRP D 97 -32.70 -18.19 7.29
C TRP D 97 -32.60 -17.31 8.52
N VAL D 98 -31.72 -16.31 8.44
CA VAL D 98 -31.57 -15.34 9.52
C VAL D 98 -32.72 -14.34 9.43
N GLY D 99 -33.78 -14.62 10.18
CA GLY D 99 -34.89 -13.68 10.22
C GLY D 99 -34.55 -12.44 11.03
N ARG D 100 -35.35 -11.40 10.84
CA ARG D 100 -35.14 -10.18 11.61
C ARG D 100 -35.19 -10.49 13.10
N GLY D 101 -34.16 -10.03 13.83
CA GLY D 101 -34.03 -10.32 15.25
C GLY D 101 -33.12 -11.49 15.58
N MET D 102 -32.70 -12.27 14.58
CA MET D 102 -31.82 -13.40 14.79
C MET D 102 -30.38 -12.99 14.50
N ARG D 103 -29.43 -13.86 14.86
CA ARG D 103 -28.02 -13.53 14.74
C ARG D 103 -27.47 -13.91 13.37
N ALA D 104 -26.66 -13.02 12.79
CA ALA D 104 -25.90 -13.33 11.57
C ALA D 104 -24.66 -14.17 11.95
N ARG D 105 -24.93 -15.42 12.32
CA ARG D 105 -23.92 -16.33 12.87
C ARG D 105 -23.95 -17.62 12.08
N LEU D 106 -22.79 -18.02 11.57
CA LEU D 106 -22.71 -19.21 10.73
C LEU D 106 -22.86 -20.48 11.56
N PRO D 107 -23.84 -21.36 11.26
CA PRO D 107 -23.98 -22.61 12.04
C PRO D 107 -23.28 -23.78 11.38
N LYS D 108 -23.32 -24.96 12.00
CA LYS D 108 -22.65 -26.13 11.44
C LYS D 108 -23.53 -26.90 10.46
N ASP D 109 -24.82 -27.02 10.76
CA ASP D 109 -25.68 -27.85 9.92
C ASP D 109 -25.85 -27.27 8.51
N ILE D 110 -25.97 -28.16 7.53
CA ILE D 110 -26.10 -27.73 6.13
C ILE D 110 -27.35 -26.88 5.91
N ASP D 111 -28.47 -27.21 6.57
CA ASP D 111 -29.63 -26.33 6.40
C ASP D 111 -29.33 -24.93 6.90
N GLY D 112 -28.65 -24.83 8.04
CA GLY D 112 -28.30 -23.51 8.55
C GLY D 112 -27.31 -22.78 7.65
N ARG D 113 -26.33 -23.52 7.11
CA ARG D 113 -25.38 -22.90 6.18
C ARG D 113 -26.11 -22.39 4.93
N LEU D 114 -27.01 -23.20 4.37
CA LEU D 114 -27.77 -22.80 3.19
C LEU D 114 -28.51 -21.49 3.42
N GLY D 115 -29.19 -21.39 4.56
CA GLY D 115 -29.90 -20.16 4.86
C GLY D 115 -28.96 -18.98 5.09
N TYR D 116 -27.87 -19.21 5.81
CA TYR D 116 -26.92 -18.13 6.08
C TYR D 116 -26.43 -17.48 4.78
N TYR D 117 -26.19 -18.30 3.77
CA TYR D 117 -25.58 -17.85 2.53
C TYR D 117 -26.59 -17.50 1.42
N SER D 118 -27.89 -17.41 1.73
CA SER D 118 -28.86 -17.16 0.66
C SER D 118 -29.79 -16.00 0.97
N LEU D 119 -30.43 -15.51 -0.08
CA LEU D 119 -31.44 -14.48 0.04
C LEU D 119 -32.76 -14.92 -0.57
N GLY D 120 -32.85 -16.12 -1.12
CA GLY D 120 -34.13 -16.61 -1.65
C GLY D 120 -34.09 -18.10 -1.80
N ALA D 121 -35.28 -18.69 -2.04
CA ALA D 121 -35.46 -20.13 -2.10
C ALA D 121 -35.79 -20.61 -3.51
N ASP D 122 -35.67 -19.74 -4.51
CA ASP D 122 -36.01 -20.09 -5.88
C ASP D 122 -34.79 -20.48 -6.70
N THR D 123 -33.65 -20.67 -6.06
CA THR D 123 -32.38 -20.93 -6.75
C THR D 123 -31.82 -22.27 -6.26
N SER D 124 -32.44 -23.36 -6.71
CA SER D 124 -32.02 -24.68 -6.24
C SER D 124 -30.58 -24.94 -6.65
N ILE D 125 -29.88 -25.70 -5.81
CA ILE D 125 -28.52 -26.15 -6.08
C ILE D 125 -28.58 -27.65 -6.28
N SER D 126 -27.85 -28.14 -7.29
CA SER D 126 -27.73 -29.58 -7.46
C SER D 126 -26.36 -29.88 -8.06
N ASP D 127 -26.17 -31.11 -8.48
CA ASP D 127 -24.88 -31.50 -9.01
C ASP D 127 -24.58 -30.71 -10.28
N GLY D 128 -23.34 -30.24 -10.40
CA GLY D 128 -22.95 -29.43 -11.53
C GLY D 128 -23.15 -27.95 -11.35
N THR D 129 -23.83 -27.50 -10.29
CA THR D 129 -24.01 -26.06 -10.10
C THR D 129 -22.67 -25.38 -9.87
N TRP D 130 -21.82 -25.98 -9.05
CA TRP D 130 -20.49 -25.44 -8.79
C TRP D 130 -19.71 -25.26 -10.09
N GLU D 131 -19.71 -26.29 -10.93
CA GLU D 131 -18.91 -26.24 -12.16
C GLU D 131 -19.47 -25.21 -13.13
N ALA D 132 -20.80 -25.10 -13.20
CA ALA D 132 -21.41 -24.11 -14.10
C ALA D 132 -21.10 -22.70 -13.63
N ALA D 133 -21.20 -22.44 -12.32
CA ALA D 133 -20.90 -21.10 -11.81
C ALA D 133 -19.45 -20.74 -12.07
N ARG D 134 -18.53 -21.68 -11.84
CA ARG D 134 -17.12 -21.46 -12.13
C ARG D 134 -16.90 -21.11 -13.61
N ALA D 135 -17.52 -21.88 -14.51
CA ALA D 135 -17.35 -21.61 -15.94
C ALA D 135 -17.92 -20.25 -16.32
N SER D 136 -19.06 -19.88 -15.74
CA SER D 136 -19.69 -18.60 -16.06
C SER D 136 -18.81 -17.43 -15.64
N ALA D 137 -18.17 -17.54 -14.47
CA ALA D 137 -17.22 -16.52 -14.07
C ALA D 137 -16.06 -16.42 -15.06
N ASN D 138 -15.54 -17.56 -15.50
CA ASN D 138 -14.45 -17.55 -16.47
C ASN D 138 -14.89 -16.93 -17.80
N VAL D 139 -16.16 -17.13 -18.16
CA VAL D 139 -16.71 -16.47 -19.35
C VAL D 139 -16.58 -14.96 -19.23
N ALA D 140 -17.02 -14.41 -18.10
CA ALA D 140 -16.88 -12.97 -17.89
C ALA D 140 -15.41 -12.56 -17.89
N LEU D 141 -14.56 -13.34 -17.22
CA LEU D 141 -13.14 -12.99 -17.13
C LEU D 141 -12.45 -13.06 -18.49
N THR D 142 -12.84 -14.02 -19.35
CA THR D 142 -12.26 -14.08 -20.68
C THR D 142 -12.66 -12.88 -21.52
N ALA D 143 -13.94 -12.48 -21.43
CA ALA D 143 -14.39 -11.28 -22.12
C ALA D 143 -13.65 -10.05 -21.62
N GLN D 144 -13.44 -9.93 -20.32
CA GLN D 144 -12.65 -8.81 -19.81
C GLN D 144 -11.25 -8.81 -20.40
N LYS D 145 -10.65 -10.01 -20.53
CA LYS D 145 -9.31 -10.08 -21.08
C LYS D 145 -9.26 -9.62 -22.52
N LEU D 146 -10.23 -10.05 -23.34
CA LEU D 146 -10.27 -9.63 -24.74
C LEU D 146 -10.31 -8.11 -24.85
N VAL D 147 -11.09 -7.45 -23.99
CA VAL D 147 -11.19 -6.00 -24.03
C VAL D 147 -9.90 -5.36 -23.52
N ALA D 148 -9.34 -5.91 -22.45
CA ALA D 148 -8.09 -5.39 -21.93
C ALA D 148 -6.95 -5.56 -22.92
N GLU D 149 -7.02 -6.55 -23.80
CA GLU D 149 -5.98 -6.79 -24.78
C GLU D 149 -6.28 -6.16 -26.13
N GLY D 150 -7.37 -5.40 -26.27
CA GLY D 150 -7.53 -4.61 -27.48
C GLY D 150 -8.90 -4.50 -28.12
N GLU D 151 -9.81 -5.40 -27.79
CA GLU D 151 -11.16 -5.29 -28.30
C GLU D 151 -11.85 -4.09 -27.67
N ARG D 152 -12.65 -3.38 -28.46
CA ARG D 152 -13.48 -2.32 -27.90
C ARG D 152 -14.51 -2.90 -26.92
N ALA D 153 -15.09 -4.04 -27.26
CA ALA D 153 -16.15 -4.63 -26.48
C ALA D 153 -16.15 -6.15 -26.66
N ALA D 154 -16.75 -6.85 -25.70
CA ALA D 154 -16.92 -8.29 -25.81
C ALA D 154 -18.15 -8.69 -25.03
N PHE D 155 -18.79 -9.78 -25.48
CA PHE D 155 -20.05 -10.29 -24.93
C PHE D 155 -19.77 -11.57 -24.18
N ALA D 156 -19.86 -11.50 -22.85
CA ALA D 156 -19.74 -12.68 -21.99
C ALA D 156 -21.12 -13.33 -21.86
N LEU D 157 -21.30 -14.47 -22.53
CA LEU D 157 -22.60 -15.13 -22.56
C LEU D 157 -22.69 -16.04 -21.33
N CYS D 158 -22.85 -15.37 -20.18
CA CYS D 158 -22.83 -16.03 -18.88
C CYS D 158 -24.13 -16.76 -18.60
N ARG D 159 -24.03 -18.01 -18.16
CA ARG D 159 -25.12 -18.72 -17.49
C ARG D 159 -24.50 -19.70 -16.50
N PRO D 160 -24.82 -19.62 -15.20
CA PRO D 160 -25.84 -18.75 -14.59
C PRO D 160 -25.47 -17.27 -14.55
N PRO D 161 -26.50 -16.41 -14.40
CA PRO D 161 -26.26 -14.97 -14.22
C PRO D 161 -25.63 -14.63 -12.87
N GLY D 162 -25.35 -13.36 -12.62
CA GLY D 162 -24.55 -13.03 -11.45
C GLY D 162 -24.96 -11.85 -10.61
N HIS D 163 -25.77 -10.93 -11.14
CA HIS D 163 -25.77 -9.60 -10.52
C HIS D 163 -26.47 -9.57 -9.17
N HIS D 164 -27.20 -10.62 -8.79
CA HIS D 164 -27.81 -10.63 -7.47
C HIS D 164 -26.90 -11.19 -6.38
N ALA D 165 -25.75 -11.74 -6.74
CA ALA D 165 -24.89 -12.38 -5.75
C ALA D 165 -24.07 -11.34 -4.99
N HIS D 166 -24.17 -11.38 -3.66
CA HIS D 166 -23.29 -10.58 -2.81
C HIS D 166 -21.95 -11.30 -2.64
N ALA D 167 -21.03 -10.68 -1.89
CA ALA D 167 -19.74 -11.30 -1.60
C ALA D 167 -19.90 -12.70 -1.00
N ASP D 168 -20.96 -12.92 -0.19
CA ASP D 168 -21.20 -14.24 0.38
C ASP D 168 -22.69 -14.53 0.50
N VAL D 169 -23.48 -14.14 -0.50
CA VAL D 169 -24.90 -14.47 -0.55
C VAL D 169 -25.27 -14.80 -1.99
N PHE D 170 -25.97 -15.93 -2.20
CA PHE D 170 -26.50 -16.33 -3.49
C PHE D 170 -28.02 -16.19 -3.51
N GLY D 171 -28.55 -16.11 -4.72
CA GLY D 171 -29.99 -16.03 -4.90
C GLY D 171 -30.31 -15.32 -6.20
N GLY D 172 -31.61 -15.24 -6.48
CA GLY D 172 -32.04 -14.68 -7.77
C GLY D 172 -31.37 -15.34 -8.95
N TYR D 173 -31.15 -16.65 -8.87
CA TYR D 173 -30.53 -17.49 -9.89
C TYR D 173 -29.04 -17.27 -10.03
N CYS D 174 -28.41 -16.54 -9.10
CA CYS D 174 -27.03 -16.08 -9.22
C CYS D 174 -26.15 -16.66 -8.13
N PHE D 175 -24.89 -16.95 -8.47
CA PHE D 175 -23.95 -17.53 -7.51
C PHE D 175 -22.65 -16.73 -7.42
N PHE D 176 -21.99 -16.50 -8.56
CA PHE D 176 -20.82 -15.64 -8.64
C PHE D 176 -21.20 -14.37 -9.39
N ASN D 177 -20.82 -13.20 -8.86
CA ASN D 177 -21.22 -11.95 -9.52
C ASN D 177 -20.26 -11.67 -10.67
N ASN D 178 -20.62 -12.21 -11.85
CA ASN D 178 -19.76 -12.12 -13.02
C ASN D 178 -19.38 -10.69 -13.34
N ALA D 179 -20.35 -9.78 -13.30
CA ALA D 179 -20.07 -8.39 -13.61
C ALA D 179 -19.08 -7.80 -12.62
N ALA D 180 -19.30 -8.04 -11.32
CA ALA D 180 -18.39 -7.52 -10.31
C ALA D 180 -17.00 -8.10 -10.47
N ILE D 181 -16.91 -9.38 -10.79
CA ILE D 181 -15.62 -10.04 -10.99
C ILE D 181 -14.88 -9.42 -12.16
N ALA D 182 -15.59 -9.14 -13.25
CA ALA D 182 -14.97 -8.46 -14.39
C ALA D 182 -14.58 -7.02 -14.03
N ALA D 183 -15.42 -6.33 -13.26
CA ALA D 183 -15.09 -4.97 -12.86
C ALA D 183 -13.83 -4.94 -11.99
N GLN D 184 -13.74 -5.86 -11.02
CA GLN D 184 -12.56 -5.91 -10.17
C GLN D 184 -11.33 -6.32 -10.96
N ALA D 185 -11.51 -7.12 -12.01
CA ALA D 185 -10.38 -7.52 -12.83
C ALA D 185 -9.79 -6.30 -13.55
N PHE D 186 -10.66 -5.44 -14.08
CA PHE D 186 -10.19 -4.18 -14.67
C PHE D 186 -9.40 -3.37 -13.65
N ARG D 187 -9.95 -3.24 -12.43
CA ARG D 187 -9.27 -2.47 -11.39
C ARG D 187 -7.92 -3.11 -11.05
N ASP D 188 -7.88 -4.44 -10.93
CA ASP D 188 -6.64 -5.11 -10.55
C ASP D 188 -5.58 -4.99 -11.64
N GLN D 189 -6.01 -4.81 -12.89
CA GLN D 189 -5.10 -4.64 -14.03
C GLN D 189 -4.75 -3.18 -14.29
N GLY D 190 -5.13 -2.26 -13.43
CA GLY D 190 -4.67 -0.89 -13.50
C GLY D 190 -5.64 0.10 -14.11
N TYR D 191 -6.87 -0.30 -14.39
CA TYR D 191 -7.91 0.64 -14.79
C TYR D 191 -8.36 1.40 -13.55
N GLY D 192 -8.10 2.71 -13.51
CA GLY D 192 -8.33 3.46 -12.28
C GLY D 192 -9.79 3.47 -11.85
N LYS D 193 -10.70 3.67 -12.79
CA LYS D 193 -12.12 3.78 -12.48
C LYS D 193 -12.91 2.85 -13.39
N VAL D 194 -13.94 2.20 -12.84
CA VAL D 194 -14.79 1.31 -13.62
C VAL D 194 -16.24 1.65 -13.27
N ALA D 195 -17.10 1.63 -14.27
CA ALA D 195 -18.54 1.78 -14.05
C ALA D 195 -19.23 0.46 -14.40
N VAL D 196 -20.20 0.08 -13.58
CA VAL D 196 -21.02 -1.09 -13.86
C VAL D 196 -22.45 -0.61 -14.02
N LEU D 197 -22.99 -0.77 -15.23
CA LEU D 197 -24.33 -0.30 -15.57
C LEU D 197 -25.24 -1.50 -15.75
N ASP D 198 -26.24 -1.61 -14.86
CA ASP D 198 -27.15 -2.76 -14.80
C ASP D 198 -28.46 -2.42 -15.49
N VAL D 199 -28.70 -2.97 -16.69
CA VAL D 199 -29.94 -2.71 -17.43
C VAL D 199 -30.89 -3.90 -17.42
N ASP D 200 -30.54 -4.99 -16.74
CA ASP D 200 -31.49 -6.05 -16.43
C ASP D 200 -32.68 -5.45 -15.69
N PHE D 201 -33.86 -6.05 -15.88
CA PHE D 201 -35.08 -5.54 -15.26
C PHE D 201 -34.99 -5.47 -13.74
N HIS D 202 -34.23 -6.36 -13.11
CA HIS D 202 -34.11 -6.41 -11.67
C HIS D 202 -32.90 -5.61 -11.18
N HIS D 203 -32.99 -5.13 -9.93
CA HIS D 203 -31.87 -4.45 -9.31
C HIS D 203 -30.65 -5.37 -9.17
N GLY D 204 -29.48 -4.87 -9.53
CA GLY D 204 -28.25 -5.59 -9.25
C GLY D 204 -27.77 -5.38 -7.83
N ASN D 205 -28.51 -5.94 -6.86
CA ASN D 205 -28.19 -5.69 -5.46
C ASN D 205 -26.84 -6.26 -5.06
N GLY D 206 -26.46 -7.39 -5.64
CA GLY D 206 -25.15 -7.96 -5.34
C GLY D 206 -24.04 -7.01 -5.73
N THR D 207 -24.14 -6.45 -6.94
CA THR D 207 -23.11 -5.53 -7.41
C THR D 207 -23.08 -4.25 -6.58
N GLN D 208 -24.25 -3.70 -6.27
CA GLN D 208 -24.34 -2.57 -5.37
C GLN D 208 -23.65 -2.86 -4.05
N ALA D 209 -23.94 -4.01 -3.44
CA ALA D 209 -23.39 -4.31 -2.13
C ALA D 209 -21.88 -4.47 -2.18
N ILE D 210 -21.37 -5.10 -3.23
CA ILE D 210 -19.94 -5.42 -3.30
C ILE D 210 -19.11 -4.13 -3.33
N PHE D 211 -19.58 -3.10 -4.04
CA PHE D 211 -18.78 -1.89 -4.16
C PHE D 211 -19.35 -0.72 -3.36
N TYR D 212 -20.20 -0.99 -2.37
CA TYR D 212 -21.04 0.08 -1.81
C TYR D 212 -20.22 1.16 -1.09
N ASP D 213 -19.14 0.79 -0.42
CA ASP D 213 -18.33 1.76 0.30
C ASP D 213 -17.12 2.24 -0.48
N ARG D 214 -17.15 2.07 -1.80
CA ARG D 214 -16.01 2.38 -2.67
C ARG D 214 -16.38 3.42 -3.71
N SER D 215 -15.43 4.29 -4.03
CA SER D 215 -15.62 5.30 -5.06
C SER D 215 -14.88 4.99 -6.36
N ASP D 216 -14.13 3.89 -6.43
CA ASP D 216 -13.40 3.55 -7.64
C ASP D 216 -14.25 2.77 -8.64
N VAL D 217 -15.39 2.24 -8.21
CA VAL D 217 -16.32 1.51 -9.07
C VAL D 217 -17.70 2.14 -8.88
N LEU D 218 -18.18 2.84 -9.90
CA LEU D 218 -19.50 3.44 -9.87
C LEU D 218 -20.52 2.39 -10.29
N THR D 219 -21.51 2.12 -9.45
CA THR D 219 -22.54 1.13 -9.74
C THR D 219 -23.86 1.84 -10.01
N ILE D 220 -24.47 1.53 -11.17
CA ILE D 220 -25.76 2.11 -11.54
C ILE D 220 -26.68 0.99 -11.98
N SER D 221 -27.94 1.04 -11.53
CA SER D 221 -28.94 0.07 -11.96
C SER D 221 -30.25 0.77 -12.29
N LEU D 222 -30.84 0.39 -13.42
CA LEU D 222 -32.24 0.68 -13.76
C LEU D 222 -33.04 -0.58 -13.50
N HIS D 223 -34.20 -0.45 -12.86
CA HIS D 223 -34.94 -1.67 -12.54
C HIS D 223 -36.38 -1.35 -12.15
N GLY D 224 -37.21 -2.40 -12.17
CA GLY D 224 -38.53 -2.31 -11.57
C GLY D 224 -38.48 -2.00 -10.09
N ASP D 225 -39.48 -1.24 -9.64
CA ASP D 225 -39.62 -0.80 -8.26
C ASP D 225 -39.52 -1.98 -7.29
N PRO D 226 -38.51 -2.00 -6.41
CA PRO D 226 -38.40 -3.10 -5.42
C PRO D 226 -39.55 -3.17 -4.43
N ASP D 227 -40.29 -2.08 -4.23
CA ASP D 227 -41.55 -2.21 -3.49
C ASP D 227 -42.44 -3.28 -4.08
N LEU D 228 -42.32 -3.52 -5.38
CA LEU D 228 -43.21 -4.41 -6.11
C LEU D 228 -42.57 -5.72 -6.56
N VAL D 229 -41.25 -5.76 -6.78
CA VAL D 229 -40.62 -6.95 -7.34
C VAL D 229 -39.29 -7.24 -6.66
N PHE D 230 -38.84 -8.48 -6.85
CA PHE D 230 -37.51 -8.92 -6.45
C PHE D 230 -36.46 -7.89 -6.88
N PRO D 231 -35.47 -7.57 -6.02
CA PRO D 231 -35.15 -8.21 -4.74
C PRO D 231 -35.80 -7.60 -3.49
N HIS D 232 -36.72 -6.64 -3.66
CA HIS D 232 -37.59 -6.11 -2.61
C HIS D 232 -36.91 -5.30 -1.50
N PHE D 233 -35.71 -5.70 -1.08
CA PHE D 233 -35.09 -5.13 0.12
C PHE D 233 -33.83 -4.35 -0.18
N LEU D 234 -33.53 -4.15 -1.46
CA LEU D 234 -32.51 -3.23 -1.94
C LEU D 234 -33.00 -2.72 -3.28
N GLY D 235 -32.39 -1.63 -3.74
CA GLY D 235 -32.69 -1.08 -5.05
C GLY D 235 -33.43 0.25 -5.02
N PHE D 236 -33.65 0.82 -3.84
CA PHE D 236 -34.40 2.06 -3.76
C PHE D 236 -33.50 3.25 -4.07
N GLU D 237 -34.12 4.35 -4.50
CA GLU D 237 -33.37 5.47 -5.03
C GLU D 237 -32.60 6.23 -3.96
N ASP D 238 -32.92 6.01 -2.68
CA ASP D 238 -32.19 6.68 -1.61
C ASP D 238 -30.91 5.93 -1.20
N GLU D 239 -30.60 4.81 -1.84
CA GLU D 239 -29.36 4.07 -1.60
C GLU D 239 -28.28 4.64 -2.52
N THR D 240 -27.46 5.54 -1.98
CA THR D 240 -26.49 6.24 -2.83
C THR D 240 -25.05 5.92 -2.50
N GLY D 241 -24.80 4.91 -1.68
CA GLY D 241 -23.46 4.59 -1.23
C GLY D 241 -23.25 4.94 0.23
N GLU D 242 -22.09 4.54 0.74
CA GLU D 242 -21.73 4.81 2.12
C GLU D 242 -20.24 5.12 2.21
N GLY D 243 -19.89 5.98 3.16
CA GLY D 243 -18.49 6.32 3.39
C GLY D 243 -17.88 6.92 2.13
N ASP D 244 -16.70 6.41 1.76
CA ASP D 244 -16.08 6.87 0.52
C ASP D 244 -16.96 6.60 -0.68
N GLY D 245 -17.89 5.65 -0.58
CA GLY D 245 -18.78 5.32 -1.66
C GLY D 245 -20.00 6.21 -1.78
N GLU D 246 -20.14 7.20 -0.91
CA GLU D 246 -21.27 8.11 -0.99
C GLU D 246 -21.27 8.80 -2.34
N ALA D 247 -22.39 8.71 -3.05
CA ALA D 247 -22.64 9.26 -4.38
C ALA D 247 -22.05 8.41 -5.50
N TYR D 248 -21.57 7.20 -5.23
CA TYR D 248 -21.07 6.33 -6.28
C TYR D 248 -21.93 5.07 -6.44
N ASN D 249 -23.18 5.15 -6.02
CA ASN D 249 -24.21 4.18 -6.40
C ASN D 249 -25.46 4.93 -6.80
N LEU D 250 -26.10 4.50 -7.90
CA LEU D 250 -27.29 5.18 -8.41
C LEU D 250 -28.34 4.16 -8.82
N ASN D 251 -29.47 4.16 -8.12
CA ASN D 251 -30.62 3.34 -8.47
C ASN D 251 -31.69 4.20 -9.14
N ILE D 252 -32.21 3.70 -10.25
CA ILE D 252 -33.27 4.36 -11.00
C ILE D 252 -34.44 3.39 -11.17
N VAL D 253 -35.57 3.75 -10.57
CA VAL D 253 -36.72 2.86 -10.39
C VAL D 253 -37.84 3.26 -11.34
N PHE D 254 -38.54 2.27 -11.90
CA PHE D 254 -39.70 2.46 -12.76
C PHE D 254 -40.89 1.61 -12.32
N PRO D 255 -42.10 2.08 -12.57
CA PRO D 255 -43.31 1.32 -12.18
C PRO D 255 -43.71 0.33 -13.25
N PRO D 256 -44.78 -0.45 -13.01
CA PRO D 256 -45.27 -1.38 -14.05
C PRO D 256 -45.64 -0.66 -15.34
N ASP D 257 -45.52 -1.41 -16.44
CA ASP D 257 -45.88 -1.02 -17.81
C ASP D 257 -44.95 0.01 -18.42
N THR D 258 -43.81 0.28 -17.80
CA THR D 258 -42.89 1.30 -18.29
C THR D 258 -42.38 0.94 -19.69
N PRO D 259 -42.54 1.84 -20.69
CA PRO D 259 -42.01 1.58 -22.03
C PRO D 259 -40.63 2.19 -22.24
N PHE D 260 -40.03 1.90 -23.40
CA PHE D 260 -38.70 2.42 -23.70
C PHE D 260 -38.66 3.94 -23.67
N SER D 261 -39.74 4.61 -24.11
CA SER D 261 -39.72 6.07 -24.18
C SER D 261 -39.50 6.68 -22.79
N ILE D 262 -39.89 5.97 -21.74
CA ILE D 262 -39.65 6.43 -20.38
C ILE D 262 -38.37 5.83 -19.82
N TRP D 263 -38.18 4.53 -20.02
CA TRP D 263 -36.98 3.85 -19.54
C TRP D 263 -35.72 4.50 -20.09
N SER D 264 -35.74 4.90 -21.37
CA SER D 264 -34.57 5.54 -21.96
C SER D 264 -34.27 6.89 -21.33
N GLN D 265 -35.24 7.56 -20.72
CA GLN D 265 -34.95 8.77 -19.96
C GLN D 265 -34.05 8.45 -18.76
N GLY D 266 -34.33 7.37 -18.04
CA GLY D 266 -33.45 6.96 -16.97
C GLY D 266 -32.08 6.52 -17.49
N LEU D 267 -32.06 5.82 -18.62
CA LEU D 267 -30.80 5.43 -19.23
C LEU D 267 -29.95 6.67 -19.52
N GLU D 268 -30.59 7.75 -19.95
CA GLU D 268 -29.84 8.98 -20.21
C GLU D 268 -29.27 9.57 -18.92
N LYS D 269 -30.04 9.50 -17.84
CA LYS D 269 -29.51 9.96 -16.55
C LYS D 269 -28.32 9.11 -16.13
N ALA D 270 -28.39 7.80 -16.37
CA ALA D 270 -27.26 6.92 -16.04
C ALA D 270 -26.05 7.26 -16.91
N CYS D 271 -26.25 7.49 -18.20
CA CYS D 271 -25.13 7.86 -19.08
C CYS D 271 -24.49 9.17 -18.65
N GLU D 272 -25.31 10.15 -18.27
CA GLU D 272 -24.76 11.43 -17.82
C GLU D 272 -23.95 11.26 -16.55
N ARG D 273 -24.41 10.40 -15.63
CA ARG D 273 -23.63 10.10 -14.44
C ARG D 273 -22.30 9.44 -14.81
N ILE D 274 -22.33 8.55 -15.80
CA ILE D 274 -21.11 7.89 -16.24
C ILE D 274 -20.14 8.91 -16.83
N ARG D 275 -20.68 9.86 -17.60
CA ARG D 275 -19.84 10.86 -18.28
C ARG D 275 -19.03 11.66 -17.27
N THR D 276 -19.67 12.09 -16.18
CA THR D 276 -18.94 12.89 -15.19
C THR D 276 -17.98 12.03 -14.38
N PHE D 277 -18.37 10.80 -14.08
CA PHE D 277 -17.47 9.87 -13.39
C PHE D 277 -16.20 9.62 -14.20
N ALA D 278 -16.34 9.55 -15.53
CA ALA D 278 -15.24 9.37 -16.48
C ALA D 278 -14.49 8.07 -16.21
N PRO D 279 -15.13 6.92 -16.32
CA PRO D 279 -14.44 5.66 -16.02
C PRO D 279 -13.47 5.28 -17.13
N ASP D 280 -12.57 4.37 -16.79
CA ASP D 280 -11.67 3.82 -17.79
C ASP D 280 -12.22 2.56 -18.44
N ALA D 281 -13.23 1.94 -17.86
CA ALA D 281 -13.84 0.74 -18.43
C ALA D 281 -15.28 0.67 -17.96
N LEU D 282 -16.10 0.00 -18.76
CA LEU D 282 -17.52 -0.15 -18.48
C LEU D 282 -17.90 -1.61 -18.51
N VAL D 283 -18.66 -2.06 -17.51
CA VAL D 283 -19.27 -3.37 -17.52
C VAL D 283 -20.77 -3.16 -17.59
N VAL D 284 -21.42 -3.76 -18.57
CA VAL D 284 -22.87 -3.69 -18.70
C VAL D 284 -23.43 -5.04 -18.29
N ALA D 285 -24.13 -5.06 -17.15
CA ALA D 285 -24.90 -6.24 -16.76
C ALA D 285 -26.19 -6.22 -17.55
N LEU D 286 -26.25 -7.06 -18.58
CA LEU D 286 -27.33 -7.01 -19.57
C LEU D 286 -28.35 -8.10 -19.27
N GLY D 287 -29.55 -7.69 -18.89
CA GLY D 287 -30.72 -8.56 -18.91
C GLY D 287 -31.68 -8.06 -19.98
N VAL D 288 -32.30 -8.98 -20.70
CA VAL D 288 -33.36 -8.63 -21.61
C VAL D 288 -34.73 -9.01 -21.05
N ASP D 289 -34.84 -9.10 -19.73
CA ASP D 289 -36.14 -9.29 -19.11
C ASP D 289 -36.90 -7.97 -18.97
N THR D 290 -36.37 -6.89 -19.52
CA THR D 290 -37.14 -5.66 -19.71
C THR D 290 -38.11 -5.78 -20.88
N PHE D 291 -38.11 -6.93 -21.55
CA PHE D 291 -38.87 -7.15 -22.77
C PHE D 291 -40.37 -7.24 -22.50
N GLU D 292 -41.17 -6.76 -23.48
CA GLU D 292 -42.61 -6.67 -23.30
C GLU D 292 -43.29 -8.02 -23.14
N GLU D 293 -42.66 -9.12 -23.55
CA GLU D 293 -43.22 -10.44 -23.35
C GLU D 293 -42.53 -11.22 -22.24
N ASP D 294 -41.71 -10.58 -21.42
CA ASP D 294 -40.97 -11.35 -20.42
C ASP D 294 -41.95 -11.93 -19.41
N PRO D 295 -41.82 -13.22 -19.05
CA PRO D 295 -42.83 -13.86 -18.20
C PRO D 295 -42.83 -13.40 -16.76
N ILE D 296 -41.75 -12.83 -16.25
CA ILE D 296 -41.71 -12.53 -14.83
C ILE D 296 -41.47 -11.04 -14.55
N SER D 297 -41.64 -10.18 -15.55
CA SER D 297 -41.26 -8.78 -15.42
C SER D 297 -42.35 -7.90 -16.00
N PHE D 298 -42.24 -6.57 -15.79
CA PHE D 298 -43.35 -5.72 -16.20
C PHE D 298 -42.92 -4.44 -16.95
N PHE D 299 -41.81 -4.47 -17.70
CA PHE D 299 -41.52 -3.38 -18.63
C PHE D 299 -42.00 -3.74 -20.02
N LYS D 300 -41.94 -2.78 -20.94
CA LYS D 300 -42.56 -2.98 -22.24
C LYS D 300 -41.61 -2.62 -23.38
N LEU D 301 -40.34 -2.99 -23.28
CA LEU D 301 -39.44 -2.76 -24.40
C LEU D 301 -39.75 -3.75 -25.53
N THR D 302 -39.59 -3.28 -26.76
CA THR D 302 -39.71 -4.13 -27.93
C THR D 302 -38.33 -4.62 -28.33
N SER D 303 -38.30 -5.61 -29.23
CA SER D 303 -37.02 -6.12 -29.71
C SER D 303 -36.20 -5.03 -30.37
N GLY D 304 -36.85 -4.14 -31.14
CA GLY D 304 -36.11 -3.08 -31.79
C GLY D 304 -35.51 -2.08 -30.83
N ASP D 305 -36.05 -1.98 -29.62
CA ASP D 305 -35.49 -1.06 -28.65
C ASP D 305 -34.11 -1.50 -28.19
N TYR D 306 -33.83 -2.80 -28.27
CA TYR D 306 -32.51 -3.29 -27.89
C TYR D 306 -31.44 -2.84 -28.87
N LEU D 307 -31.80 -2.69 -30.15
CA LEU D 307 -30.88 -2.06 -31.10
C LEU D 307 -30.57 -0.64 -30.66
N LYS D 308 -31.58 0.08 -30.18
CA LYS D 308 -31.37 1.45 -29.73
C LYS D 308 -30.55 1.48 -28.47
N LEU D 309 -30.76 0.50 -27.59
CA LEU D 309 -29.94 0.43 -26.38
C LEU D 309 -28.48 0.20 -26.73
N GLY D 310 -28.21 -0.74 -27.64
CA GLY D 310 -26.83 -0.98 -28.02
C GLY D 310 -26.16 0.27 -28.56
N LYS D 311 -26.87 1.01 -29.40
CA LYS D 311 -26.32 2.23 -29.99
C LYS D 311 -25.97 3.25 -28.92
N ARG D 312 -26.87 3.46 -27.95
CA ARG D 312 -26.60 4.45 -26.91
C ARG D 312 -25.39 4.05 -26.07
N LEU D 313 -25.23 2.76 -25.81
CA LEU D 313 -24.10 2.32 -25.00
C LEU D 313 -22.77 2.53 -25.73
N GLU D 314 -22.75 2.31 -27.04
CA GLU D 314 -21.52 2.54 -27.80
C GLU D 314 -21.12 4.01 -27.73
N GLN D 315 -22.11 4.90 -27.71
CA GLN D 315 -21.85 6.34 -27.72
C GLN D 315 -21.21 6.82 -26.44
N LEU D 316 -21.16 6.00 -25.39
CA LEU D 316 -20.36 6.33 -24.21
C LEU D 316 -18.88 6.31 -24.52
N GLY D 317 -18.47 5.64 -25.60
CA GLY D 317 -17.08 5.64 -26.04
C GLY D 317 -16.12 4.92 -25.12
N LEU D 318 -16.56 3.86 -24.44
CA LEU D 318 -15.77 3.20 -23.41
C LEU D 318 -15.46 1.75 -23.77
N PRO D 319 -14.33 1.21 -23.29
CA PRO D 319 -14.15 -0.25 -23.36
C PRO D 319 -15.25 -0.92 -22.55
N THR D 320 -15.93 -1.88 -23.16
CA THR D 320 -17.19 -2.39 -22.62
C THR D 320 -17.22 -3.92 -22.60
N VAL D 321 -17.49 -4.50 -21.43
CA VAL D 321 -17.80 -5.92 -21.29
C VAL D 321 -19.27 -6.06 -20.96
N PHE D 322 -19.99 -6.87 -21.75
CA PHE D 322 -21.38 -7.24 -21.48
C PHE D 322 -21.40 -8.58 -20.79
N THR D 323 -22.01 -8.66 -19.60
CA THR D 323 -22.30 -9.93 -18.95
C THR D 323 -23.79 -10.21 -19.05
N MET D 324 -24.13 -11.41 -19.49
CA MET D 324 -25.53 -11.79 -19.65
C MET D 324 -26.16 -12.06 -18.28
N GLU D 325 -27.29 -11.41 -18.03
CA GLU D 325 -28.00 -11.65 -16.79
C GLU D 325 -29.30 -12.38 -17.11
N GLY D 326 -30.46 -11.76 -16.87
CA GLY D 326 -31.74 -12.42 -17.06
C GLY D 326 -32.37 -12.17 -18.42
N GLY D 327 -33.64 -12.60 -18.54
CA GLY D 327 -34.40 -12.61 -19.79
C GLY D 327 -34.98 -13.98 -20.03
N TYR D 328 -36.31 -14.11 -19.98
CA TYR D 328 -36.95 -15.42 -19.81
C TYR D 328 -37.98 -15.77 -20.87
N ASP D 329 -38.23 -14.89 -21.85
CA ASP D 329 -38.98 -15.28 -23.04
C ASP D 329 -37.97 -15.89 -24.01
N VAL D 330 -37.90 -17.21 -24.04
CA VAL D 330 -36.83 -17.84 -24.79
CA VAL D 330 -36.83 -17.86 -24.79
C VAL D 330 -37.03 -17.66 -26.29
N ASP D 331 -38.28 -17.51 -26.74
CA ASP D 331 -38.51 -17.27 -28.18
C ASP D 331 -37.69 -16.08 -28.67
N ALA D 332 -37.65 -14.99 -27.89
CA ALA D 332 -37.04 -13.75 -28.34
C ALA D 332 -35.70 -13.46 -27.66
N ILE D 333 -35.25 -14.31 -26.74
CA ILE D 333 -34.07 -13.94 -25.94
C ILE D 333 -32.83 -13.77 -26.83
N GLY D 334 -32.70 -14.62 -27.86
CA GLY D 334 -31.56 -14.49 -28.76
C GLY D 334 -31.64 -13.22 -29.58
N VAL D 335 -32.80 -12.96 -30.20
CA VAL D 335 -32.98 -11.73 -30.96
C VAL D 335 -32.69 -10.52 -30.08
N ASN D 336 -33.21 -10.53 -28.85
CA ASN D 336 -33.12 -9.34 -28.02
C ASN D 336 -31.68 -9.08 -27.57
N ALA D 337 -30.99 -10.11 -27.08
CA ALA D 337 -29.64 -9.89 -26.58
C ALA D 337 -28.68 -9.55 -27.72
N VAL D 338 -28.80 -10.24 -28.84
CA VAL D 338 -27.88 -9.97 -29.94
C VAL D 338 -28.20 -8.61 -30.56
N ASN D 339 -29.48 -8.19 -30.51
CA ASN D 339 -29.82 -6.84 -30.96
C ASN D 339 -29.04 -5.78 -30.20
N VAL D 340 -28.73 -6.05 -28.92
CA VAL D 340 -27.90 -5.10 -28.20
C VAL D 340 -26.50 -5.06 -28.77
N MET D 341 -25.93 -6.23 -29.06
CA MET D 341 -24.57 -6.27 -29.58
C MET D 341 -24.50 -5.67 -30.98
N GLN D 342 -25.53 -5.91 -31.80
CA GLN D 342 -25.52 -5.38 -33.16
C GLN D 342 -25.74 -3.88 -33.16
N GLY D 343 -26.65 -3.39 -32.32
CA GLY D 343 -26.80 -1.95 -32.18
C GLY D 343 -25.52 -1.29 -31.70
N PHE D 344 -24.80 -1.96 -30.80
CA PHE D 344 -23.49 -1.47 -30.38
C PHE D 344 -22.53 -1.40 -31.57
N GLU D 345 -22.65 -2.33 -32.51
CA GLU D 345 -21.76 -2.43 -33.66
C GLU D 345 -22.24 -1.64 -34.87
N GLY D 346 -23.38 -0.96 -34.79
CA GLY D 346 -23.83 -0.08 -35.87
C GLY D 346 -25.14 -0.46 -36.54
N LYS D 347 -25.78 -1.56 -36.19
CA LYS D 347 -27.06 -1.90 -36.79
C LYS D 347 -28.16 -1.01 -36.23
N SER D 348 -29.20 -0.79 -37.03
CA SER D 348 -30.36 -0.02 -36.61
C SER D 348 -31.64 -0.59 -37.20
#